data_4ISY
#
_entry.id   4ISY
#
_cell.length_a   66.814
_cell.length_b   78.131
_cell.length_c   92.774
_cell.angle_alpha   94.54
_cell.angle_beta   104.71
_cell.angle_gamma   98.57
#
_symmetry.space_group_name_H-M   'P 1'
#
loop_
_entity.id
_entity.type
_entity.pdbx_description
1 polymer 'Cysteine desulfurase'
2 non-polymer GLYCEROL
3 non-polymer 'SULFATE ION'
4 water water
#
_entity_poly.entity_id   1
_entity_poly.type   'polypeptide(L)'
_entity_poly.pdbx_seq_one_letter_code
;MRGSHHHHHHGSAYLDHAATTPMHPAAIEAMAAVQRTIGNASSLHTSGRSARRRIEEARELIADKLGARPSEVIFTAGGT
ESDNLAVKGIYWARRDAEPHRRRIVTTEVEHHAVLDSVNWLVEHEGAHVTWLPTAADGSVSATALREALQSHDDVALVSV
MWANNEVGTILPIAEMSVVAMEFGVPMHSDAIQAVGQLPLDFGASGLSAMSVAGH(LLP)FGGPPGVGALLLRRDVTCVP
LMHGGGQERDIRSGTPDVASAVGMATAAQIAVDGLEENSARLRLLRDRLVEGVLAEIDDVCLNGADDPMRLAGNAHFTFR
GCEGDALLMLLDANGIECSTGSACTAGVAQPSHVLIAMGVDAASARGSLRLSLGHTSVEADVDAALEVLPGAVARARRAA
LAAAGASR
;
_entity_poly.pdbx_strand_id   A,B,C,D
#
# COMPACT_ATOMS: atom_id res chain seq x y z
N SER A 12 12.62 5.54 9.88
CA SER A 12 12.79 6.92 9.29
C SER A 12 14.15 7.50 9.53
N ALA A 13 14.71 8.18 8.53
CA ALA A 13 15.81 9.04 8.80
C ALA A 13 15.17 10.32 9.31
N TYR A 14 15.25 10.52 10.62
CA TYR A 14 14.78 11.76 11.21
C TYR A 14 15.78 12.92 11.20
N LEU A 15 15.50 13.94 10.40
CA LEU A 15 16.36 15.13 10.31
C LEU A 15 15.54 16.41 10.61
N ASP A 16 14.68 16.31 11.61
CA ASP A 16 13.86 17.45 11.98
C ASP A 16 14.10 17.81 13.46
N HIS A 17 15.31 17.50 13.95
CA HIS A 17 15.69 17.78 15.35
C HIS A 17 15.45 19.18 15.87
N ALA A 18 15.46 20.19 14.99
CA ALA A 18 15.23 21.58 15.41
C ALA A 18 13.76 21.85 15.68
N ALA A 19 12.89 20.96 15.20
CA ALA A 19 11.46 21.11 15.48
C ALA A 19 11.15 20.40 16.79
N THR A 20 11.81 19.27 17.04
CA THR A 20 11.82 18.60 18.36
C THR A 20 12.86 17.51 18.30
N THR A 21 13.38 17.07 19.45
CA THR A 21 14.39 16.02 19.45
C THR A 21 13.92 14.93 20.39
N PRO A 22 14.30 13.65 20.18
CA PRO A 22 13.75 12.55 21.02
C PRO A 22 14.02 12.72 22.51
N MET A 23 13.02 12.42 23.32
CA MET A 23 13.18 12.64 24.73
C MET A 23 14.18 11.62 25.26
N HIS A 24 15.10 12.04 26.14
CA HIS A 24 16.09 11.12 26.67
C HIS A 24 15.44 10.01 27.49
N PRO A 25 15.70 8.73 27.15
CA PRO A 25 15.06 7.63 27.91
C PRO A 25 15.15 7.86 29.41
N ALA A 26 16.30 8.31 29.88
CA ALA A 26 16.41 8.46 31.30
C ALA A 26 15.40 9.52 31.87
N ALA A 27 15.18 10.60 31.10
CA ALA A 27 14.20 11.62 31.49
C ALA A 27 12.79 11.06 31.49
N ILE A 28 12.42 10.20 30.53
CA ILE A 28 11.11 9.53 30.60
C ILE A 28 10.99 8.78 31.92
N GLU A 29 12.04 8.06 32.27
CA GLU A 29 12.09 7.27 33.47
C GLU A 29 11.98 8.12 34.73
N ALA A 30 12.73 9.23 34.81
CA ALA A 30 12.75 10.02 36.04
C ALA A 30 11.36 10.64 36.28
N MET A 31 10.73 10.98 35.16
CA MET A 31 9.46 11.61 35.16
C MET A 31 8.35 10.60 35.52
N ALA A 32 8.43 9.37 35.02
CA ALA A 32 7.37 8.42 35.38
C ALA A 32 7.41 8.13 36.88
N ALA A 33 8.63 8.17 37.45
CA ALA A 33 8.81 7.85 38.86
C ALA A 33 8.20 8.96 39.74
N VAL A 34 8.33 10.23 39.33
CA VAL A 34 7.67 11.29 40.07
C VAL A 34 6.17 11.10 39.99
N GLN A 35 5.67 10.70 38.82
CA GLN A 35 4.24 10.57 38.58
C GLN A 35 3.55 9.51 39.43
N ARG A 36 4.35 8.64 40.03
CA ARG A 36 3.86 7.52 40.80
C ARG A 36 3.73 7.90 42.25
N THR A 37 4.42 8.95 42.68
CA THR A 37 4.26 9.46 44.04
C THR A 37 3.11 10.50 44.03
N ILE A 38 2.40 10.63 45.16
CA ILE A 38 1.37 11.66 45.29
C ILE A 38 1.95 12.84 46.02
N GLY A 39 1.60 14.04 45.57
CA GLY A 39 1.85 15.20 46.37
C GLY A 39 1.89 16.49 45.60
N ASN A 40 1.24 17.46 46.16
CA ASN A 40 1.35 18.78 45.67
C ASN A 40 2.48 19.52 46.35
N ALA A 41 3.47 19.96 45.59
CA ALA A 41 4.54 20.74 46.19
C ALA A 41 4.10 21.99 46.97
N SER A 42 2.84 22.41 46.88
CA SER A 42 2.37 23.62 47.61
C SER A 42 1.82 23.22 48.96
N SER A 43 1.60 21.92 49.17
CA SER A 43 0.93 21.39 50.37
C SER A 43 1.85 21.23 51.57
N LEU A 44 1.28 21.32 52.77
CA LEU A 44 2.08 21.44 54.00
C LEU A 44 2.50 20.12 54.61
N HIS A 45 1.83 19.04 54.21
CA HIS A 45 2.01 17.74 54.82
C HIS A 45 3.24 17.08 54.23
N THR A 46 3.48 15.84 54.63
CA THR A 46 4.68 15.09 54.29
C THR A 46 4.77 14.90 52.77
N SER A 47 3.67 14.56 52.13
CA SER A 47 3.74 14.34 50.67
C SER A 47 4.09 15.64 49.98
N GLY A 48 3.57 16.74 50.53
CA GLY A 48 3.77 18.07 49.99
C GLY A 48 5.22 18.46 50.04
N ARG A 49 5.84 18.24 51.20
CA ARG A 49 7.23 18.70 51.42
C ARG A 49 8.22 17.81 50.64
N SER A 50 7.85 16.56 50.42
CA SER A 50 8.61 15.75 49.49
C SER A 50 8.60 16.31 48.07
N ALA A 51 7.41 16.51 47.51
CA ALA A 51 7.28 17.01 46.16
C ALA A 51 8.09 18.30 46.13
N ARG A 52 7.84 19.18 47.09
CA ARG A 52 8.57 20.43 47.17
C ARG A 52 10.08 20.20 47.05
N ARG A 53 10.64 19.33 47.88
CA ARG A 53 12.06 19.05 47.77
C ARG A 53 12.48 18.45 46.42
N ARG A 54 11.68 17.57 45.83
CA ARG A 54 12.03 17.18 44.46
C ARG A 54 12.01 18.38 43.48
N ILE A 55 10.97 19.23 43.51
CA ILE A 55 11.01 20.35 42.57
C ILE A 55 12.20 21.30 42.82
N GLU A 56 12.51 21.55 44.08
CA GLU A 56 13.72 22.36 44.39
C GLU A 56 15.06 21.73 43.91
N GLU A 57 15.22 20.42 43.99
CA GLU A 57 16.43 19.84 43.42
C GLU A 57 16.46 19.96 41.92
N ALA A 58 15.31 19.89 41.25
CA ALA A 58 15.35 19.98 39.79
C ALA A 58 15.79 21.41 39.43
N ARG A 59 15.25 22.38 40.16
CA ARG A 59 15.51 23.78 39.89
C ARG A 59 16.99 24.09 40.01
N GLU A 60 17.65 23.46 40.97
CA GLU A 60 19.07 23.68 41.25
C GLU A 60 19.94 23.03 40.20
N LEU A 61 19.58 21.82 39.80
CA LEU A 61 20.31 21.14 38.75
C LEU A 61 20.21 21.98 37.48
N ILE A 62 19.00 22.40 37.10
CA ILE A 62 18.82 23.27 35.96
C ILE A 62 19.71 24.51 36.05
N ALA A 63 19.59 25.30 37.13
CA ALA A 63 20.42 26.55 37.31
C ALA A 63 21.93 26.30 37.21
N ASP A 64 22.38 25.25 37.88
CA ASP A 64 23.74 24.79 37.75
C ASP A 64 24.15 24.68 36.26
N LYS A 65 23.38 23.92 35.50
CA LYS A 65 23.74 23.63 34.13
C LYS A 65 23.59 24.80 33.16
N LEU A 66 22.86 25.83 33.58
CA LEU A 66 22.70 27.01 32.75
C LEU A 66 23.46 28.20 33.28
N GLY A 67 24.35 27.97 34.24
CA GLY A 67 25.12 29.09 34.83
C GLY A 67 24.23 30.13 35.52
N ALA A 68 23.13 29.67 36.13
CA ALA A 68 22.29 30.59 36.89
C ALA A 68 22.23 30.29 38.37
N ARG A 69 21.56 31.15 39.10
CA ARG A 69 21.27 30.77 40.48
C ARG A 69 19.88 30.16 40.60
N PRO A 70 19.71 29.19 41.50
CA PRO A 70 18.42 28.50 41.52
C PRO A 70 17.20 29.43 41.52
N SER A 71 17.27 30.57 42.23
CA SER A 71 16.11 31.42 42.35
C SER A 71 15.80 32.14 41.05
N GLU A 72 16.72 32.05 40.11
CA GLU A 72 16.58 32.72 38.80
C GLU A 72 15.63 31.96 37.84
N VAL A 73 15.41 30.69 38.14
CA VAL A 73 14.63 29.78 37.30
C VAL A 73 13.15 29.83 37.67
N ILE A 74 12.36 30.27 36.69
CA ILE A 74 10.91 30.31 36.71
C ILE A 74 10.44 29.28 35.69
N PHE A 75 9.86 28.16 36.16
CA PHE A 75 9.31 27.13 35.26
C PHE A 75 8.10 27.59 34.49
N THR A 76 8.04 27.16 33.25
CA THR A 76 6.90 27.46 32.41
C THR A 76 6.47 26.18 31.74
N ALA A 77 5.41 26.25 30.97
CA ALA A 77 4.94 25.10 30.22
C ALA A 77 5.48 25.11 28.78
N GLY A 78 6.65 25.73 28.56
CA GLY A 78 7.42 25.61 27.32
C GLY A 78 8.03 26.88 26.81
N GLY A 79 8.69 26.77 25.66
CA GLY A 79 9.42 27.91 25.12
C GLY A 79 8.51 29.08 24.88
N THR A 80 7.37 28.78 24.25
CA THR A 80 6.43 29.82 23.85
C THR A 80 5.97 30.62 25.06
N GLU A 81 5.60 29.91 26.14
CA GLU A 81 5.21 30.59 27.37
C GLU A 81 6.32 31.53 27.91
N SER A 82 7.54 31.02 27.89
CA SER A 82 8.68 31.72 28.45
C SER A 82 8.96 33.00 27.71
N ASP A 83 8.82 32.94 26.39
CA ASP A 83 9.08 34.08 25.54
C ASP A 83 7.97 35.11 25.73
N ASN A 84 6.74 34.65 25.85
CA ASN A 84 5.64 35.59 26.10
C ASN A 84 5.85 36.31 27.42
N LEU A 85 6.30 35.58 28.43
CA LEU A 85 6.44 36.11 29.76
C LEU A 85 7.52 37.20 29.80
N ALA A 86 8.72 36.86 29.33
CA ALA A 86 9.77 37.85 29.21
C ALA A 86 9.28 39.10 28.48
N VAL A 87 8.75 38.93 27.27
CA VAL A 87 8.57 40.05 26.40
C VAL A 87 7.46 40.91 26.94
N LYS A 88 6.34 40.29 27.31
CA LYS A 88 5.17 41.07 27.69
C LYS A 88 5.34 41.51 29.12
N GLY A 89 5.78 40.60 29.97
CA GLY A 89 6.00 40.85 31.35
C GLY A 89 6.93 42.03 31.58
N ILE A 90 8.06 42.05 30.87
CA ILE A 90 9.05 43.07 31.15
C ILE A 90 8.61 44.39 30.53
N TYR A 91 8.04 44.28 29.32
CA TYR A 91 7.49 45.44 28.66
C TYR A 91 6.59 46.13 29.65
N TRP A 92 5.59 45.41 30.12
CA TRP A 92 4.68 45.97 31.10
C TRP A 92 5.36 46.60 32.30
N ALA A 93 6.20 45.82 32.99
CA ALA A 93 6.84 46.34 34.18
C ALA A 93 7.56 47.65 33.84
N ARG A 94 8.19 47.69 32.68
CA ARG A 94 8.94 48.90 32.35
C ARG A 94 8.02 50.05 31.99
N ARG A 95 6.94 49.74 31.27
CA ARG A 95 6.03 50.78 30.82
C ARG A 95 5.29 51.29 32.01
N ASP A 96 4.91 50.40 32.89
CA ASP A 96 4.10 50.82 34.04
C ASP A 96 4.82 51.78 34.97
N ALA A 97 6.10 51.53 35.23
CA ALA A 97 6.92 52.42 36.04
C ALA A 97 7.30 53.72 35.32
N GLU A 98 7.49 53.70 34.00
CA GLU A 98 7.85 54.94 33.27
C GLU A 98 7.18 55.02 31.93
N PRO A 99 6.01 55.66 31.87
CA PRO A 99 5.18 55.42 30.68
C PRO A 99 5.78 55.91 29.37
N HIS A 100 6.81 56.76 29.47
CA HIS A 100 7.64 57.09 28.31
C HIS A 100 8.28 55.87 27.68
N ARG A 101 8.68 54.89 28.49
CA ARG A 101 9.45 53.73 28.01
C ARG A 101 8.58 52.69 27.27
N ARG A 102 8.39 52.85 25.95
CA ARG A 102 7.44 52.02 25.19
C ARG A 102 8.03 51.27 23.99
N ARG A 103 9.35 51.36 23.81
CA ARG A 103 9.98 50.88 22.60
C ARG A 103 10.60 49.53 22.83
N ILE A 104 10.32 48.59 21.94
CA ILE A 104 11.00 47.32 21.97
C ILE A 104 12.02 47.24 20.87
N VAL A 105 13.25 46.95 21.24
CA VAL A 105 14.26 46.71 20.24
C VAL A 105 14.50 45.21 20.14
N THR A 106 14.38 44.71 18.90
CA THR A 106 14.45 43.29 18.63
C THR A 106 14.84 43.03 17.20
N THR A 107 15.14 41.77 16.87
CA THR A 107 15.64 41.43 15.53
C THR A 107 14.51 41.04 14.63
N GLU A 108 14.80 41.01 13.34
CA GLU A 108 13.80 40.57 12.37
C GLU A 108 13.74 39.04 12.25
N VAL A 109 14.72 38.33 12.80
CA VAL A 109 14.79 36.89 12.59
C VAL A 109 14.25 36.06 13.76
N GLU A 110 13.51 36.71 14.66
CA GLU A 110 12.97 36.06 15.86
C GLU A 110 11.95 34.93 15.58
N HIS A 111 11.83 34.03 16.53
CA HIS A 111 10.79 33.04 16.47
C HIS A 111 9.44 33.74 16.67
N HIS A 112 8.39 33.19 16.07
CA HIS A 112 7.08 33.85 16.12
C HIS A 112 6.66 34.18 17.53
N ALA A 113 7.05 33.28 18.43
CA ALA A 113 6.80 33.38 19.85
C ALA A 113 7.20 34.75 20.35
N VAL A 114 8.36 35.27 19.90
CA VAL A 114 8.72 36.68 20.15
C VAL A 114 7.99 37.69 19.20
N LEU A 115 8.13 37.49 17.87
CA LEU A 115 7.63 38.47 16.93
C LEU A 115 6.16 38.74 17.17
N ASP A 116 5.37 37.69 17.37
CA ASP A 116 3.94 37.84 17.54
C ASP A 116 3.63 38.49 18.87
N SER A 117 4.49 38.26 19.84
CA SER A 117 4.33 38.92 21.11
C SER A 117 4.55 40.41 20.87
N VAL A 118 5.65 40.73 20.19
CA VAL A 118 5.94 42.11 19.92
C VAL A 118 4.77 42.78 19.15
N ASN A 119 4.37 42.21 18.00
CA ASN A 119 3.31 42.81 17.14
C ASN A 119 2.07 43.04 17.95
N TRP A 120 1.83 42.15 18.93
CA TRP A 120 0.62 42.30 19.73
C TRP A 120 0.67 43.47 20.70
N LEU A 121 1.80 43.63 21.37
CA LEU A 121 2.05 44.79 22.21
C LEU A 121 1.98 46.05 21.39
N VAL A 122 2.40 45.96 20.15
CA VAL A 122 2.27 47.12 19.28
C VAL A 122 0.78 47.42 19.04
N GLU A 123 -0.02 46.43 18.60
CA GLU A 123 -1.42 46.68 18.26
C GLU A 123 -2.29 46.90 19.46
N HIS A 124 -1.93 46.29 20.56
CA HIS A 124 -2.82 46.27 21.72
C HIS A 124 -2.35 47.14 22.85
N GLU A 125 -1.05 47.37 22.95
CA GLU A 125 -0.49 47.97 24.14
C GLU A 125 0.32 49.24 23.93
N GLY A 126 0.14 49.91 22.80
CA GLY A 126 0.82 51.17 22.54
C GLY A 126 2.33 51.05 22.46
N ALA A 127 2.84 49.85 22.18
CA ALA A 127 4.25 49.64 21.99
C ALA A 127 4.75 50.22 20.65
N HIS A 128 6.06 50.46 20.53
CA HIS A 128 6.69 50.83 19.25
C HIS A 128 7.84 49.89 19.12
N VAL A 129 8.23 49.60 17.89
CA VAL A 129 9.32 48.70 17.69
C VAL A 129 10.35 49.23 16.72
N THR A 130 11.60 49.00 17.05
CA THR A 130 12.72 49.23 16.18
C THR A 130 13.29 47.84 15.81
N TRP A 131 13.33 47.55 14.53
CA TRP A 131 13.92 46.33 14.02
C TRP A 131 15.40 46.55 13.78
N LEU A 132 16.25 45.81 14.46
CA LEU A 132 17.68 45.81 14.13
C LEU A 132 17.85 45.24 12.73
N PRO A 133 18.70 45.89 11.93
CA PRO A 133 19.08 45.39 10.60
C PRO A 133 19.75 44.03 10.66
N THR A 134 19.50 43.19 9.63
CA THR A 134 20.02 41.82 9.52
C THR A 134 21.02 41.70 8.39
N ALA A 135 22.15 41.07 8.65
CA ALA A 135 23.13 40.74 7.61
C ALA A 135 22.64 39.55 6.76
N ALA A 136 23.23 39.35 5.59
CA ALA A 136 22.83 38.29 4.65
C ALA A 136 23.08 36.91 5.28
N ASP A 137 24.09 36.86 6.12
CA ASP A 137 24.33 35.87 7.16
C ASP A 137 23.08 35.40 7.92
N GLY A 138 22.19 36.35 8.15
CA GLY A 138 21.18 36.17 9.16
C GLY A 138 21.59 36.70 10.52
N SER A 139 22.75 37.33 10.63
CA SER A 139 23.17 37.85 11.94
C SER A 139 22.78 39.30 12.20
N VAL A 140 22.94 39.69 13.44
CA VAL A 140 22.77 41.07 13.88
C VAL A 140 24.04 41.41 14.66
N SER A 141 24.43 42.66 14.66
CA SER A 141 25.68 43.00 15.37
C SER A 141 25.46 43.91 16.57
N ALA A 142 26.42 43.78 17.50
CA ALA A 142 26.47 44.58 18.71
C ALA A 142 26.40 46.09 18.40
N THR A 143 27.01 46.48 17.29
CA THR A 143 27.06 47.89 16.94
C THR A 143 25.68 48.40 16.59
N ALA A 144 24.96 47.62 15.78
CA ALA A 144 23.66 48.06 15.31
C ALA A 144 22.78 48.28 16.52
N LEU A 145 23.00 47.45 17.56
CA LEU A 145 22.26 47.61 18.80
C LEU A 145 22.61 48.93 19.48
N ARG A 146 23.90 49.19 19.62
CA ARG A 146 24.33 50.43 20.19
C ARG A 146 23.75 51.64 19.47
N GLU A 147 23.72 51.57 18.15
CA GLU A 147 23.20 52.67 17.38
C GLU A 147 21.70 52.91 17.61
N ALA A 148 20.90 51.85 17.73
CA ALA A 148 19.48 52.07 17.97
C ALA A 148 19.23 52.46 19.42
N LEU A 149 20.06 51.95 20.35
CA LEU A 149 20.00 52.40 21.74
C LEU A 149 20.36 53.89 21.97
N GLN A 150 21.43 54.39 21.33
CA GLN A 150 21.86 55.80 21.52
C GLN A 150 20.84 56.79 21.01
N SER A 151 20.20 56.47 19.88
CA SER A 151 19.29 57.40 19.21
C SER A 151 17.84 57.29 19.69
N HIS A 152 17.61 56.59 20.81
CA HIS A 152 16.26 56.38 21.31
C HIS A 152 16.32 56.44 22.80
N ASP A 153 15.53 57.33 23.40
CA ASP A 153 15.50 57.52 24.87
C ASP A 153 14.33 56.78 25.53
N ASP A 154 13.63 55.96 24.76
CA ASP A 154 12.35 55.40 25.16
C ASP A 154 12.34 53.87 25.06
N VAL A 155 13.53 53.26 25.24
CA VAL A 155 13.65 51.82 25.15
C VAL A 155 13.12 51.12 26.42
N ALA A 156 12.03 50.38 26.25
CA ALA A 156 11.47 49.53 27.28
C ALA A 156 12.38 48.32 27.51
N LEU A 157 12.66 47.56 26.44
CA LEU A 157 13.47 46.35 26.61
C LEU A 157 14.10 45.91 25.30
N VAL A 158 15.00 44.95 25.38
CA VAL A 158 15.63 44.34 24.19
C VAL A 158 15.47 42.79 24.17
N SER A 159 15.27 42.24 22.98
CA SER A 159 15.10 40.80 22.83
C SER A 159 15.80 40.40 21.58
N VAL A 160 16.72 39.47 21.73
CA VAL A 160 17.52 39.01 20.63
C VAL A 160 17.80 37.55 20.79
N MET A 161 17.56 36.76 19.77
CA MET A 161 17.68 35.33 19.96
C MET A 161 19.14 34.88 19.92
N TRP A 162 19.47 33.81 20.63
CA TRP A 162 20.86 33.37 20.73
C TRP A 162 21.39 32.63 19.50
N ALA A 163 20.60 31.66 19.03
CA ALA A 163 20.81 30.97 17.76
C ALA A 163 19.45 30.92 17.02
N ASN A 164 19.44 31.24 15.74
CA ASN A 164 18.26 31.09 14.89
C ASN A 164 17.86 29.62 14.61
N ASN A 165 16.58 29.34 14.60
CA ASN A 165 16.08 27.99 14.53
C ASN A 165 15.89 27.50 13.12
N GLU A 166 15.92 28.41 12.16
CA GLU A 166 15.77 28.03 10.77
C GLU A 166 17.13 27.93 10.17
N VAL A 167 17.94 29.00 10.26
CA VAL A 167 19.22 28.97 9.54
C VAL A 167 20.45 28.73 10.38
N GLY A 168 20.32 28.67 11.70
CA GLY A 168 21.41 28.25 12.61
C GLY A 168 22.46 29.27 13.04
N THR A 169 22.32 30.49 12.57
CA THR A 169 23.22 31.57 12.91
C THR A 169 23.24 31.85 14.40
N ILE A 170 24.41 31.69 15.00
CA ILE A 170 24.64 32.13 16.33
C ILE A 170 24.80 33.67 16.39
N LEU A 171 24.18 34.33 17.36
CA LEU A 171 24.32 35.79 17.52
C LEU A 171 25.29 36.21 18.63
N PRO A 172 25.83 37.45 18.55
CA PRO A 172 26.83 37.93 19.54
C PRO A 172 26.22 38.47 20.88
N ILE A 173 25.58 37.57 21.64
CA ILE A 173 24.75 37.94 22.79
C ILE A 173 25.58 38.51 23.93
N ALA A 174 26.68 37.81 24.25
CA ALA A 174 27.59 38.24 25.30
C ALA A 174 27.89 39.70 25.08
N GLU A 175 28.37 40.06 23.90
CA GLU A 175 28.78 41.44 23.75
C GLU A 175 27.60 42.36 23.52
N MET A 176 26.44 41.82 23.13
CA MET A 176 25.28 42.70 22.99
C MET A 176 24.76 43.04 24.37
N SER A 177 25.09 42.18 25.32
CA SER A 177 24.55 42.27 26.63
C SER A 177 25.24 43.39 27.36
N VAL A 178 26.59 43.37 27.33
CA VAL A 178 27.37 44.48 27.85
C VAL A 178 26.89 45.82 27.28
N VAL A 179 26.44 45.86 26.04
CA VAL A 179 25.88 47.11 25.50
C VAL A 179 24.60 47.54 26.19
N ALA A 180 23.75 46.57 26.48
CA ALA A 180 22.43 46.86 27.01
C ALA A 180 22.61 47.31 28.42
N MET A 181 23.54 46.67 29.11
CA MET A 181 23.86 47.03 30.48
C MET A 181 24.24 48.50 30.52
N GLU A 182 25.19 48.88 29.67
CA GLU A 182 25.58 50.27 29.48
C GLU A 182 24.47 51.28 29.41
N PHE A 183 23.37 50.96 28.75
CA PHE A 183 22.30 51.97 28.65
C PHE A 183 21.23 51.79 29.71
N GLY A 184 21.46 50.86 30.63
CA GLY A 184 20.46 50.54 31.66
C GLY A 184 19.19 49.91 31.10
N VAL A 185 19.34 49.06 30.09
CA VAL A 185 18.17 48.50 29.48
C VAL A 185 18.19 46.99 29.64
N PRO A 186 17.09 46.43 30.22
CA PRO A 186 17.01 44.97 30.42
C PRO A 186 17.00 44.26 29.07
N MET A 187 17.78 43.21 28.95
CA MET A 187 17.86 42.46 27.69
C MET A 187 17.40 41.02 27.92
N HIS A 188 16.51 40.56 27.04
CA HIS A 188 16.08 39.17 27.04
C HIS A 188 16.64 38.42 25.83
N SER A 189 16.97 37.16 25.98
CA SER A 189 17.33 36.41 24.82
C SER A 189 16.62 35.08 24.81
N ASP A 190 16.08 34.72 23.66
CA ASP A 190 15.53 33.41 23.42
C ASP A 190 16.68 32.41 23.16
N ALA A 191 16.95 31.48 24.07
CA ALA A 191 18.09 30.57 23.91
C ALA A 191 17.59 29.16 23.76
N ILE A 192 16.41 29.08 23.18
CA ILE A 192 15.76 27.81 23.06
C ILE A 192 16.53 26.87 22.18
N GLN A 193 17.16 27.38 21.12
CA GLN A 193 18.03 26.53 20.29
C GLN A 193 19.43 26.28 20.88
N ALA A 194 19.79 27.00 21.94
CA ALA A 194 21.15 26.92 22.47
C ALA A 194 21.47 25.83 23.50
N VAL A 195 20.53 25.50 24.38
CA VAL A 195 20.83 24.56 25.46
C VAL A 195 21.34 23.25 24.90
N GLY A 196 22.48 22.80 25.42
CA GLY A 196 23.15 21.58 24.97
C GLY A 196 23.70 21.63 23.55
N GLN A 197 23.73 22.81 22.94
CA GLN A 197 24.29 22.97 21.63
C GLN A 197 25.48 23.94 21.66
N LEU A 198 25.42 24.98 22.48
CA LEU A 198 26.57 25.86 22.64
C LEU A 198 26.76 26.19 24.14
N PRO A 199 27.87 26.84 24.54
CA PRO A 199 28.03 27.02 26.02
C PRO A 199 27.15 28.12 26.59
N LEU A 200 26.33 27.78 27.59
CA LEU A 200 25.36 28.73 28.15
C LEU A 200 25.70 29.15 29.58
N ASP A 201 25.92 30.44 29.83
CA ASP A 201 26.18 30.85 31.20
C ASP A 201 25.39 32.09 31.57
N PHE A 202 24.22 31.87 32.13
CA PHE A 202 23.30 32.98 32.36
C PHE A 202 23.95 34.11 33.16
N GLY A 203 24.58 33.73 34.26
CA GLY A 203 25.23 34.69 35.15
C GLY A 203 26.26 35.50 34.38
N ALA A 204 27.17 34.80 33.71
CA ALA A 204 28.25 35.45 33.01
C ALA A 204 27.79 36.29 31.80
N SER A 205 26.70 35.90 31.12
CA SER A 205 26.13 36.74 30.05
C SER A 205 25.66 38.00 30.75
N GLY A 206 25.33 39.06 30.07
CA GLY A 206 24.74 40.10 30.94
C GLY A 206 23.25 39.96 31.28
N LEU A 207 22.61 38.94 30.71
CA LEU A 207 21.17 38.94 30.45
C LEU A 207 20.27 39.25 31.65
N SER A 208 19.19 39.97 31.40
CA SER A 208 18.21 40.24 32.43
C SER A 208 17.31 39.01 32.46
N ALA A 209 17.06 38.44 31.28
CA ALA A 209 16.13 37.31 31.14
C ALA A 209 16.53 36.36 30.02
N MET A 210 16.28 35.09 30.18
CA MET A 210 16.60 34.14 29.14
C MET A 210 15.58 33.01 29.09
N SER A 211 15.09 32.70 27.88
CA SER A 211 14.15 31.58 27.65
C SER A 211 14.77 30.27 27.25
N VAL A 212 14.28 29.18 27.85
CA VAL A 212 14.69 27.81 27.47
C VAL A 212 13.50 26.82 27.38
N ALA A 213 13.64 25.78 26.56
CA ALA A 213 12.51 24.86 26.30
C ALA A 213 12.91 23.39 26.32
N GLY A 214 12.35 22.64 27.26
CA GLY A 214 12.72 21.24 27.47
C GLY A 214 12.87 20.34 26.25
N HIS A 215 11.90 20.36 25.36
CA HIS A 215 11.81 19.33 24.40
C HIS A 215 12.80 19.53 23.37
N PHE A 217 15.97 19.73 23.85
CA PHE A 217 17.19 19.03 24.19
C PHE A 217 16.96 17.70 24.87
N GLY A 218 15.81 17.11 24.63
CA GLY A 218 15.48 15.76 25.05
C GLY A 218 14.66 15.73 26.32
N GLY A 219 14.14 16.90 26.71
CA GLY A 219 13.23 17.03 27.85
C GLY A 219 11.79 16.70 27.51
N PRO A 220 10.86 16.77 28.51
CA PRO A 220 9.46 16.49 28.24
C PRO A 220 8.92 17.60 27.42
N PRO A 221 7.91 17.33 26.62
CA PRO A 221 7.39 18.52 26.00
C PRO A 221 6.52 19.21 27.06
N GLY A 222 6.06 20.42 26.75
CA GLY A 222 5.22 21.19 27.66
C GLY A 222 5.89 21.67 28.92
N VAL A 223 7.20 21.79 28.90
CA VAL A 223 7.84 22.40 30.04
C VAL A 223 8.97 23.25 29.58
N GLY A 224 9.19 24.32 30.33
CA GLY A 224 10.26 25.24 29.98
C GLY A 224 10.75 26.00 31.19
N ALA A 225 11.61 26.97 30.94
CA ALA A 225 11.96 27.92 31.98
C ALA A 225 12.22 29.29 31.39
N LEU A 226 11.90 30.31 32.19
CA LEU A 226 12.49 31.65 32.05
C LEU A 226 13.56 31.84 33.13
N LEU A 227 14.81 32.04 32.75
CA LEU A 227 15.85 32.52 33.70
C LEU A 227 15.69 34.02 33.86
N LEU A 228 15.54 34.47 35.11
CA LEU A 228 15.22 35.88 35.38
C LEU A 228 16.00 36.38 36.58
N ARG A 229 16.55 37.57 36.44
CA ARG A 229 17.44 38.08 37.46
C ARG A 229 16.58 38.61 38.59
N ARG A 230 17.07 38.36 39.81
CA ARG A 230 16.39 38.70 41.05
C ARG A 230 15.74 40.07 41.04
N ASP A 231 16.38 41.03 40.38
CA ASP A 231 15.98 42.43 40.45
C ASP A 231 15.22 42.94 39.22
N VAL A 232 14.87 42.07 38.28
CA VAL A 232 14.05 42.58 37.17
C VAL A 232 12.58 42.31 37.43
N THR A 233 11.83 43.39 37.46
CA THR A 233 10.38 43.30 37.58
C THR A 233 9.79 42.73 36.27
N CYS A 234 8.78 41.89 36.41
CA CYS A 234 8.11 41.18 35.33
C CYS A 234 6.65 41.03 35.75
N VAL A 235 5.75 41.64 34.99
CA VAL A 235 4.35 41.50 35.27
C VAL A 235 3.92 40.09 34.83
N PRO A 236 3.18 39.35 35.67
CA PRO A 236 2.83 37.96 35.33
C PRO A 236 1.88 37.91 34.16
N LEU A 237 1.94 36.83 33.37
CA LEU A 237 0.81 36.46 32.48
C LEU A 237 -0.23 35.55 33.13
N MET A 238 0.20 34.54 33.90
CA MET A 238 -0.67 33.69 34.74
C MET A 238 -0.79 34.11 36.24
N HIS A 239 -1.97 34.53 36.70
CA HIS A 239 -2.30 34.73 38.15
C HIS A 239 -3.09 33.56 38.69
N GLY A 240 -3.21 33.21 39.99
CA GLY A 240 -2.45 33.55 41.21
C GLY A 240 -2.45 32.25 42.07
N GLY A 241 -1.78 32.17 43.20
CA GLY A 241 -1.01 33.20 43.76
C GLY A 241 0.46 32.89 43.70
N GLY A 242 0.99 33.08 42.52
CA GLY A 242 2.41 33.27 42.33
C GLY A 242 3.31 32.20 42.88
N GLN A 243 2.97 30.95 42.63
CA GLN A 243 3.78 29.88 43.16
C GLN A 243 5.25 30.06 42.75
N GLU A 244 5.50 30.76 41.66
CA GLU A 244 6.85 30.87 41.13
C GLU A 244 7.31 32.29 41.23
N ARG A 245 7.75 32.61 42.45
CA ARG A 245 8.39 33.87 42.79
C ARG A 245 7.41 34.98 42.48
N ASP A 246 6.14 34.66 42.55
CA ASP A 246 5.11 35.63 42.27
C ASP A 246 5.03 36.12 40.82
N ILE A 247 5.73 35.41 39.93
CA ILE A 247 5.82 35.78 38.50
C ILE A 247 4.88 34.93 37.61
N ARG A 248 4.72 33.67 37.97
CA ARG A 248 4.06 32.70 37.13
C ARG A 248 3.30 31.74 38.03
N SER A 249 1.97 31.86 38.08
CA SER A 249 1.16 30.94 38.90
C SER A 249 0.82 29.64 38.19
N GLY A 250 0.16 28.74 38.92
CA GLY A 250 -0.26 27.41 38.49
C GLY A 250 0.32 26.44 39.50
N THR A 251 -0.31 25.29 39.75
CA THR A 251 0.31 24.26 40.60
C THR A 251 1.69 23.78 40.04
N PRO A 252 2.74 23.76 40.87
CA PRO A 252 4.05 23.32 40.38
C PRO A 252 4.01 21.92 39.78
N ASP A 253 4.57 21.79 38.57
CA ASP A 253 4.54 20.49 37.82
C ASP A 253 5.88 19.79 37.99
N VAL A 254 5.98 19.01 39.06
CA VAL A 254 7.22 18.40 39.50
C VAL A 254 7.80 17.38 38.54
N ALA A 255 6.92 16.54 38.01
CA ALA A 255 7.32 15.50 37.07
C ALA A 255 7.99 16.15 35.90
N SER A 256 7.42 17.24 35.37
CA SER A 256 8.01 17.87 34.17
C SER A 256 9.29 18.60 34.51
N ALA A 257 9.38 19.19 35.70
CA ALA A 257 10.65 19.81 36.10
C ALA A 257 11.77 18.76 36.20
N VAL A 258 11.47 17.65 36.87
CA VAL A 258 12.43 16.61 37.04
C VAL A 258 12.85 16.07 35.69
N GLY A 259 11.92 15.97 34.75
CA GLY A 259 12.23 15.49 33.41
C GLY A 259 13.20 16.44 32.75
N MET A 260 12.87 17.72 32.76
CA MET A 260 13.73 18.77 32.18
C MET A 260 15.12 18.79 32.86
N ALA A 261 15.19 18.37 34.13
CA ALA A 261 16.47 18.45 34.82
C ALA A 261 17.41 17.35 34.33
N THR A 262 16.95 16.10 34.42
CA THR A 262 17.67 14.97 33.86
C THR A 262 18.14 15.30 32.45
N ALA A 263 17.24 15.84 31.64
CA ALA A 263 17.56 16.18 30.26
C ALA A 263 18.67 17.22 30.27
N ALA A 264 18.41 18.34 30.93
CA ALA A 264 19.40 19.41 31.04
C ALA A 264 20.80 18.90 31.40
N GLN A 265 20.85 17.93 32.30
CA GLN A 265 22.08 17.41 32.78
C GLN A 265 22.77 16.54 31.73
N ILE A 266 22.05 15.62 31.11
CA ILE A 266 22.68 14.84 30.04
C ILE A 266 23.17 15.78 28.94
N ALA A 267 22.35 16.74 28.57
CA ALA A 267 22.61 17.49 27.37
C ALA A 267 23.72 18.50 27.50
N VAL A 268 23.89 19.09 28.71
CA VAL A 268 24.96 20.08 28.97
C VAL A 268 26.29 19.40 29.31
N ASP A 269 26.28 18.35 30.10
CA ASP A 269 27.48 17.54 30.26
C ASP A 269 28.11 17.00 28.93
N GLY A 270 27.26 16.69 27.94
CA GLY A 270 27.69 16.17 26.66
C GLY A 270 27.89 17.28 25.63
N LEU A 271 27.53 18.51 25.98
CA LEU A 271 27.72 19.62 25.05
C LEU A 271 28.98 19.51 24.12
N GLU A 272 30.19 19.34 24.68
CA GLU A 272 31.44 19.40 23.90
C GLU A 272 31.55 18.26 22.90
N GLU A 273 31.51 17.04 23.41
CA GLU A 273 31.64 15.85 22.59
C GLU A 273 30.59 15.89 21.47
N ASN A 274 29.34 16.16 21.84
CA ASN A 274 28.22 16.16 20.89
C ASN A 274 28.28 17.22 19.82
N SER A 275 28.72 18.43 20.15
CA SER A 275 28.95 19.43 19.14
C SER A 275 29.91 18.88 18.11
N ALA A 276 31.08 18.45 18.56
CA ALA A 276 32.09 17.91 17.64
C ALA A 276 31.47 16.85 16.74
N ARG A 277 30.77 15.87 17.34
CA ARG A 277 30.22 14.76 16.56
C ARG A 277 29.23 15.21 15.43
N LEU A 278 28.41 16.23 15.74
CA LEU A 278 27.42 16.78 14.81
C LEU A 278 27.99 17.70 13.75
N ARG A 279 29.04 18.44 14.08
CA ARG A 279 29.71 19.27 13.09
C ARG A 279 30.17 18.39 11.91
N LEU A 280 30.88 17.28 12.21
CA LEU A 280 31.41 16.39 11.18
C LEU A 280 30.28 15.91 10.30
N LEU A 281 29.31 15.26 10.92
CA LEU A 281 28.07 14.81 10.27
C LEU A 281 27.40 15.89 9.42
N ARG A 282 27.33 17.11 9.93
CA ARG A 282 26.66 18.17 9.20
C ARG A 282 27.49 18.70 8.05
N ASP A 283 28.82 18.67 8.19
CA ASP A 283 29.66 19.27 7.14
C ASP A 283 29.69 18.31 6.01
N ARG A 284 29.75 17.02 6.33
CA ARG A 284 29.64 15.97 5.32
C ARG A 284 28.33 16.06 4.52
N LEU A 285 27.23 16.38 5.20
CA LEU A 285 25.97 16.56 4.54
C LEU A 285 25.99 17.81 3.66
N VAL A 286 26.47 18.94 4.17
CA VAL A 286 26.51 20.18 3.39
C VAL A 286 27.34 20.01 2.13
N GLU A 287 28.49 19.34 2.28
CA GLU A 287 29.39 19.03 1.18
C GLU A 287 28.74 18.14 0.11
N GLY A 288 28.27 16.96 0.51
CA GLY A 288 27.50 16.10 -0.39
C GLY A 288 26.39 16.85 -1.13
N VAL A 289 25.65 17.70 -0.43
CA VAL A 289 24.50 18.35 -1.05
C VAL A 289 24.97 19.25 -2.18
N LEU A 290 25.87 20.18 -1.89
CA LEU A 290 26.40 21.11 -2.93
C LEU A 290 27.17 20.42 -4.10
N ALA A 291 27.87 19.32 -3.80
CA ALA A 291 28.51 18.47 -4.81
C ALA A 291 27.53 17.82 -5.78
N GLU A 292 26.40 17.30 -5.30
CA GLU A 292 25.52 16.61 -6.21
C GLU A 292 24.33 17.38 -6.78
N ILE A 293 24.15 18.65 -6.43
CA ILE A 293 22.95 19.36 -6.87
C ILE A 293 23.27 20.73 -7.47
N ASP A 294 22.70 21.05 -8.62
CA ASP A 294 22.96 22.32 -9.28
C ASP A 294 21.97 23.33 -8.75
N ASP A 295 22.39 24.59 -8.65
CA ASP A 295 21.55 25.70 -8.11
C ASP A 295 20.99 25.45 -6.73
N VAL A 296 21.87 25.24 -5.77
CA VAL A 296 21.52 25.12 -4.37
C VAL A 296 22.52 25.96 -3.57
N CYS A 297 22.10 26.59 -2.49
CA CYS A 297 23.07 27.33 -1.69
C CYS A 297 22.80 27.13 -0.21
N LEU A 298 23.82 27.25 0.64
CA LEU A 298 23.61 27.19 2.08
C LEU A 298 23.18 28.55 2.58
N ASN A 299 22.25 28.59 3.51
CA ASN A 299 21.86 29.84 4.15
C ASN A 299 22.31 29.89 5.59
N GLY A 300 22.52 31.11 6.09
CA GLY A 300 22.94 31.30 7.48
C GLY A 300 24.45 31.43 7.55
N ALA A 301 25.01 31.30 8.76
CA ALA A 301 26.42 31.62 9.01
C ALA A 301 27.40 30.42 8.85
N ASP A 302 28.70 30.68 8.79
CA ASP A 302 29.69 29.59 8.76
C ASP A 302 30.26 29.41 10.15
N ASP A 303 30.91 28.27 10.39
CA ASP A 303 31.64 28.06 11.64
C ASP A 303 32.52 29.26 11.86
N PRO A 304 32.71 29.66 13.14
CA PRO A 304 32.12 28.98 14.28
C PRO A 304 30.84 29.71 14.72
N MET A 305 30.22 30.45 13.81
CA MET A 305 29.00 31.16 14.18
C MET A 305 27.69 30.46 13.72
N ARG A 306 27.69 29.13 13.72
CA ARG A 306 26.49 28.39 13.33
C ARG A 306 26.28 27.24 14.30
N LEU A 307 25.04 26.84 14.51
CA LEU A 307 24.78 25.60 15.26
C LEU A 307 25.37 24.36 14.59
N ALA A 308 25.93 23.50 15.41
CA ALA A 308 26.61 22.31 14.93
C ALA A 308 25.69 21.43 14.09
N GLY A 309 24.44 21.32 14.52
CA GLY A 309 23.47 20.38 13.93
C GLY A 309 22.63 20.87 12.76
N ASN A 310 22.88 22.10 12.32
CA ASN A 310 21.96 22.73 11.37
C ASN A 310 22.40 22.86 9.90
N ALA A 311 21.55 22.41 8.99
CA ALA A 311 21.82 22.65 7.58
C ALA A 311 20.61 23.29 6.95
N HIS A 312 20.80 24.39 6.23
CA HIS A 312 19.71 25.06 5.52
C HIS A 312 20.05 25.42 4.10
N PHE A 313 19.19 24.97 3.20
CA PHE A 313 19.34 25.22 1.77
C PHE A 313 18.17 25.96 1.12
N THR A 314 18.49 26.59 0.02
CA THR A 314 17.49 26.94 -0.92
C THR A 314 17.88 26.21 -2.20
N PHE A 315 16.91 25.52 -2.80
CA PHE A 315 17.08 24.88 -4.10
C PHE A 315 16.28 25.64 -5.17
N ARG A 316 16.93 26.40 -6.05
CA ARG A 316 16.23 27.19 -7.08
C ARG A 316 15.22 26.36 -7.92
N GLY A 317 14.05 26.95 -8.17
CA GLY A 317 12.99 26.32 -8.98
C GLY A 317 12.27 25.12 -8.36
N CYS A 318 12.25 25.10 -7.02
CA CYS A 318 11.53 24.12 -6.24
C CYS A 318 10.47 24.76 -5.40
N GLU A 319 9.38 24.04 -5.18
CA GLU A 319 8.56 24.32 -4.01
C GLU A 319 9.07 23.49 -2.84
N GLY A 320 9.28 24.12 -1.68
CA GLY A 320 9.80 23.39 -0.52
C GLY A 320 8.82 22.28 -0.10
N ASP A 321 7.53 22.52 -0.26
CA ASP A 321 6.49 21.56 0.17
C ASP A 321 6.49 20.24 -0.61
N ALA A 322 6.53 20.37 -1.95
CA ALA A 322 6.81 19.26 -2.85
C ALA A 322 8.02 18.48 -2.36
N LEU A 323 9.13 19.17 -2.18
CA LEU A 323 10.37 18.58 -1.75
C LEU A 323 10.20 17.74 -0.50
N LEU A 324 9.65 18.36 0.54
CA LEU A 324 9.43 17.68 1.81
C LEU A 324 8.60 16.39 1.65
N MET A 325 7.56 16.45 0.81
CA MET A 325 6.66 15.29 0.60
C MET A 325 7.37 14.13 -0.12
N LEU A 326 8.20 14.46 -1.13
CA LEU A 326 9.00 13.47 -1.84
C LEU A 326 10.02 12.88 -0.89
N LEU A 327 10.70 13.69 -0.11
CA LEU A 327 11.64 13.13 0.85
C LEU A 327 10.94 12.26 1.90
N ASP A 328 9.80 12.73 2.42
CA ASP A 328 8.98 11.95 3.37
C ASP A 328 8.62 10.58 2.81
N ALA A 329 8.02 10.55 1.61
CA ALA A 329 7.76 9.29 0.87
C ALA A 329 8.95 8.33 0.82
N ASN A 330 10.18 8.85 0.86
CA ASN A 330 11.34 7.98 0.87
C ASN A 330 11.92 7.74 2.27
N GLY A 331 11.25 8.16 3.34
CA GLY A 331 11.74 7.93 4.70
C GLY A 331 12.71 8.99 5.24
N ILE A 332 12.91 10.08 4.49
CA ILE A 332 13.69 11.21 5.04
C ILE A 332 12.78 12.34 5.61
N GLU A 333 12.83 12.53 6.92
CA GLU A 333 11.96 13.51 7.60
C GLU A 333 12.66 14.79 7.96
N CYS A 334 12.20 15.87 7.35
CA CYS A 334 12.78 17.18 7.61
C CYS A 334 11.68 18.25 7.51
N SER A 335 12.07 19.49 7.22
CA SER A 335 11.20 20.60 7.37
C SER A 335 11.53 21.70 6.38
N THR A 336 10.59 22.61 6.10
CA THR A 336 10.90 23.81 5.27
C THR A 336 11.31 24.99 6.17
N GLY A 337 11.01 24.90 7.46
CA GLY A 337 11.47 25.86 8.44
C GLY A 337 10.43 26.85 8.91
N SER A 338 9.55 27.31 8.02
CA SER A 338 8.58 28.35 8.38
C SER A 338 7.55 27.89 9.41
N PRO A 347 6.04 31.99 3.30
CA PRO A 347 7.31 32.57 2.78
C PRO A 347 8.25 33.08 3.95
N SER A 348 9.34 32.37 4.25
CA SER A 348 10.04 32.52 5.54
C SER A 348 10.50 33.93 5.86
N HIS A 349 9.89 34.54 6.87
CA HIS A 349 10.23 35.92 7.27
C HIS A 349 11.73 36.03 7.52
N VAL A 350 12.36 34.90 7.88
CA VAL A 350 13.79 34.88 8.14
C VAL A 350 14.60 34.94 6.86
N LEU A 351 14.16 34.25 5.80
CA LEU A 351 14.88 34.42 4.55
C LEU A 351 14.62 35.80 3.96
N ILE A 352 13.37 36.27 3.98
CA ILE A 352 13.09 37.66 3.62
C ILE A 352 14.03 38.66 4.30
N ALA A 353 14.24 38.47 5.59
CA ALA A 353 15.08 39.36 6.38
C ALA A 353 16.51 39.31 5.89
N MET A 354 16.99 38.15 5.45
CA MET A 354 18.36 38.02 4.93
C MET A 354 18.53 38.51 3.49
N GLY A 355 17.48 39.14 2.99
CA GLY A 355 17.49 39.71 1.65
C GLY A 355 17.39 38.71 0.53
N VAL A 356 17.04 37.45 0.83
CA VAL A 356 16.65 36.50 -0.21
C VAL A 356 15.21 36.83 -0.61
N ASP A 357 14.88 36.62 -1.90
CA ASP A 357 13.57 37.05 -2.45
C ASP A 357 12.48 35.97 -2.47
N ALA A 358 11.24 36.41 -2.26
CA ALA A 358 10.05 35.56 -2.24
C ALA A 358 10.10 34.28 -3.12
N ALA A 359 10.25 34.45 -4.44
CA ALA A 359 10.35 33.34 -5.41
C ALA A 359 11.46 32.35 -5.03
N SER A 360 12.70 32.81 -5.12
CA SER A 360 13.87 32.11 -4.59
C SER A 360 13.63 31.35 -3.26
N ALA A 361 12.95 31.97 -2.30
CA ALA A 361 12.91 31.47 -0.94
C ALA A 361 12.00 30.26 -0.72
N ARG A 362 10.99 30.13 -1.58
CA ARG A 362 10.02 29.06 -1.41
C ARG A 362 10.68 27.72 -1.66
N GLY A 363 11.91 27.73 -2.14
CA GLY A 363 12.62 26.51 -2.38
C GLY A 363 13.44 26.06 -1.21
N SER A 364 12.99 26.37 0.02
CA SER A 364 13.83 26.09 1.21
C SER A 364 13.63 24.81 2.00
N LEU A 365 14.73 24.35 2.57
CA LEU A 365 14.71 23.15 3.33
C LEU A 365 15.65 23.15 4.55
N ARG A 366 15.16 22.83 5.73
CA ARG A 366 16.02 22.68 6.88
C ARG A 366 16.15 21.23 7.22
N LEU A 367 17.40 20.81 7.28
CA LEU A 367 17.80 19.48 7.68
C LEU A 367 18.63 19.64 8.94
N SER A 368 18.23 19.00 10.03
CA SER A 368 18.78 19.32 11.40
C SER A 368 19.04 18.06 12.21
N LEU A 369 20.21 17.99 12.83
CA LEU A 369 20.59 16.75 13.57
C LEU A 369 20.64 16.96 15.07
N GLY A 370 20.65 15.88 15.84
CA GLY A 370 20.63 15.98 17.30
C GLY A 370 21.17 14.72 17.96
N HIS A 371 20.98 14.59 19.28
CA HIS A 371 21.65 13.48 19.96
C HIS A 371 21.49 12.10 19.32
N THR A 372 20.43 11.87 18.55
CA THR A 372 20.25 10.49 18.04
C THR A 372 20.72 10.28 16.60
N SER A 373 21.30 11.30 15.96
CA SER A 373 21.68 11.16 14.56
C SER A 373 22.92 10.27 14.40
N VAL A 374 23.06 9.67 13.22
CA VAL A 374 24.03 8.60 12.98
C VAL A 374 24.48 8.79 11.51
N GLU A 375 25.59 8.16 11.13
CA GLU A 375 26.13 8.26 9.75
C GLU A 375 25.06 8.01 8.69
N ALA A 376 24.36 6.89 8.84
CA ALA A 376 23.34 6.46 7.87
C ALA A 376 22.27 7.49 7.53
N ASP A 377 21.92 8.35 8.50
CA ASP A 377 20.92 9.40 8.32
C ASP A 377 21.44 10.34 7.26
N VAL A 378 22.75 10.53 7.23
CA VAL A 378 23.34 11.41 6.22
C VAL A 378 23.46 10.69 4.88
N ASP A 379 23.80 9.41 4.92
CA ASP A 379 23.95 8.60 3.70
C ASP A 379 22.59 8.51 3.01
N ALA A 380 21.54 8.40 3.80
CA ALA A 380 20.16 8.39 3.31
C ALA A 380 19.76 9.72 2.63
N ALA A 381 20.04 10.86 3.28
CA ALA A 381 19.61 12.13 2.69
C ALA A 381 20.29 12.32 1.34
N LEU A 382 21.59 12.07 1.31
CA LEU A 382 22.35 12.24 0.08
C LEU A 382 21.93 11.28 -1.03
N GLU A 383 21.67 10.03 -0.69
CA GLU A 383 21.14 9.09 -1.65
C GLU A 383 19.84 9.60 -2.25
N VAL A 384 18.92 10.02 -1.39
CA VAL A 384 17.56 10.30 -1.83
C VAL A 384 17.41 11.62 -2.57
N LEU A 385 18.24 12.61 -2.20
CA LEU A 385 18.03 14.01 -2.54
C LEU A 385 17.99 14.40 -3.99
N PRO A 386 18.95 13.89 -4.80
CA PRO A 386 19.04 14.33 -6.19
C PRO A 386 17.79 13.93 -6.98
N GLY A 387 17.30 12.72 -6.72
CA GLY A 387 16.08 12.19 -7.36
C GLY A 387 14.93 13.08 -6.99
N ALA A 388 14.88 13.44 -5.70
CA ALA A 388 13.81 14.27 -5.16
C ALA A 388 13.87 15.69 -5.68
N VAL A 389 15.02 16.36 -5.60
CA VAL A 389 15.11 17.70 -6.21
C VAL A 389 14.72 17.70 -7.71
N ALA A 390 15.20 16.72 -8.51
CA ALA A 390 14.75 16.59 -9.95
C ALA A 390 13.24 16.56 -10.11
N ARG A 391 12.59 15.67 -9.37
CA ARG A 391 11.16 15.59 -9.40
C ARG A 391 10.46 16.90 -9.00
N ALA A 392 10.91 17.54 -7.92
CA ALA A 392 10.32 18.81 -7.50
C ALA A 392 10.48 19.88 -8.57
N ARG A 393 11.64 19.90 -9.22
CA ARG A 393 11.82 20.88 -10.29
C ARG A 393 10.93 20.60 -11.49
N ARG A 394 10.72 19.31 -11.82
CA ARG A 394 9.84 18.92 -12.94
C ARG A 394 8.43 19.42 -12.63
N ALA A 395 7.93 19.08 -11.45
CA ALA A 395 6.61 19.52 -11.02
C ALA A 395 6.45 21.03 -11.01
N ALA A 396 7.46 21.76 -10.55
CA ALA A 396 7.31 23.23 -10.45
C ALA A 396 7.35 23.88 -11.83
N LEU A 397 8.13 23.30 -12.76
CA LEU A 397 8.09 23.72 -14.18
C LEU A 397 6.67 23.78 -14.83
N ALA A 398 5.66 23.10 -14.25
CA ALA A 398 4.23 23.53 -14.39
C ALA A 398 3.56 23.96 -13.05
N GLY B 11 0.17 -25.35 -26.06
CA GLY B 11 0.17 -24.89 -24.64
C GLY B 11 0.05 -26.00 -23.61
N SER B 12 -1.00 -25.91 -22.80
CA SER B 12 -1.24 -26.82 -21.71
C SER B 12 -2.75 -27.00 -21.78
N ALA B 13 -3.32 -27.95 -21.05
CA ALA B 13 -4.74 -28.11 -21.09
C ALA B 13 -5.44 -27.13 -20.09
N TYR B 14 -6.29 -26.28 -20.64
CA TYR B 14 -7.04 -25.33 -19.85
C TYR B 14 -8.42 -25.87 -19.38
N LEU B 15 -8.51 -26.26 -18.12
CA LEU B 15 -9.78 -26.68 -17.51
C LEU B 15 -10.27 -25.69 -16.43
N ASP B 16 -10.13 -24.39 -16.72
CA ASP B 16 -10.57 -23.38 -15.76
C ASP B 16 -11.55 -22.38 -16.40
N HIS B 17 -12.40 -22.87 -17.31
CA HIS B 17 -13.34 -21.99 -17.97
C HIS B 17 -14.37 -21.25 -17.08
N ALA B 18 -14.67 -21.76 -15.89
CA ALA B 18 -15.64 -21.14 -15.01
C ALA B 18 -15.08 -19.80 -14.48
N ALA B 19 -13.75 -19.69 -14.51
CA ALA B 19 -13.03 -18.52 -14.02
C ALA B 19 -12.95 -17.47 -15.12
N THR B 20 -12.69 -17.88 -16.38
CA THR B 20 -12.75 -17.02 -17.56
C THR B 20 -12.55 -17.91 -18.74
N THR B 21 -13.14 -17.54 -19.88
CA THR B 21 -13.09 -18.41 -21.03
C THR B 21 -12.48 -17.60 -22.15
N PRO B 22 -11.76 -18.22 -23.10
CA PRO B 22 -11.09 -17.42 -24.15
C PRO B 22 -12.02 -16.51 -24.99
N MET B 23 -11.52 -15.34 -25.40
CA MET B 23 -12.33 -14.46 -26.26
C MET B 23 -12.55 -15.12 -27.60
N HIS B 24 -13.80 -15.19 -28.03
CA HIS B 24 -14.09 -15.56 -29.42
C HIS B 24 -13.34 -14.68 -30.41
N PRO B 25 -12.59 -15.28 -31.38
CA PRO B 25 -11.79 -14.34 -32.23
C PRO B 25 -12.63 -13.31 -32.98
N ALA B 26 -13.85 -13.64 -33.37
CA ALA B 26 -14.72 -12.60 -33.94
C ALA B 26 -15.01 -11.41 -32.97
N ALA B 27 -15.18 -11.70 -31.68
CA ALA B 27 -15.36 -10.61 -30.76
C ALA B 27 -14.13 -9.70 -30.69
N ILE B 28 -12.92 -10.29 -30.85
CA ILE B 28 -11.70 -9.50 -30.85
C ILE B 28 -11.68 -8.56 -32.07
N GLU B 29 -11.96 -9.14 -33.22
CA GLU B 29 -11.94 -8.41 -34.45
C GLU B 29 -12.91 -7.26 -34.38
N ALA B 30 -14.08 -7.52 -33.80
CA ALA B 30 -15.15 -6.54 -33.81
C ALA B 30 -14.82 -5.33 -32.90
N MET B 31 -14.15 -5.61 -31.80
CA MET B 31 -13.80 -4.59 -30.87
C MET B 31 -12.70 -3.76 -31.47
N ALA B 32 -11.70 -4.41 -32.07
CA ALA B 32 -10.65 -3.58 -32.65
C ALA B 32 -11.19 -2.63 -33.75
N ALA B 33 -12.20 -3.06 -34.49
CA ALA B 33 -12.75 -2.22 -35.54
C ALA B 33 -13.42 -1.02 -34.89
N VAL B 34 -14.19 -1.24 -33.81
CA VAL B 34 -14.80 -0.11 -33.16
C VAL B 34 -13.71 0.86 -32.69
N GLN B 35 -12.56 0.31 -32.31
CA GLN B 35 -11.55 1.11 -31.69
C GLN B 35 -10.79 1.98 -32.63
N ARG B 36 -10.91 1.72 -33.92
CA ARG B 36 -10.17 2.48 -34.92
C ARG B 36 -11.04 3.61 -35.35
N THR B 37 -12.32 3.50 -35.04
CA THR B 37 -13.34 4.54 -35.08
C THR B 37 -13.04 5.63 -34.07
N ILE B 38 -13.34 6.87 -34.40
CA ILE B 38 -13.26 7.92 -33.39
C ILE B 38 -14.67 8.45 -33.09
N GLY B 39 -15.05 8.59 -31.81
CA GLY B 39 -16.32 9.27 -31.48
C GLY B 39 -16.97 8.88 -30.16
N ASN B 40 -17.58 9.85 -29.50
CA ASN B 40 -18.21 9.63 -28.20
C ASN B 40 -19.72 9.48 -28.39
N ALA B 41 -20.26 8.31 -28.03
CA ALA B 41 -21.65 8.04 -28.21
C ALA B 41 -22.60 9.08 -27.60
N SER B 42 -22.11 9.97 -26.75
CA SER B 42 -22.99 10.99 -26.17
C SER B 42 -23.04 12.22 -27.02
N SER B 43 -22.03 12.37 -27.91
CA SER B 43 -21.87 13.58 -28.75
C SER B 43 -22.90 13.74 -29.87
N LEU B 44 -23.35 14.97 -30.09
CA LEU B 44 -24.37 15.29 -31.11
C LEU B 44 -23.87 15.33 -32.59
N HIS B 45 -22.57 15.39 -32.81
CA HIS B 45 -22.07 15.36 -34.17
C HIS B 45 -22.11 14.00 -34.87
N THR B 46 -21.58 13.95 -36.10
CA THR B 46 -21.70 12.75 -36.94
C THR B 46 -20.97 11.57 -36.33
N SER B 47 -19.75 11.79 -35.85
CA SER B 47 -18.97 10.68 -35.30
C SER B 47 -19.70 10.18 -34.08
N GLY B 48 -20.25 11.11 -33.30
CA GLY B 48 -20.99 10.75 -32.11
C GLY B 48 -22.16 9.86 -32.44
N ARG B 49 -22.82 10.10 -33.57
CA ARG B 49 -24.09 9.43 -33.86
C ARG B 49 -23.78 8.04 -34.38
N SER B 50 -22.69 7.95 -35.11
CA SER B 50 -22.14 6.68 -35.46
C SER B 50 -21.89 5.78 -34.26
N ALA B 51 -21.10 6.25 -33.32
CA ALA B 51 -20.83 5.57 -32.08
C ALA B 51 -22.13 5.09 -31.44
N ARG B 52 -23.05 6.02 -31.15
CA ARG B 52 -24.41 5.68 -30.66
C ARG B 52 -25.06 4.54 -31.46
N ARG B 53 -25.08 4.67 -32.79
CA ARG B 53 -25.75 3.67 -33.60
C ARG B 53 -25.11 2.29 -33.34
N ARG B 54 -23.77 2.24 -33.15
CA ARG B 54 -23.08 0.97 -32.90
C ARG B 54 -23.46 0.40 -31.56
N ILE B 55 -23.41 1.26 -30.52
CA ILE B 55 -23.79 0.79 -29.21
C ILE B 55 -25.31 0.40 -29.15
N GLU B 56 -26.16 1.09 -29.87
CA GLU B 56 -27.54 0.66 -29.82
C GLU B 56 -27.81 -0.70 -30.54
N GLU B 57 -26.99 -1.03 -31.54
CA GLU B 57 -27.10 -2.32 -32.19
C GLU B 57 -26.62 -3.41 -31.31
N ALA B 58 -25.46 -3.18 -30.69
CA ALA B 58 -24.96 -4.04 -29.64
C ALA B 58 -26.07 -4.32 -28.61
N ARG B 59 -26.72 -3.26 -28.11
CA ARG B 59 -27.75 -3.36 -27.07
C ARG B 59 -28.91 -4.19 -27.61
N GLU B 60 -29.35 -3.88 -28.81
CA GLU B 60 -30.43 -4.63 -29.42
C GLU B 60 -30.12 -6.11 -29.57
N LEU B 61 -28.89 -6.46 -29.99
CA LEU B 61 -28.47 -7.86 -30.14
C LEU B 61 -28.44 -8.61 -28.79
N ILE B 62 -27.77 -8.05 -27.77
CA ILE B 62 -27.77 -8.67 -26.45
C ILE B 62 -29.23 -8.89 -25.97
N ALA B 63 -30.10 -7.88 -26.10
CA ALA B 63 -31.53 -7.95 -25.69
C ALA B 63 -32.24 -9.14 -26.30
N ASP B 64 -32.11 -9.26 -27.63
CA ASP B 64 -32.64 -10.36 -28.39
C ASP B 64 -32.15 -11.69 -27.85
N LYS B 65 -30.84 -11.81 -27.65
CA LYS B 65 -30.26 -13.09 -27.30
C LYS B 65 -30.61 -13.49 -25.90
N LEU B 66 -30.92 -12.51 -25.04
CA LEU B 66 -31.31 -12.78 -23.66
C LEU B 66 -32.80 -12.69 -23.36
N GLY B 67 -33.61 -12.62 -24.42
CA GLY B 67 -35.05 -12.42 -24.26
C GLY B 67 -35.56 -11.19 -23.52
N ALA B 68 -34.86 -10.07 -23.64
CA ALA B 68 -35.25 -8.79 -22.98
C ALA B 68 -35.56 -7.73 -24.03
N ARG B 69 -36.30 -6.70 -23.65
CA ARG B 69 -36.43 -5.52 -24.51
C ARG B 69 -35.11 -4.69 -24.45
N PRO B 70 -34.63 -4.17 -25.58
CA PRO B 70 -33.39 -3.38 -25.57
C PRO B 70 -33.28 -2.35 -24.41
N SER B 71 -34.35 -1.64 -24.08
CA SER B 71 -34.27 -0.63 -23.01
C SER B 71 -34.03 -1.27 -21.63
N GLU B 72 -34.17 -2.59 -21.51
CA GLU B 72 -33.94 -3.27 -20.23
C GLU B 72 -32.42 -3.48 -19.97
N VAL B 73 -31.63 -3.40 -21.05
CA VAL B 73 -30.20 -3.65 -20.95
C VAL B 73 -29.41 -2.42 -20.48
N ILE B 74 -28.83 -2.50 -19.28
CA ILE B 74 -27.89 -1.53 -18.74
C ILE B 74 -26.42 -2.05 -18.74
N PHE B 75 -25.57 -1.47 -19.58
CA PHE B 75 -24.18 -1.90 -19.66
C PHE B 75 -23.38 -1.60 -18.40
N THR B 76 -22.61 -2.58 -17.95
CA THR B 76 -21.67 -2.32 -16.84
C THR B 76 -20.25 -2.67 -17.17
N ALA B 77 -19.34 -2.37 -16.25
CA ALA B 77 -18.00 -2.89 -16.45
C ALA B 77 -17.80 -4.31 -15.94
N GLY B 78 -18.87 -5.08 -15.71
CA GLY B 78 -18.67 -6.48 -15.42
C GLY B 78 -19.71 -7.16 -14.55
N GLY B 79 -19.44 -8.39 -14.18
CA GLY B 79 -20.46 -9.10 -13.42
C GLY B 79 -20.50 -8.55 -12.03
N THR B 80 -19.32 -8.27 -11.48
CA THR B 80 -19.24 -7.64 -10.14
C THR B 80 -20.03 -6.31 -10.07
N GLU B 81 -19.76 -5.40 -11.00
CA GLU B 81 -20.54 -4.19 -11.08
C GLU B 81 -22.07 -4.44 -11.19
N SER B 82 -22.46 -5.21 -12.17
CA SER B 82 -23.82 -5.56 -12.32
C SER B 82 -24.49 -6.06 -11.01
N ASP B 83 -23.81 -6.95 -10.27
CA ASP B 83 -24.39 -7.57 -9.05
C ASP B 83 -24.46 -6.53 -7.93
N ASN B 84 -23.39 -5.76 -7.75
CA ASN B 84 -23.41 -4.66 -6.84
C ASN B 84 -24.56 -3.68 -7.13
N LEU B 85 -24.73 -3.30 -8.39
CA LEU B 85 -25.78 -2.37 -8.79
C LEU B 85 -27.18 -2.89 -8.44
N ALA B 86 -27.46 -4.15 -8.78
CA ALA B 86 -28.75 -4.78 -8.47
C ALA B 86 -29.01 -4.76 -6.99
N VAL B 87 -28.08 -5.32 -6.23
CA VAL B 87 -28.34 -5.57 -4.84
C VAL B 87 -28.43 -4.26 -4.07
N LYS B 88 -27.40 -3.42 -4.15
CA LYS B 88 -27.35 -2.21 -3.39
C LYS B 88 -28.40 -1.30 -3.91
N GLY B 89 -28.44 -1.18 -5.23
CA GLY B 89 -29.32 -0.26 -5.89
C GLY B 89 -30.77 -0.56 -5.56
N ILE B 90 -31.17 -1.82 -5.59
CA ILE B 90 -32.58 -2.08 -5.50
C ILE B 90 -32.93 -2.06 -4.05
N TYR B 91 -31.99 -2.47 -3.20
CA TYR B 91 -32.18 -2.31 -1.76
C TYR B 91 -32.41 -0.82 -1.41
N TRP B 92 -31.53 0.06 -1.84
CA TRP B 92 -31.79 1.45 -1.53
C TRP B 92 -33.13 1.95 -1.99
N ALA B 93 -33.45 1.77 -3.28
CA ALA B 93 -34.71 2.24 -3.83
C ALA B 93 -35.82 1.72 -2.99
N ARG B 94 -35.72 0.48 -2.54
CA ARG B 94 -36.84 -0.07 -1.79
C ARG B 94 -36.96 0.41 -0.36
N ARG B 95 -35.81 0.44 0.30
CA ARG B 95 -35.73 0.88 1.66
C ARG B 95 -36.09 2.36 1.65
N ASP B 96 -35.68 3.10 0.63
CA ASP B 96 -35.97 4.53 0.64
C ASP B 96 -37.49 4.82 0.58
N ALA B 97 -38.22 4.06 -0.24
CA ALA B 97 -39.66 4.26 -0.37
C ALA B 97 -40.43 3.76 0.86
N GLU B 98 -39.92 2.71 1.53
CA GLU B 98 -40.56 2.18 2.72
C GLU B 98 -39.54 1.73 3.75
N PRO B 99 -39.21 2.60 4.69
CA PRO B 99 -38.06 2.36 5.61
C PRO B 99 -38.10 1.06 6.42
N HIS B 100 -39.27 0.41 6.48
CA HIS B 100 -39.41 -0.86 7.17
C HIS B 100 -38.81 -1.96 6.33
N ARG B 101 -38.86 -1.81 5.00
CA ARG B 101 -38.30 -2.82 4.09
C ARG B 101 -36.78 -2.91 4.09
N ARG B 102 -36.21 -3.71 4.97
CA ARG B 102 -34.75 -3.81 5.10
C ARG B 102 -34.16 -5.22 4.95
N ARG B 103 -34.97 -6.18 4.54
CA ARG B 103 -34.54 -7.55 4.63
C ARG B 103 -34.23 -8.03 3.23
N ILE B 104 -33.03 -8.55 3.04
CA ILE B 104 -32.68 -9.17 1.78
C ILE B 104 -32.77 -10.64 1.96
N VAL B 105 -33.48 -11.31 1.07
CA VAL B 105 -33.50 -12.77 1.15
C VAL B 105 -32.64 -13.35 0.05
N THR B 106 -31.63 -14.13 0.44
CA THR B 106 -30.64 -14.60 -0.52
C THR B 106 -30.16 -15.99 -0.21
N THR B 107 -29.26 -16.57 -1.01
CA THR B 107 -28.71 -17.88 -0.72
C THR B 107 -27.31 -17.76 -0.10
N GLU B 108 -26.85 -18.84 0.54
CA GLU B 108 -25.50 -18.89 1.10
C GLU B 108 -24.49 -19.39 0.03
N VAL B 109 -24.96 -19.71 -1.16
CA VAL B 109 -24.01 -20.24 -2.11
C VAL B 109 -23.65 -19.22 -3.17
N GLU B 110 -24.09 -17.97 -2.96
CA GLU B 110 -23.85 -16.84 -3.89
C GLU B 110 -22.38 -16.56 -4.13
N HIS B 111 -22.09 -15.92 -5.23
CA HIS B 111 -20.75 -15.42 -5.50
C HIS B 111 -20.49 -14.25 -4.60
N HIS B 112 -19.21 -14.00 -4.33
CA HIS B 112 -18.90 -12.91 -3.40
C HIS B 112 -19.47 -11.58 -3.80
N ALA B 113 -19.55 -11.32 -5.10
CA ALA B 113 -20.09 -10.07 -5.61
C ALA B 113 -21.46 -9.79 -5.00
N VAL B 114 -22.33 -10.82 -4.88
CA VAL B 114 -23.59 -10.69 -4.10
C VAL B 114 -23.34 -10.76 -2.58
N LEU B 115 -22.54 -11.70 -2.13
CA LEU B 115 -22.38 -11.95 -0.69
C LEU B 115 -21.82 -10.74 0.06
N ASP B 116 -20.65 -10.26 -0.38
CA ASP B 116 -20.08 -9.14 0.28
C ASP B 116 -20.96 -7.89 0.10
N SER B 117 -21.78 -7.85 -0.97
CA SER B 117 -22.71 -6.75 -1.12
C SER B 117 -23.72 -6.77 0.04
N VAL B 118 -24.38 -7.93 0.18
CA VAL B 118 -25.34 -8.10 1.23
C VAL B 118 -24.74 -7.69 2.59
N ASN B 119 -23.60 -8.29 2.95
CA ASN B 119 -22.93 -8.00 4.23
C ASN B 119 -22.52 -6.55 4.40
N TRP B 120 -22.16 -5.89 3.30
CA TRP B 120 -21.92 -4.49 3.44
C TRP B 120 -23.19 -3.73 3.83
N LEU B 121 -24.33 -4.07 3.24
CA LEU B 121 -25.60 -3.40 3.57
C LEU B 121 -26.03 -3.72 4.98
N VAL B 122 -25.79 -4.94 5.43
CA VAL B 122 -26.11 -5.33 6.79
C VAL B 122 -25.24 -4.52 7.75
N GLU B 123 -23.97 -4.36 7.41
CA GLU B 123 -22.98 -3.70 8.23
C GLU B 123 -23.14 -2.18 8.30
N HIS B 124 -23.55 -1.60 7.20
CA HIS B 124 -23.32 -0.19 7.05
C HIS B 124 -24.61 0.47 6.67
N GLU B 125 -25.61 -0.30 6.26
CA GLU B 125 -26.79 0.30 5.72
C GLU B 125 -28.07 -0.21 6.34
N GLY B 126 -27.94 -0.85 7.50
CA GLY B 126 -29.12 -1.22 8.30
C GLY B 126 -29.92 -2.41 7.80
N ALA B 127 -29.43 -3.12 6.80
CA ALA B 127 -30.16 -4.26 6.25
C ALA B 127 -30.18 -5.45 7.20
N HIS B 128 -31.11 -6.35 6.95
CA HIS B 128 -31.21 -7.68 7.61
C HIS B 128 -31.13 -8.70 6.54
N VAL B 129 -30.63 -9.88 6.89
CA VAL B 129 -30.55 -10.97 5.92
C VAL B 129 -31.16 -12.27 6.47
N THR B 130 -32.03 -12.84 5.66
CA THR B 130 -32.45 -14.22 5.81
C THR B 130 -31.75 -15.10 4.74
N TRP B 131 -31.03 -16.12 5.18
CA TRP B 131 -30.39 -17.08 4.26
C TRP B 131 -31.27 -18.24 4.04
N LEU B 132 -31.68 -18.43 2.80
CA LEU B 132 -32.39 -19.64 2.46
C LEU B 132 -31.53 -20.90 2.74
N PRO B 133 -32.17 -21.98 3.17
CA PRO B 133 -31.54 -23.29 3.44
C PRO B 133 -30.96 -23.86 2.16
N THR B 134 -29.85 -24.59 2.24
CA THR B 134 -29.22 -25.20 1.06
C THR B 134 -29.30 -26.73 1.13
N ALA B 135 -29.73 -27.37 0.04
CA ALA B 135 -29.61 -28.84 -0.08
C ALA B 135 -28.12 -29.24 -0.12
N ALA B 136 -27.81 -30.49 0.20
CA ALA B 136 -26.44 -31.01 0.07
C ALA B 136 -26.02 -31.00 -1.40
N ASP B 137 -27.03 -30.98 -2.26
CA ASP B 137 -26.93 -30.58 -3.67
C ASP B 137 -26.17 -29.28 -4.08
N GLY B 138 -26.19 -28.30 -3.21
CA GLY B 138 -25.99 -26.96 -3.68
C GLY B 138 -27.28 -26.22 -3.98
N SER B 139 -28.37 -26.95 -4.02
CA SER B 139 -29.63 -26.43 -4.53
C SER B 139 -30.43 -25.64 -3.48
N VAL B 140 -31.26 -24.71 -3.92
CA VAL B 140 -32.22 -24.07 -3.06
C VAL B 140 -33.57 -24.19 -3.77
N SER B 141 -34.67 -24.20 -3.03
CA SER B 141 -35.98 -24.46 -3.66
C SER B 141 -36.99 -23.28 -3.65
N ALA B 142 -37.85 -23.21 -4.69
CA ALA B 142 -39.04 -22.29 -4.64
C ALA B 142 -39.81 -22.32 -3.30
N THR B 143 -39.96 -23.53 -2.74
CA THR B 143 -40.68 -23.74 -1.48
C THR B 143 -40.01 -23.01 -0.37
N ALA B 144 -38.70 -23.13 -0.30
CA ALA B 144 -37.98 -22.58 0.85
C ALA B 144 -38.11 -21.03 0.77
N LEU B 145 -38.25 -20.52 -0.46
CA LEU B 145 -38.37 -19.09 -0.66
C LEU B 145 -39.74 -18.61 -0.24
N ARG B 146 -40.80 -19.34 -0.61
CA ARG B 146 -42.14 -18.97 -0.11
C ARG B 146 -42.24 -18.92 1.41
N GLU B 147 -41.51 -19.82 2.07
CA GLU B 147 -41.51 -19.89 3.51
C GLU B 147 -40.90 -18.60 4.11
N ALA B 148 -39.83 -18.13 3.48
CA ALA B 148 -39.17 -16.94 4.01
C ALA B 148 -40.02 -15.67 3.76
N LEU B 149 -40.75 -15.63 2.65
CA LEU B 149 -41.51 -14.42 2.28
C LEU B 149 -42.79 -14.31 3.09
N GLN B 150 -43.45 -15.44 3.31
CA GLN B 150 -44.59 -15.52 4.20
C GLN B 150 -44.25 -15.15 5.68
N SER B 151 -43.12 -15.57 6.21
CA SER B 151 -42.89 -15.24 7.60
C SER B 151 -42.09 -13.94 7.83
N HIS B 152 -42.09 -13.03 6.86
CA HIS B 152 -41.39 -11.76 7.04
C HIS B 152 -42.12 -10.72 6.28
N ASP B 153 -42.48 -9.63 6.93
CA ASP B 153 -43.24 -8.58 6.24
C ASP B 153 -42.35 -7.36 5.86
N ASP B 154 -41.04 -7.56 5.97
CA ASP B 154 -40.06 -6.52 5.71
C ASP B 154 -39.09 -6.80 4.56
N VAL B 155 -39.48 -7.62 3.58
CA VAL B 155 -38.52 -8.01 2.54
C VAL B 155 -38.30 -6.96 1.44
N ALA B 156 -37.06 -6.50 1.31
CA ALA B 156 -36.74 -5.51 0.29
C ALA B 156 -36.52 -6.16 -1.05
N LEU B 157 -35.88 -7.34 -1.06
CA LEU B 157 -35.35 -7.87 -2.31
C LEU B 157 -34.99 -9.31 -2.18
N VAL B 158 -35.17 -10.06 -3.26
CA VAL B 158 -34.62 -11.42 -3.38
C VAL B 158 -33.48 -11.49 -4.40
N SER B 159 -32.50 -12.36 -4.14
CA SER B 159 -31.34 -12.54 -5.02
C SER B 159 -30.85 -13.94 -4.89
N VAL B 160 -30.92 -14.64 -6.02
CA VAL B 160 -30.67 -16.06 -6.04
C VAL B 160 -29.99 -16.31 -7.36
N MET B 161 -28.75 -16.78 -7.32
CA MET B 161 -28.01 -17.00 -8.56
C MET B 161 -28.69 -18.07 -9.44
N TRP B 162 -28.65 -17.88 -10.74
CA TRP B 162 -29.17 -18.88 -11.66
C TRP B 162 -28.42 -20.23 -11.70
N ALA B 163 -27.09 -20.21 -11.66
CA ALA B 163 -26.33 -21.43 -11.73
C ALA B 163 -25.11 -21.20 -10.90
N ASN B 164 -24.73 -22.18 -10.08
CA ASN B 164 -23.55 -22.01 -9.21
C ASN B 164 -22.17 -22.10 -9.89
N ASN B 165 -21.27 -21.21 -9.55
CA ASN B 165 -19.99 -21.19 -10.29
C ASN B 165 -18.97 -22.19 -9.79
N GLU B 166 -19.10 -22.67 -8.55
CA GLU B 166 -18.18 -23.67 -8.03
C GLU B 166 -18.64 -25.10 -8.35
N VAL B 167 -19.86 -25.45 -7.98
CA VAL B 167 -20.35 -26.83 -8.16
C VAL B 167 -21.31 -27.07 -9.31
N GLY B 168 -21.64 -26.06 -10.10
CA GLY B 168 -22.40 -26.22 -11.34
C GLY B 168 -23.90 -26.43 -11.20
N THR B 169 -24.38 -26.54 -9.96
CA THR B 169 -25.82 -26.66 -9.75
C THR B 169 -26.63 -25.52 -10.38
N ILE B 170 -27.66 -25.86 -11.15
CA ILE B 170 -28.63 -24.91 -11.69
C ILE B 170 -29.80 -24.71 -10.70
N LEU B 171 -30.18 -23.46 -10.45
CA LEU B 171 -31.30 -23.18 -9.55
C LEU B 171 -32.62 -23.01 -10.26
N PRO B 172 -33.71 -23.24 -9.54
CA PRO B 172 -34.94 -23.12 -10.36
C PRO B 172 -35.58 -21.71 -10.32
N ILE B 173 -35.11 -20.82 -11.19
CA ILE B 173 -35.38 -19.38 -11.05
C ILE B 173 -36.79 -18.98 -11.49
N ALA B 174 -37.26 -19.50 -12.63
CA ALA B 174 -38.66 -19.30 -13.06
C ALA B 174 -39.61 -19.53 -11.90
N GLU B 175 -39.49 -20.65 -11.20
CA GLU B 175 -40.46 -20.90 -10.11
C GLU B 175 -40.23 -19.98 -8.95
N MET B 176 -38.98 -19.60 -8.72
CA MET B 176 -38.68 -18.70 -7.65
C MET B 176 -39.25 -17.33 -7.98
N SER B 177 -39.06 -16.93 -9.22
CA SER B 177 -39.60 -15.71 -9.68
C SER B 177 -41.09 -15.58 -9.41
N VAL B 178 -41.82 -16.66 -9.71
CA VAL B 178 -43.28 -16.71 -9.58
C VAL B 178 -43.64 -16.44 -8.12
N VAL B 179 -42.90 -17.05 -7.19
CA VAL B 179 -43.07 -16.79 -5.74
C VAL B 179 -42.78 -15.33 -5.35
N ALA B 180 -41.66 -14.81 -5.80
CA ALA B 180 -41.41 -13.38 -5.60
C ALA B 180 -42.60 -12.54 -6.10
N MET B 181 -43.01 -12.68 -7.37
CA MET B 181 -44.16 -11.90 -7.86
C MET B 181 -45.37 -11.96 -6.94
N GLU B 182 -45.63 -13.10 -6.33
CA GLU B 182 -46.74 -13.24 -5.41
C GLU B 182 -46.76 -12.23 -4.27
N PHE B 183 -45.59 -11.92 -3.73
CA PHE B 183 -45.48 -10.99 -2.62
C PHE B 183 -45.09 -9.61 -3.07
N GLY B 184 -44.99 -9.39 -4.38
CA GLY B 184 -44.58 -8.12 -4.96
C GLY B 184 -43.21 -7.67 -4.48
N VAL B 185 -42.28 -8.62 -4.34
CA VAL B 185 -40.92 -8.31 -3.94
C VAL B 185 -40.11 -8.54 -5.18
N PRO B 186 -39.27 -7.54 -5.61
CA PRO B 186 -38.48 -7.72 -6.82
C PRO B 186 -37.43 -8.78 -6.59
N MET B 187 -37.09 -9.49 -7.66
CA MET B 187 -36.16 -10.55 -7.57
C MET B 187 -35.06 -10.35 -8.58
N HIS B 188 -33.82 -10.55 -8.15
CA HIS B 188 -32.64 -10.51 -8.98
C HIS B 188 -32.00 -11.84 -9.05
N SER B 189 -31.35 -12.14 -10.15
CA SER B 189 -30.62 -13.38 -10.26
C SER B 189 -29.35 -13.10 -11.01
N ASP B 190 -28.25 -13.57 -10.45
CA ASP B 190 -26.94 -13.46 -11.04
C ASP B 190 -26.86 -14.61 -12.04
N ALA B 191 -26.88 -14.31 -13.32
CA ALA B 191 -26.95 -15.40 -14.28
C ALA B 191 -25.64 -15.41 -15.03
N ILE B 192 -24.59 -15.07 -14.31
CA ILE B 192 -23.30 -14.95 -14.93
C ILE B 192 -22.78 -16.27 -15.49
N GLN B 193 -23.15 -17.39 -14.90
CA GLN B 193 -22.63 -18.67 -15.34
C GLN B 193 -23.59 -19.27 -16.39
N ALA B 194 -24.76 -18.64 -16.52
CA ALA B 194 -25.81 -19.19 -17.37
C ALA B 194 -25.71 -18.82 -18.87
N VAL B 195 -25.24 -17.63 -19.19
CA VAL B 195 -25.34 -17.16 -20.57
C VAL B 195 -24.59 -18.10 -21.49
N GLY B 196 -25.24 -18.52 -22.57
CA GLY B 196 -24.63 -19.52 -23.46
C GLY B 196 -24.39 -20.92 -22.88
N GLN B 197 -25.02 -21.23 -21.74
CA GLN B 197 -24.94 -22.55 -21.10
C GLN B 197 -26.28 -23.19 -20.84
N LEU B 198 -27.30 -22.38 -20.62
CA LEU B 198 -28.65 -22.86 -20.45
C LEU B 198 -29.59 -21.82 -21.07
N PRO B 199 -30.84 -22.18 -21.41
CA PRO B 199 -31.69 -21.15 -22.07
C PRO B 199 -32.09 -19.99 -21.15
N LEU B 200 -31.81 -18.76 -21.56
CA LEU B 200 -32.14 -17.58 -20.76
C LEU B 200 -33.11 -16.71 -21.53
N ASP B 201 -34.19 -16.34 -20.86
CA ASP B 201 -35.23 -15.55 -21.49
C ASP B 201 -35.82 -14.65 -20.44
N PHE B 202 -35.28 -13.45 -20.42
CA PHE B 202 -35.48 -12.54 -19.32
C PHE B 202 -36.95 -12.22 -19.14
N GLY B 203 -37.63 -11.80 -20.22
CA GLY B 203 -39.06 -11.44 -20.16
C GLY B 203 -39.87 -12.59 -19.59
N ALA B 204 -39.68 -13.82 -20.11
CA ALA B 204 -40.42 -14.98 -19.64
C ALA B 204 -40.11 -15.40 -18.20
N SER B 205 -38.85 -15.32 -17.74
CA SER B 205 -38.56 -15.47 -16.29
C SER B 205 -39.33 -14.36 -15.56
N GLY B 206 -39.53 -14.43 -14.27
CA GLY B 206 -40.27 -13.24 -13.79
C GLY B 206 -39.44 -12.02 -13.44
N LEU B 207 -38.13 -12.11 -13.59
CA LEU B 207 -37.18 -11.29 -12.86
C LEU B 207 -37.31 -9.81 -13.05
N SER B 208 -37.03 -9.11 -11.95
CA SER B 208 -36.89 -7.68 -11.92
C SER B 208 -35.54 -7.31 -12.48
N ALA B 209 -34.56 -8.19 -12.31
CA ALA B 209 -33.16 -7.86 -12.62
C ALA B 209 -32.32 -9.11 -12.86
N MET B 210 -31.47 -9.08 -13.87
CA MET B 210 -30.55 -10.18 -14.11
C MET B 210 -29.16 -9.68 -14.40
N SER B 211 -28.14 -10.32 -13.88
CA SER B 211 -26.78 -9.86 -14.22
C SER B 211 -26.13 -10.80 -15.17
N VAL B 212 -25.33 -10.23 -16.08
CA VAL B 212 -24.48 -11.01 -17.00
C VAL B 212 -23.06 -10.46 -17.11
N ALA B 213 -22.10 -11.30 -17.49
CA ALA B 213 -20.70 -10.84 -17.59
C ALA B 213 -19.98 -11.38 -18.84
N GLY B 214 -19.47 -10.48 -19.68
CA GLY B 214 -18.99 -10.89 -20.99
C GLY B 214 -17.97 -12.02 -20.99
N HIS B 215 -16.94 -11.90 -20.16
CA HIS B 215 -15.81 -12.78 -20.13
C HIS B 215 -16.14 -14.17 -19.82
N PHE B 217 -18.56 -15.81 -21.21
CA PHE B 217 -18.98 -16.43 -22.45
C PHE B 217 -18.19 -16.01 -23.68
N GLY B 218 -16.98 -15.53 -23.47
CA GLY B 218 -15.99 -15.25 -24.52
C GLY B 218 -16.03 -13.86 -25.12
N GLY B 219 -16.67 -12.91 -24.42
CA GLY B 219 -16.49 -11.48 -24.68
C GLY B 219 -15.30 -10.88 -23.97
N PRO B 220 -15.12 -9.56 -24.08
CA PRO B 220 -13.98 -8.91 -23.41
C PRO B 220 -14.14 -8.95 -21.93
N PRO B 221 -13.03 -8.85 -21.21
CA PRO B 221 -13.24 -8.64 -19.79
C PRO B 221 -13.65 -7.21 -19.61
N GLY B 222 -14.04 -6.84 -18.41
CA GLY B 222 -14.32 -5.46 -18.15
C GLY B 222 -15.64 -4.98 -18.76
N VAL B 223 -16.50 -5.95 -19.13
CA VAL B 223 -17.88 -5.63 -19.57
C VAL B 223 -18.98 -6.57 -19.03
N GLY B 224 -20.15 -5.99 -18.80
CA GLY B 224 -21.30 -6.73 -18.32
C GLY B 224 -22.56 -5.98 -18.70
N ALA B 225 -23.71 -6.61 -18.37
CA ALA B 225 -24.99 -5.92 -18.27
C ALA B 225 -25.79 -6.29 -16.99
N LEU B 226 -26.63 -5.36 -16.55
CA LEU B 226 -27.74 -5.67 -15.69
C LEU B 226 -28.97 -5.55 -16.59
N LEU B 227 -29.80 -6.58 -16.68
CA LEU B 227 -31.06 -6.37 -17.34
C LEU B 227 -32.04 -6.00 -16.23
N LEU B 228 -32.87 -4.99 -16.45
CA LEU B 228 -33.66 -4.42 -15.39
C LEU B 228 -34.99 -3.95 -16.01
N ARG B 229 -36.11 -4.33 -15.40
CA ARG B 229 -37.43 -3.94 -15.91
C ARG B 229 -37.58 -2.45 -15.92
N ARG B 230 -38.15 -1.91 -17.00
CA ARG B 230 -38.48 -0.49 -17.06
C ARG B 230 -39.08 0.07 -15.77
N ASP B 231 -39.77 -0.73 -14.99
CA ASP B 231 -40.48 -0.22 -13.83
C ASP B 231 -39.86 -0.57 -12.44
N VAL B 232 -38.64 -1.05 -12.37
CA VAL B 232 -38.09 -1.26 -11.07
C VAL B 232 -37.14 -0.15 -10.79
N THR B 233 -37.41 0.59 -9.73
CA THR B 233 -36.56 1.70 -9.37
C THR B 233 -35.30 1.08 -8.84
N CYS B 234 -34.18 1.75 -9.16
CA CYS B 234 -32.83 1.34 -8.73
C CYS B 234 -31.91 2.58 -8.49
N VAL B 235 -31.34 2.71 -7.32
CA VAL B 235 -30.50 3.86 -7.09
C VAL B 235 -29.15 3.66 -7.77
N PRO B 236 -28.56 4.73 -8.35
CA PRO B 236 -27.26 4.47 -8.98
C PRO B 236 -26.12 4.24 -7.98
N LEU B 237 -25.14 3.43 -8.38
CA LEU B 237 -23.82 3.46 -7.74
C LEU B 237 -22.84 4.41 -8.44
N MET B 238 -22.95 4.59 -9.76
CA MET B 238 -22.18 5.62 -10.47
C MET B 238 -23.02 6.79 -10.99
N HIS B 239 -22.72 7.99 -10.49
CA HIS B 239 -23.34 9.28 -10.89
C HIS B 239 -22.28 10.03 -11.69
N GLY B 240 -22.50 11.04 -12.52
CA GLY B 240 -23.66 11.39 -13.33
C GLY B 240 -23.08 11.63 -14.73
N GLY B 241 -23.86 12.06 -15.71
CA GLY B 241 -25.27 12.21 -15.62
C GLY B 241 -25.97 11.12 -16.37
N GLY B 242 -25.93 9.93 -15.81
CA GLY B 242 -26.90 8.87 -16.15
C GLY B 242 -27.02 8.47 -17.61
N GLN B 243 -25.91 8.46 -18.34
CA GLN B 243 -25.94 8.04 -19.73
C GLN B 243 -26.80 6.76 -19.90
N GLU B 244 -26.81 5.88 -18.89
CA GLU B 244 -27.52 4.61 -19.05
C GLU B 244 -28.81 4.63 -18.23
N ARG B 245 -29.86 5.19 -18.84
CA ARG B 245 -31.20 5.14 -18.27
C ARG B 245 -31.22 5.78 -16.94
N ASP B 246 -30.19 6.58 -16.65
CA ASP B 246 -30.11 7.30 -15.38
C ASP B 246 -29.84 6.35 -14.21
N ILE B 247 -29.43 5.12 -14.55
CA ILE B 247 -29.10 4.09 -13.57
C ILE B 247 -27.58 3.97 -13.38
N ARG B 248 -26.83 4.15 -14.45
CA ARG B 248 -25.42 3.87 -14.42
C ARG B 248 -24.71 4.93 -15.27
N SER B 249 -23.90 5.78 -14.63
CA SER B 249 -23.14 6.80 -15.37
C SER B 249 -21.84 6.30 -15.87
N GLY B 250 -21.27 7.05 -16.80
CA GLY B 250 -19.93 6.84 -17.38
C GLY B 250 -20.08 7.08 -18.88
N THR B 251 -19.04 7.51 -19.58
CA THR B 251 -19.03 7.51 -21.03
C THR B 251 -19.22 6.09 -21.59
N PRO B 252 -20.24 5.91 -22.43
CA PRO B 252 -20.54 4.58 -23.00
C PRO B 252 -19.30 3.96 -23.65
N ASP B 253 -19.05 2.65 -23.44
CA ASP B 253 -17.81 1.99 -23.97
C ASP B 253 -18.20 1.14 -25.16
N VAL B 254 -18.24 1.78 -26.31
CA VAL B 254 -18.87 1.19 -27.45
C VAL B 254 -18.17 -0.08 -27.84
N ALA B 255 -16.85 -0.06 -27.78
CA ALA B 255 -16.12 -1.25 -28.26
C ALA B 255 -16.39 -2.53 -27.42
N SER B 256 -16.53 -2.40 -26.12
CA SER B 256 -16.78 -3.55 -25.28
C SER B 256 -18.21 -4.04 -25.39
N ALA B 257 -19.17 -3.13 -25.54
CA ALA B 257 -20.56 -3.53 -25.82
C ALA B 257 -20.62 -4.32 -27.11
N VAL B 258 -19.94 -3.83 -28.15
CA VAL B 258 -19.83 -4.55 -29.41
C VAL B 258 -19.16 -5.92 -29.29
N GLY B 259 -18.06 -5.97 -28.54
CA GLY B 259 -17.43 -7.25 -28.27
C GLY B 259 -18.40 -8.21 -27.63
N MET B 260 -19.11 -7.74 -26.60
CA MET B 260 -20.02 -8.60 -25.80
C MET B 260 -21.15 -9.10 -26.67
N ALA B 261 -21.60 -8.24 -27.57
CA ALA B 261 -22.74 -8.57 -28.38
C ALA B 261 -22.34 -9.74 -29.26
N THR B 262 -21.21 -9.59 -29.95
CA THR B 262 -20.74 -10.60 -30.87
C THR B 262 -20.61 -11.92 -30.16
N ALA B 263 -20.00 -11.91 -28.98
CA ALA B 263 -19.91 -13.13 -28.16
C ALA B 263 -21.28 -13.72 -27.80
N ALA B 264 -22.18 -12.90 -27.23
CA ALA B 264 -23.50 -13.38 -26.87
C ALA B 264 -24.16 -14.13 -28.03
N GLN B 265 -24.11 -13.51 -29.20
CA GLN B 265 -24.52 -14.12 -30.46
C GLN B 265 -23.94 -15.52 -30.65
N ILE B 266 -22.62 -15.67 -30.63
CA ILE B 266 -21.99 -16.98 -30.83
C ILE B 266 -22.46 -17.91 -29.75
N ALA B 267 -22.45 -17.44 -28.50
CA ALA B 267 -22.71 -18.34 -27.40
C ALA B 267 -24.15 -18.83 -27.34
N VAL B 268 -25.12 -17.92 -27.45
CA VAL B 268 -26.53 -18.29 -27.46
C VAL B 268 -26.99 -19.11 -28.73
N ASP B 269 -26.54 -18.70 -29.91
CA ASP B 269 -26.72 -19.47 -31.14
C ASP B 269 -26.26 -20.94 -31.03
N GLY B 270 -25.10 -21.15 -30.41
CA GLY B 270 -24.51 -22.50 -30.29
C GLY B 270 -24.87 -23.20 -28.99
N LEU B 271 -25.77 -22.60 -28.19
CA LEU B 271 -26.11 -23.13 -26.86
C LEU B 271 -26.37 -24.63 -26.86
N GLU B 272 -27.40 -25.10 -27.61
CA GLU B 272 -27.82 -26.53 -27.62
C GLU B 272 -26.69 -27.40 -28.10
N GLU B 273 -26.09 -26.99 -29.20
CA GLU B 273 -25.09 -27.82 -29.81
C GLU B 273 -23.94 -28.00 -28.83
N ASN B 274 -23.46 -26.89 -28.22
CA ASN B 274 -22.33 -26.93 -27.26
C ASN B 274 -22.62 -27.66 -25.98
N SER B 275 -23.80 -27.44 -25.42
CA SER B 275 -24.19 -28.14 -24.21
C SER B 275 -23.95 -29.62 -24.40
N ALA B 276 -24.59 -30.21 -25.41
CA ALA B 276 -24.51 -31.67 -25.58
C ALA B 276 -23.06 -32.10 -25.77
N ARG B 277 -22.26 -31.27 -26.43
CA ARG B 277 -20.89 -31.64 -26.68
C ARG B 277 -20.04 -31.61 -25.40
N LEU B 278 -20.23 -30.57 -24.55
CA LEU B 278 -19.49 -30.48 -23.29
C LEU B 278 -19.91 -31.51 -22.26
N ARG B 279 -21.19 -31.85 -22.29
CA ARG B 279 -21.73 -32.85 -21.41
C ARG B 279 -21.07 -34.25 -21.66
N LEU B 280 -20.93 -34.71 -22.93
CA LEU B 280 -20.13 -35.96 -23.19
C LEU B 280 -18.73 -35.91 -22.59
N LEU B 281 -18.00 -34.83 -22.86
CA LEU B 281 -16.69 -34.55 -22.24
C LEU B 281 -16.70 -34.51 -20.70
N ARG B 282 -17.59 -33.73 -20.08
CA ARG B 282 -17.59 -33.67 -18.64
C ARG B 282 -17.86 -35.07 -18.06
N ASP B 283 -18.87 -35.78 -18.57
CA ASP B 283 -19.22 -37.12 -18.06
C ASP B 283 -18.09 -38.17 -18.19
N ARG B 284 -17.45 -38.22 -19.36
CA ARG B 284 -16.21 -38.95 -19.53
C ARG B 284 -15.14 -38.65 -18.46
N LEU B 285 -15.00 -37.37 -18.11
CA LEU B 285 -13.99 -36.98 -17.18
C LEU B 285 -14.40 -37.37 -15.79
N VAL B 286 -15.68 -37.26 -15.48
CA VAL B 286 -16.19 -37.58 -14.17
C VAL B 286 -16.08 -39.10 -14.00
N GLU B 287 -16.51 -39.84 -15.01
CA GLU B 287 -16.41 -41.30 -14.97
C GLU B 287 -14.96 -41.73 -14.82
N GLY B 288 -14.09 -41.12 -15.64
CA GLY B 288 -12.66 -41.35 -15.52
C GLY B 288 -12.18 -41.21 -14.08
N VAL B 289 -12.43 -40.06 -13.47
CA VAL B 289 -11.89 -39.74 -12.16
C VAL B 289 -12.34 -40.70 -11.05
N LEU B 290 -13.66 -40.94 -10.95
CA LEU B 290 -14.22 -41.87 -9.95
C LEU B 290 -13.73 -43.32 -10.14
N ALA B 291 -13.48 -43.72 -11.38
CA ALA B 291 -12.90 -45.03 -11.63
C ALA B 291 -11.43 -45.09 -11.22
N GLU B 292 -10.62 -44.08 -11.54
CA GLU B 292 -9.17 -44.16 -11.25
C GLU B 292 -8.76 -43.87 -9.82
N ILE B 293 -9.59 -43.22 -9.03
CA ILE B 293 -9.12 -42.71 -7.77
C ILE B 293 -10.01 -43.12 -6.62
N ASP B 294 -9.38 -43.54 -5.52
CA ASP B 294 -10.13 -43.85 -4.31
C ASP B 294 -10.52 -42.57 -3.56
N ASP B 295 -11.68 -42.61 -2.89
CA ASP B 295 -12.14 -41.58 -1.92
C ASP B 295 -12.25 -40.22 -2.57
N VAL B 296 -13.05 -40.18 -3.62
CA VAL B 296 -13.34 -38.99 -4.37
C VAL B 296 -14.84 -38.94 -4.44
N CYS B 297 -15.44 -37.80 -4.27
CA CYS B 297 -16.84 -37.77 -4.64
C CYS B 297 -17.06 -36.58 -5.55
N LEU B 298 -18.11 -36.63 -6.35
CA LEU B 298 -18.56 -35.46 -7.11
C LEU B 298 -19.39 -34.56 -6.20
N ASN B 299 -19.19 -33.25 -6.24
CA ASN B 299 -20.18 -32.36 -5.57
C ASN B 299 -21.07 -31.60 -6.53
N GLY B 300 -22.23 -31.17 -6.03
CA GLY B 300 -23.20 -30.41 -6.81
C GLY B 300 -24.26 -31.36 -7.39
N ALA B 301 -25.22 -30.82 -8.14
CA ALA B 301 -26.38 -31.58 -8.58
C ALA B 301 -26.08 -32.56 -9.70
N ASP B 302 -27.00 -33.46 -9.98
CA ASP B 302 -26.83 -34.26 -11.20
C ASP B 302 -27.59 -33.71 -12.40
N ASP B 303 -27.21 -34.12 -13.60
CA ASP B 303 -28.03 -33.83 -14.79
C ASP B 303 -29.51 -34.09 -14.51
N PRO B 304 -30.41 -33.21 -14.99
CA PRO B 304 -30.14 -32.04 -15.79
C PRO B 304 -30.18 -30.71 -14.95
N MET B 305 -29.91 -30.75 -13.65
CA MET B 305 -29.77 -29.50 -12.89
C MET B 305 -28.29 -29.05 -12.71
N ARG B 306 -27.41 -29.47 -13.63
CA ARG B 306 -25.98 -29.17 -13.53
C ARG B 306 -25.51 -28.50 -14.82
N LEU B 307 -24.57 -27.56 -14.74
CA LEU B 307 -24.04 -26.97 -15.98
C LEU B 307 -23.28 -28.04 -16.72
N ALA B 308 -23.32 -27.92 -18.03
CA ALA B 308 -22.76 -28.91 -18.90
C ALA B 308 -21.25 -29.08 -18.69
N GLY B 309 -20.56 -27.96 -18.48
CA GLY B 309 -19.13 -27.97 -18.48
C GLY B 309 -18.47 -28.18 -17.14
N ASN B 310 -19.27 -28.30 -16.07
CA ASN B 310 -18.70 -28.23 -14.71
C ASN B 310 -18.45 -29.56 -13.97
N ALA B 311 -17.23 -29.78 -13.48
CA ALA B 311 -16.98 -30.97 -12.68
C ALA B 311 -16.31 -30.56 -11.36
N HIS B 312 -16.92 -30.90 -10.23
CA HIS B 312 -16.39 -30.65 -8.90
C HIS B 312 -16.17 -31.90 -8.07
N PHE B 313 -14.96 -32.06 -7.56
CA PHE B 313 -14.59 -33.24 -6.82
C PHE B 313 -14.04 -32.80 -5.48
N THR B 314 -14.12 -33.70 -4.52
CA THR B 314 -13.39 -33.60 -3.29
C THR B 314 -12.62 -34.89 -3.25
N PHE B 315 -11.31 -34.78 -3.08
CA PHE B 315 -10.40 -35.92 -3.01
C PHE B 315 -10.02 -35.97 -1.57
N ARG B 316 -10.37 -37.03 -0.86
CA ARG B 316 -10.06 -37.04 0.59
C ARG B 316 -8.58 -37.18 0.90
N GLY B 317 -8.15 -36.53 1.99
CA GLY B 317 -6.76 -36.56 2.41
C GLY B 317 -5.76 -35.69 1.64
N CYS B 318 -6.23 -34.69 0.86
CA CYS B 318 -5.34 -33.65 0.36
C CYS B 318 -5.82 -32.22 0.46
N GLU B 319 -4.88 -31.29 0.26
CA GLU B 319 -5.16 -29.87 0.06
C GLU B 319 -5.30 -29.62 -1.45
N GLY B 320 -6.36 -28.92 -1.83
CA GLY B 320 -6.59 -28.53 -3.22
C GLY B 320 -5.42 -27.73 -3.72
N ASP B 321 -4.83 -26.94 -2.84
CA ASP B 321 -3.65 -26.18 -3.23
C ASP B 321 -2.45 -27.02 -3.78
N ALA B 322 -2.12 -28.09 -3.06
CA ALA B 322 -1.10 -29.03 -3.47
C ALA B 322 -1.51 -29.51 -4.83
N LEU B 323 -2.76 -29.93 -4.97
CA LEU B 323 -3.20 -30.55 -6.21
C LEU B 323 -3.08 -29.63 -7.39
N LEU B 324 -3.39 -28.36 -7.14
CA LEU B 324 -3.44 -27.38 -8.16
C LEU B 324 -2.04 -27.13 -8.70
N MET B 325 -1.07 -27.02 -7.78
CA MET B 325 0.34 -26.88 -8.16
C MET B 325 0.87 -28.12 -8.91
N LEU B 326 0.56 -29.33 -8.42
CA LEU B 326 0.94 -30.54 -9.10
C LEU B 326 0.33 -30.65 -10.46
N LEU B 327 -0.96 -30.38 -10.57
CA LEU B 327 -1.59 -30.45 -11.87
C LEU B 327 -0.99 -29.42 -12.83
N ASP B 328 -0.75 -28.21 -12.31
CA ASP B 328 -0.17 -27.11 -13.08
C ASP B 328 1.22 -27.49 -13.59
N ALA B 329 2.10 -28.04 -12.74
CA ALA B 329 3.45 -28.53 -13.20
C ALA B 329 3.30 -29.50 -14.35
N ASN B 330 2.22 -30.28 -14.36
CA ASN B 330 1.95 -31.18 -15.46
C ASN B 330 1.18 -30.59 -16.64
N GLY B 331 0.93 -29.29 -16.66
CA GLY B 331 0.24 -28.64 -17.79
C GLY B 331 -1.28 -28.71 -17.75
N ILE B 332 -1.83 -29.10 -16.60
CA ILE B 332 -3.27 -29.03 -16.46
C ILE B 332 -3.74 -27.89 -15.58
N GLU B 333 -4.46 -26.96 -16.16
CA GLU B 333 -4.85 -25.75 -15.43
C GLU B 333 -6.29 -25.74 -14.92
N CYS B 334 -6.42 -25.73 -13.60
CA CYS B 334 -7.76 -25.72 -12.99
C CYS B 334 -7.79 -24.87 -11.72
N SER B 335 -8.69 -25.20 -10.81
CA SER B 335 -8.99 -24.32 -9.70
C SER B 335 -9.56 -25.04 -8.48
N THR B 336 -9.45 -24.36 -7.34
CA THR B 336 -10.13 -24.66 -6.06
C THR B 336 -11.60 -24.42 -6.04
N GLY B 337 -12.04 -23.40 -6.77
CA GLY B 337 -13.40 -22.89 -6.69
C GLY B 337 -13.49 -21.64 -5.83
N SER B 338 -12.92 -21.72 -4.62
CA SER B 338 -12.91 -20.59 -3.66
C SER B 338 -12.26 -19.32 -4.25
N PRO B 347 -11.60 -22.18 3.17
CA PRO B 347 -12.50 -23.34 2.87
C PRO B 347 -13.79 -22.87 2.19
N SER B 348 -14.16 -23.48 1.06
CA SER B 348 -15.20 -22.92 0.19
C SER B 348 -16.57 -22.68 0.90
N HIS B 349 -17.10 -21.45 0.79
CA HIS B 349 -18.29 -21.12 1.55
C HIS B 349 -19.43 -21.96 1.02
N VAL B 350 -19.34 -22.35 -0.25
CA VAL B 350 -20.36 -23.17 -0.91
C VAL B 350 -20.38 -24.59 -0.36
N LEU B 351 -19.23 -25.21 -0.21
CA LEU B 351 -19.27 -26.56 0.37
C LEU B 351 -19.71 -26.56 1.84
N ILE B 352 -19.29 -25.54 2.60
CA ILE B 352 -19.75 -25.40 3.96
C ILE B 352 -21.27 -25.36 4.01
N ALA B 353 -21.87 -24.48 3.22
CA ALA B 353 -23.32 -24.41 3.13
C ALA B 353 -23.91 -25.71 2.64
N MET B 354 -23.14 -26.55 1.96
CA MET B 354 -23.67 -27.84 1.49
C MET B 354 -23.56 -28.99 2.48
N GLY B 355 -23.09 -28.69 3.67
CA GLY B 355 -23.03 -29.69 4.74
C GLY B 355 -21.69 -30.41 4.86
N VAL B 356 -20.81 -30.24 3.87
CA VAL B 356 -19.46 -30.78 3.90
C VAL B 356 -18.64 -30.05 4.96
N ASP B 357 -17.86 -30.79 5.74
CA ASP B 357 -17.11 -30.18 6.85
C ASP B 357 -15.83 -29.58 6.31
N ALA B 358 -15.33 -28.57 7.04
CA ALA B 358 -14.14 -27.79 6.64
C ALA B 358 -12.93 -28.62 6.22
N ALA B 359 -12.68 -29.72 6.95
CA ALA B 359 -11.50 -30.56 6.71
C ALA B 359 -11.55 -31.22 5.32
N SER B 360 -12.61 -31.95 5.00
CA SER B 360 -12.61 -32.57 3.68
C SER B 360 -12.97 -31.60 2.56
N ALA B 361 -13.56 -30.45 2.90
CA ALA B 361 -13.78 -29.40 1.91
C ALA B 361 -12.48 -28.89 1.29
N ARG B 362 -11.38 -28.96 2.04
CA ARG B 362 -10.11 -28.46 1.55
C ARG B 362 -9.51 -29.30 0.43
N GLY B 363 -10.00 -30.54 0.27
CA GLY B 363 -9.54 -31.41 -0.82
C GLY B 363 -10.21 -31.21 -2.17
N SER B 364 -10.62 -29.97 -2.47
CA SER B 364 -11.49 -29.67 -3.61
C SER B 364 -10.86 -29.15 -4.89
N LEU B 365 -11.41 -29.63 -6.00
CA LEU B 365 -10.94 -29.24 -7.28
C LEU B 365 -12.10 -29.01 -8.24
N ARG B 366 -12.01 -27.91 -9.00
CA ARG B 366 -13.02 -27.61 -10.02
C ARG B 366 -12.38 -27.66 -11.35
N LEU B 367 -12.86 -28.59 -12.16
CA LEU B 367 -12.39 -28.79 -13.52
C LEU B 367 -13.48 -28.33 -14.45
N SER B 368 -13.26 -27.31 -15.25
CA SER B 368 -14.40 -26.68 -15.96
C SER B 368 -14.13 -26.45 -17.43
N LEU B 369 -15.02 -26.94 -18.29
CA LEU B 369 -14.79 -26.97 -19.74
C LEU B 369 -15.55 -25.87 -20.41
N GLY B 370 -15.11 -25.47 -21.61
CA GLY B 370 -15.72 -24.37 -22.31
C GLY B 370 -15.63 -24.50 -23.82
N HIS B 371 -15.95 -23.43 -24.53
CA HIS B 371 -16.05 -23.53 -25.98
C HIS B 371 -14.80 -24.09 -26.65
N THR B 372 -13.62 -23.93 -26.04
CA THR B 372 -12.39 -24.44 -26.71
C THR B 372 -11.94 -25.86 -26.28
N SER B 373 -12.65 -26.48 -25.35
CA SER B 373 -12.19 -27.73 -24.78
C SER B 373 -12.29 -28.83 -25.83
N VAL B 374 -11.32 -29.73 -25.86
CA VAL B 374 -11.35 -30.82 -26.81
C VAL B 374 -11.19 -32.13 -26.03
N GLU B 375 -11.39 -33.25 -26.71
CA GLU B 375 -11.13 -34.60 -26.16
C GLU B 375 -9.82 -34.70 -25.34
N ALA B 376 -8.71 -34.35 -25.98
CA ALA B 376 -7.38 -34.44 -25.32
C ALA B 376 -7.19 -33.71 -23.96
N ASP B 377 -7.92 -32.62 -23.69
CA ASP B 377 -7.92 -31.94 -22.36
C ASP B 377 -8.41 -32.91 -21.25
N VAL B 378 -9.46 -33.65 -21.60
CA VAL B 378 -9.94 -34.72 -20.76
C VAL B 378 -8.95 -35.91 -20.69
N ASP B 379 -8.31 -36.31 -21.79
CA ASP B 379 -7.27 -37.40 -21.70
C ASP B 379 -6.08 -36.99 -20.80
N ALA B 380 -5.67 -35.73 -20.90
CA ALA B 380 -4.56 -35.28 -20.10
C ALA B 380 -4.94 -35.22 -18.62
N ALA B 381 -6.12 -34.69 -18.28
CA ALA B 381 -6.53 -34.64 -16.90
C ALA B 381 -6.53 -36.06 -16.35
N LEU B 382 -7.08 -36.98 -17.14
CA LEU B 382 -7.21 -38.36 -16.71
C LEU B 382 -5.88 -39.09 -16.53
N GLU B 383 -4.90 -38.80 -17.35
CA GLU B 383 -3.58 -39.36 -17.22
C GLU B 383 -2.81 -38.91 -15.97
N VAL B 384 -2.90 -37.61 -15.72
CA VAL B 384 -2.00 -36.92 -14.80
C VAL B 384 -2.52 -37.01 -13.39
N LEU B 385 -3.83 -37.05 -13.25
CA LEU B 385 -4.46 -36.87 -11.97
C LEU B 385 -4.12 -37.97 -10.92
N PRO B 386 -4.01 -39.27 -11.33
CA PRO B 386 -3.75 -40.28 -10.27
C PRO B 386 -2.42 -40.09 -9.53
N GLY B 387 -1.35 -39.81 -10.26
CA GLY B 387 -0.03 -39.53 -9.68
C GLY B 387 -0.02 -38.23 -8.89
N ALA B 388 -0.72 -37.20 -9.41
CA ALA B 388 -0.89 -35.95 -8.66
C ALA B 388 -1.64 -36.16 -7.33
N VAL B 389 -2.81 -36.76 -7.39
CA VAL B 389 -3.50 -37.05 -6.15
C VAL B 389 -2.65 -37.90 -5.17
N ALA B 390 -1.90 -38.89 -5.66
CA ALA B 390 -1.09 -39.74 -4.77
C ALA B 390 -0.02 -38.92 -4.10
N ARG B 391 0.66 -38.06 -4.87
CA ARG B 391 1.65 -37.16 -4.29
C ARG B 391 1.07 -36.16 -3.30
N ALA B 392 -0.10 -35.59 -3.61
CA ALA B 392 -0.69 -34.65 -2.66
C ALA B 392 -1.09 -35.36 -1.39
N ARG B 393 -1.53 -36.61 -1.53
CA ARG B 393 -1.94 -37.39 -0.36
C ARG B 393 -0.74 -37.75 0.52
N ARG B 394 0.41 -38.12 -0.09
CA ARG B 394 1.63 -38.31 0.67
C ARG B 394 2.11 -36.99 1.31
N ALA B 395 1.98 -35.86 0.61
CA ALA B 395 2.42 -34.59 1.21
C ALA B 395 1.63 -34.23 2.43
N ALA B 396 0.34 -34.55 2.46
CA ALA B 396 -0.46 -34.08 3.58
C ALA B 396 -0.35 -35.02 4.78
N LEU B 397 -0.28 -36.34 4.52
CA LEU B 397 -0.18 -37.38 5.55
C LEU B 397 1.07 -37.18 6.39
N SER C 12 29.19 -45.38 24.77
CA SER C 12 29.23 -43.98 24.29
C SER C 12 27.97 -43.70 23.45
N ALA C 13 27.01 -43.05 24.07
CA ALA C 13 25.71 -42.77 23.46
C ALA C 13 25.68 -41.40 22.74
N TYR C 14 25.49 -41.43 21.41
CA TYR C 14 25.45 -40.23 20.56
C TYR C 14 24.02 -39.67 20.40
N LEU C 15 23.80 -38.46 20.91
CA LEU C 15 22.47 -37.92 20.96
C LEU C 15 22.46 -36.50 20.41
N ASP C 16 23.10 -36.35 19.24
CA ASP C 16 23.41 -35.02 18.68
C ASP C 16 23.21 -35.06 17.19
N HIS C 17 22.33 -35.97 16.79
CA HIS C 17 22.05 -36.16 15.39
C HIS C 17 21.63 -34.94 14.67
N ALA C 18 21.20 -33.92 15.37
CA ALA C 18 20.68 -32.73 14.74
C ALA C 18 21.84 -31.79 14.36
N ALA C 19 23.01 -32.00 14.97
CA ALA C 19 24.25 -31.31 14.58
C ALA C 19 24.95 -32.02 13.41
N THR C 20 24.97 -33.35 13.46
CA THR C 20 25.37 -34.18 12.35
C THR C 20 24.91 -35.64 12.57
N THR C 21 24.62 -36.36 11.51
CA THR C 21 24.22 -37.77 11.69
C THR C 21 25.28 -38.66 11.03
N PRO C 22 25.48 -39.87 11.52
CA PRO C 22 26.53 -40.66 10.91
C PRO C 22 26.31 -40.91 9.41
N MET C 23 27.37 -40.80 8.62
CA MET C 23 27.30 -41.07 7.19
C MET C 23 26.88 -42.52 6.87
N HIS C 24 25.95 -42.68 5.93
CA HIS C 24 25.52 -44.01 5.49
C HIS C 24 26.64 -44.78 4.83
N PRO C 25 26.88 -46.04 5.25
CA PRO C 25 28.09 -46.72 4.72
C PRO C 25 28.00 -46.97 3.25
N ALA C 26 26.79 -47.14 2.72
CA ALA C 26 26.64 -47.25 1.26
C ALA C 26 27.00 -45.92 0.56
N ALA C 27 26.77 -44.80 1.25
CA ALA C 27 27.11 -43.49 0.72
C ALA C 27 28.61 -43.33 0.70
N ILE C 28 29.28 -43.81 1.77
CA ILE C 28 30.76 -43.90 1.75
C ILE C 28 31.30 -44.71 0.55
N GLU C 29 30.80 -45.92 0.34
CA GLU C 29 31.18 -46.71 -0.85
C GLU C 29 30.98 -46.05 -2.21
N ALA C 30 29.77 -45.60 -2.50
CA ALA C 30 29.50 -44.94 -3.76
C ALA C 30 30.50 -43.81 -3.99
N MET C 31 30.88 -43.11 -2.92
CA MET C 31 31.70 -41.90 -3.06
C MET C 31 33.13 -42.31 -3.35
N ALA C 32 33.59 -43.33 -2.62
CA ALA C 32 34.88 -43.98 -2.86
C ALA C 32 35.03 -44.42 -4.29
N ALA C 33 34.01 -45.12 -4.79
CA ALA C 33 34.03 -45.60 -6.17
C ALA C 33 34.22 -44.45 -7.17
N VAL C 34 33.50 -43.34 -6.99
CA VAL C 34 33.62 -42.20 -7.91
C VAL C 34 35.01 -41.58 -7.90
N GLN C 35 35.62 -41.52 -6.74
CA GLN C 35 36.89 -40.86 -6.62
C GLN C 35 38.01 -41.69 -7.20
N ARG C 36 37.68 -42.94 -7.55
CA ARG C 36 38.60 -43.87 -8.19
C ARG C 36 38.64 -43.69 -9.69
N THR C 37 37.68 -42.97 -10.25
CA THR C 37 37.63 -42.75 -11.68
C THR C 37 38.06 -41.34 -11.97
N ILE C 38 38.54 -41.08 -13.19
CA ILE C 38 39.04 -39.76 -13.57
C ILE C 38 38.05 -39.07 -14.46
N GLY C 39 37.71 -37.82 -14.16
CA GLY C 39 36.96 -37.02 -15.12
C GLY C 39 36.25 -35.76 -14.63
N ASN C 40 36.39 -34.70 -15.41
CA ASN C 40 35.71 -33.47 -15.20
C ASN C 40 34.36 -33.46 -15.92
N ALA C 41 33.32 -33.23 -15.17
CA ALA C 41 32.01 -33.37 -15.77
C ALA C 41 31.72 -32.36 -16.94
N SER C 42 32.62 -31.39 -17.15
CA SER C 42 32.36 -30.30 -18.08
C SER C 42 33.15 -30.62 -19.29
N SER C 43 34.07 -31.58 -19.16
CA SER C 43 34.90 -32.10 -20.29
C SER C 43 34.10 -32.87 -21.34
N LEU C 44 34.43 -32.66 -22.58
CA LEU C 44 33.73 -33.26 -23.74
C LEU C 44 34.24 -34.67 -24.18
N HIS C 45 35.40 -35.08 -23.71
CA HIS C 45 35.85 -36.45 -23.94
C HIS C 45 35.09 -37.50 -23.17
N THR C 46 35.48 -38.76 -23.33
CA THR C 46 34.75 -39.91 -22.75
C THR C 46 34.67 -39.88 -21.24
N SER C 47 35.81 -39.71 -20.57
CA SER C 47 35.80 -39.72 -19.11
C SER C 47 34.91 -38.60 -18.63
N GLY C 48 34.97 -37.46 -19.31
CA GLY C 48 34.18 -36.31 -18.96
C GLY C 48 32.69 -36.63 -19.06
N ARG C 49 32.29 -37.21 -20.21
CA ARG C 49 30.90 -37.56 -20.44
C ARG C 49 30.41 -38.58 -19.40
N SER C 50 31.29 -39.45 -18.95
CA SER C 50 31.00 -40.33 -17.82
C SER C 50 30.74 -39.62 -16.52
N ALA C 51 31.65 -38.70 -16.16
CA ALA C 51 31.46 -37.90 -14.96
C ALA C 51 30.06 -37.21 -15.04
N ARG C 52 29.78 -36.56 -16.17
CA ARG C 52 28.53 -35.87 -16.40
C ARG C 52 27.36 -36.85 -16.20
N ARG C 53 27.43 -38.02 -16.83
CA ARG C 53 26.39 -39.04 -16.72
C ARG C 53 26.16 -39.41 -15.25
N ARG C 54 27.23 -39.56 -14.48
CA ARG C 54 27.13 -39.82 -13.03
C ARG C 54 26.51 -38.69 -12.22
N ILE C 55 26.99 -37.47 -12.40
CA ILE C 55 26.34 -36.39 -11.68
C ILE C 55 24.85 -36.26 -12.09
N GLU C 56 24.55 -36.26 -13.38
CA GLU C 56 23.16 -36.09 -13.82
C GLU C 56 22.22 -37.17 -13.21
N GLU C 57 22.73 -38.36 -12.90
CA GLU C 57 21.89 -39.42 -12.33
C GLU C 57 21.61 -39.17 -10.89
N ALA C 58 22.65 -38.75 -10.15
CA ALA C 58 22.53 -38.30 -8.79
C ALA C 58 21.46 -37.20 -8.69
N ARG C 59 21.63 -36.14 -9.49
CA ARG C 59 20.66 -35.09 -9.57
C ARG C 59 19.22 -35.61 -9.72
N GLU C 60 19.01 -36.56 -10.66
CA GLU C 60 17.71 -37.16 -10.92
C GLU C 60 17.17 -37.91 -9.71
N LEU C 61 18.03 -38.67 -9.06
CA LEU C 61 17.69 -39.38 -7.83
C LEU C 61 17.23 -38.39 -6.74
N ILE C 62 18.00 -37.31 -6.55
CA ILE C 62 17.65 -36.28 -5.62
C ILE C 62 16.30 -35.62 -5.96
N ALA C 63 16.13 -35.13 -7.19
CA ALA C 63 14.85 -34.57 -7.64
C ALA C 63 13.63 -35.45 -7.33
N ASP C 64 13.67 -36.67 -7.85
CA ASP C 64 12.68 -37.67 -7.54
C ASP C 64 12.33 -37.72 -6.06
N LYS C 65 13.32 -37.91 -5.21
CA LYS C 65 13.09 -38.05 -3.78
C LYS C 65 12.56 -36.81 -3.09
N LEU C 66 12.81 -35.63 -3.67
CA LEU C 66 12.34 -34.37 -3.10
C LEU C 66 11.15 -33.72 -3.88
N GLY C 67 10.48 -34.50 -4.75
CA GLY C 67 9.42 -33.97 -5.64
C GLY C 67 9.82 -32.73 -6.46
N ALA C 68 11.05 -32.72 -6.96
CA ALA C 68 11.51 -31.64 -7.85
C ALA C 68 11.73 -32.19 -9.23
N ARG C 69 11.75 -31.30 -10.22
CA ARG C 69 12.19 -31.62 -11.54
C ARG C 69 13.73 -31.60 -11.44
N PRO C 70 14.44 -32.51 -12.14
CA PRO C 70 15.95 -32.52 -12.17
C PRO C 70 16.62 -31.16 -12.26
N SER C 71 16.19 -30.35 -13.22
CA SER C 71 16.77 -29.04 -13.43
C SER C 71 16.43 -28.06 -12.31
N GLU C 72 15.59 -28.47 -11.39
CA GLU C 72 15.35 -27.65 -10.23
C GLU C 72 16.47 -27.78 -9.22
N VAL C 73 17.21 -28.89 -9.29
CA VAL C 73 18.32 -29.15 -8.36
C VAL C 73 19.61 -28.45 -8.75
N ILE C 74 20.05 -27.55 -7.88
CA ILE C 74 21.35 -26.94 -7.97
C ILE C 74 22.25 -27.42 -6.81
N PHE C 75 23.39 -28.05 -7.15
CA PHE C 75 24.35 -28.51 -6.15
C PHE C 75 25.14 -27.36 -5.51
N THR C 76 25.32 -27.44 -4.19
CA THR C 76 26.08 -26.45 -3.44
C THR C 76 27.00 -27.17 -2.51
N ALA C 77 27.76 -26.42 -1.71
CA ALA C 77 28.72 -27.03 -0.81
C ALA C 77 28.15 -27.30 0.58
N GLY C 78 26.84 -27.38 0.70
CA GLY C 78 26.20 -27.49 1.99
C GLY C 78 24.99 -26.60 2.22
N GLY C 79 24.42 -26.75 3.40
CA GLY C 79 23.23 -25.98 3.79
C GLY C 79 23.49 -24.51 4.01
N THR C 80 24.66 -24.15 4.49
CA THR C 80 24.97 -22.74 4.69
C THR C 80 25.02 -22.05 3.32
N GLU C 81 25.73 -22.67 2.37
CA GLU C 81 25.85 -22.13 1.01
C GLU C 81 24.48 -22.01 0.36
N SER C 82 23.72 -23.09 0.46
CA SER C 82 22.39 -23.13 -0.06
C SER C 82 21.49 -21.99 0.53
N ASP C 83 21.56 -21.71 1.83
CA ASP C 83 20.72 -20.65 2.43
C ASP C 83 21.18 -19.29 1.96
N ASN C 84 22.50 -19.16 1.86
CA ASN C 84 23.09 -17.91 1.48
C ASN C 84 22.72 -17.56 0.03
N LEU C 85 22.77 -18.54 -0.84
CA LEU C 85 22.51 -18.29 -2.22
C LEU C 85 21.06 -17.86 -2.40
N ALA C 86 20.16 -18.53 -1.69
CA ALA C 86 18.75 -18.28 -1.81
C ALA C 86 18.41 -16.91 -1.30
N VAL C 87 18.91 -16.56 -0.10
CA VAL C 87 18.50 -15.33 0.55
C VAL C 87 19.18 -14.14 -0.16
N LYS C 88 20.50 -14.11 -0.18
CA LYS C 88 21.14 -13.00 -0.85
C LYS C 88 20.81 -12.98 -2.35
N GLY C 89 20.93 -14.11 -3.03
CA GLY C 89 20.79 -14.13 -4.49
C GLY C 89 19.40 -13.78 -5.00
N ILE C 90 18.37 -14.20 -4.28
CA ILE C 90 17.05 -13.86 -4.69
C ILE C 90 16.74 -12.42 -4.27
N TYR C 91 17.17 -12.02 -3.06
CA TYR C 91 17.09 -10.61 -2.70
C TYR C 91 17.64 -9.77 -3.82
N TRP C 92 18.89 -9.97 -4.16
CA TRP C 92 19.46 -9.12 -5.19
C TRP C 92 18.64 -9.17 -6.49
N ALA C 93 18.14 -10.35 -6.86
CA ALA C 93 17.41 -10.48 -8.12
C ALA C 93 16.14 -9.65 -8.05
N ARG C 94 15.44 -9.74 -6.93
CA ARG C 94 14.32 -8.87 -6.73
C ARG C 94 14.61 -7.35 -6.62
N ARG C 95 15.56 -6.96 -5.77
CA ARG C 95 15.96 -5.55 -5.61
C ARG C 95 16.45 -4.93 -6.94
N ASP C 96 17.31 -5.64 -7.65
CA ASP C 96 17.84 -5.12 -8.92
C ASP C 96 16.73 -4.91 -9.97
N ALA C 97 15.65 -5.70 -9.90
CA ALA C 97 14.59 -5.54 -10.89
C ALA C 97 13.64 -4.38 -10.52
N GLU C 98 13.32 -4.21 -9.24
CA GLU C 98 12.48 -3.10 -8.78
C GLU C 98 13.08 -2.58 -7.49
N PRO C 99 13.96 -1.55 -7.57
CA PRO C 99 14.78 -1.06 -6.42
C PRO C 99 14.00 -0.77 -5.14
N HIS C 100 12.68 -0.79 -5.20
CA HIS C 100 11.86 -0.50 -4.04
C HIS C 100 11.66 -1.74 -3.17
N ARG C 101 11.73 -2.94 -3.78
CA ARG C 101 11.58 -4.20 -3.04
C ARG C 101 12.87 -4.51 -2.31
N ARG C 102 12.94 -4.15 -1.04
CA ARG C 102 14.17 -4.26 -0.32
C ARG C 102 13.91 -4.98 0.96
N ARG C 103 12.71 -5.54 1.08
CA ARG C 103 12.27 -6.09 2.36
C ARG C 103 12.31 -7.59 2.42
N ILE C 104 12.88 -8.12 3.49
CA ILE C 104 12.88 -9.53 3.70
C ILE C 104 11.95 -9.91 4.85
N VAL C 105 11.03 -10.84 4.58
CA VAL C 105 10.15 -11.31 5.63
C VAL C 105 10.59 -12.69 6.04
N THR C 106 10.92 -12.82 7.33
CA THR C 106 11.53 -14.03 7.86
C THR C 106 11.09 -14.25 9.29
N THR C 107 11.44 -15.39 9.89
CA THR C 107 11.03 -15.70 11.29
C THR C 107 12.23 -15.46 12.19
N GLU C 108 12.03 -15.31 13.50
CA GLU C 108 13.15 -15.03 14.43
C GLU C 108 13.77 -16.30 14.91
N VAL C 109 13.21 -17.43 14.49
CA VAL C 109 13.77 -18.71 14.85
C VAL C 109 14.73 -19.32 13.82
N GLU C 110 15.05 -18.60 12.78
CA GLU C 110 15.83 -19.18 11.70
C GLU C 110 17.25 -19.59 12.13
N HIS C 111 17.82 -20.55 11.40
CA HIS C 111 19.21 -20.98 11.60
C HIS C 111 20.10 -19.81 11.26
N HIS C 112 21.28 -19.76 11.84
CA HIS C 112 22.14 -18.63 11.63
C HIS C 112 22.47 -18.36 10.18
N ALA C 113 22.54 -19.40 9.37
CA ALA C 113 22.88 -19.23 7.96
C ALA C 113 21.83 -18.37 7.24
N VAL C 114 20.61 -18.29 7.76
CA VAL C 114 19.62 -17.34 7.24
C VAL C 114 19.71 -15.99 7.99
N LEU C 115 19.61 -16.00 9.33
CA LEU C 115 19.70 -14.76 10.14
C LEU C 115 20.86 -13.87 9.77
N ASP C 116 22.05 -14.45 9.68
CA ASP C 116 23.24 -13.69 9.37
C ASP C 116 23.27 -13.25 7.91
N SER C 117 22.59 -13.97 7.01
CA SER C 117 22.53 -13.53 5.64
C SER C 117 21.62 -12.32 5.61
N VAL C 118 20.46 -12.47 6.27
CA VAL C 118 19.49 -11.38 6.38
C VAL C 118 20.13 -10.15 6.98
N ASN C 119 20.76 -10.33 8.11
CA ASN C 119 21.51 -9.24 8.67
C ASN C 119 22.56 -8.50 7.85
N TRP C 120 23.32 -9.25 7.07
CA TRP C 120 24.36 -8.66 6.24
C TRP C 120 23.76 -7.84 5.16
N LEU C 121 22.62 -8.29 4.62
CA LEU C 121 21.87 -7.54 3.63
C LEU C 121 21.34 -6.22 4.20
N VAL C 122 20.83 -6.28 5.44
CA VAL C 122 20.38 -5.09 6.17
C VAL C 122 21.56 -4.10 6.32
N GLU C 123 22.67 -4.54 6.88
CA GLU C 123 23.88 -3.70 7.06
C GLU C 123 24.53 -3.25 5.80
N HIS C 124 24.47 -4.02 4.73
CA HIS C 124 25.37 -3.76 3.61
C HIS C 124 24.65 -3.50 2.30
N GLU C 125 23.44 -4.01 2.11
CA GLU C 125 22.76 -3.97 0.82
C GLU C 125 21.43 -3.23 0.87
N GLY C 126 21.28 -2.36 1.87
CA GLY C 126 20.03 -1.65 2.13
C GLY C 126 18.75 -2.42 2.42
N ALA C 127 18.81 -3.70 2.79
CA ALA C 127 17.62 -4.48 3.08
C ALA C 127 16.84 -3.92 4.26
N HIS C 128 15.57 -4.33 4.37
CA HIS C 128 14.76 -4.12 5.55
C HIS C 128 14.19 -5.47 5.92
N VAL C 129 13.92 -5.67 7.21
CA VAL C 129 13.44 -6.93 7.73
C VAL C 129 12.19 -6.74 8.58
N THR C 130 11.15 -7.51 8.28
CA THR C 130 10.02 -7.71 9.18
C THR C 130 10.07 -9.12 9.74
N TRP C 131 10.09 -9.22 11.05
CA TRP C 131 10.09 -10.49 11.74
C TRP C 131 8.69 -10.88 12.03
N LEU C 132 8.28 -12.02 11.50
CA LEU C 132 7.02 -12.61 11.87
C LEU C 132 7.03 -12.93 13.38
N PRO C 133 5.90 -12.68 14.09
CA PRO C 133 5.80 -13.05 15.52
C PRO C 133 5.93 -14.55 15.75
N THR C 134 6.55 -14.93 16.88
CA THR C 134 6.75 -16.32 17.22
C THR C 134 5.89 -16.74 18.38
N ALA C 135 5.24 -17.86 18.27
CA ALA C 135 4.42 -18.39 19.38
C ALA C 135 5.30 -19.05 20.50
N ALA C 136 4.77 -19.21 21.71
CA ALA C 136 5.45 -19.98 22.79
C ALA C 136 6.04 -21.31 22.27
N ASP C 137 5.36 -21.79 21.24
CA ASP C 137 5.59 -23.03 20.55
C ASP C 137 6.93 -23.16 19.82
N GLY C 138 7.48 -22.02 19.44
CA GLY C 138 8.50 -22.01 18.42
C GLY C 138 7.85 -21.80 17.06
N SER C 139 6.53 -21.69 17.06
CA SER C 139 5.80 -21.77 15.83
C SER C 139 5.47 -20.40 15.21
N VAL C 140 5.10 -20.40 13.94
CA VAL C 140 4.68 -19.18 13.25
C VAL C 140 3.55 -19.60 12.31
N SER C 141 2.62 -18.68 11.99
CA SER C 141 1.36 -19.05 11.28
C SER C 141 1.17 -18.41 9.90
N ALA C 142 0.33 -19.06 9.10
CA ALA C 142 0.00 -18.51 7.79
C ALA C 142 -0.63 -17.13 7.89
N THR C 143 -1.47 -16.89 8.89
CA THR C 143 -2.13 -15.58 9.05
C THR C 143 -1.10 -14.49 9.26
N ALA C 144 -0.09 -14.79 10.07
CA ALA C 144 0.85 -13.76 10.40
C ALA C 144 1.58 -13.34 9.13
N LEU C 145 1.77 -14.28 8.20
CA LEU C 145 2.44 -13.97 6.97
C LEU C 145 1.56 -13.09 6.10
N ARG C 146 0.29 -13.49 5.93
CA ARG C 146 -0.74 -12.61 5.34
C ARG C 146 -0.66 -11.16 5.79
N GLU C 147 -0.75 -10.92 7.09
CA GLU C 147 -0.76 -9.55 7.59
C GLU C 147 0.52 -8.83 7.20
N ALA C 148 1.62 -9.56 7.17
CA ALA C 148 2.89 -8.88 6.87
C ALA C 148 2.99 -8.47 5.40
N LEU C 149 2.44 -9.30 4.51
CA LEU C 149 2.39 -8.99 3.07
C LEU C 149 1.29 -7.98 2.65
N GLN C 150 0.13 -8.04 3.30
CA GLN C 150 -0.88 -7.00 3.15
C GLN C 150 -0.32 -5.66 3.57
N SER C 151 0.34 -5.62 4.71
CA SER C 151 0.72 -4.31 5.21
C SER C 151 2.07 -3.78 4.69
N HIS C 152 2.66 -4.44 3.69
CA HIS C 152 3.92 -3.94 3.08
C HIS C 152 3.94 -4.13 1.60
N ASP C 153 4.34 -3.10 0.87
CA ASP C 153 4.31 -3.17 -0.59
C ASP C 153 5.74 -3.30 -1.18
N ASP C 154 6.73 -3.52 -0.32
CA ASP C 154 8.12 -3.54 -0.77
C ASP C 154 8.85 -4.89 -0.55
N VAL C 155 8.13 -5.99 -0.48
CA VAL C 155 8.82 -7.21 -0.03
C VAL C 155 9.50 -7.95 -1.21
N ALA C 156 10.80 -8.11 -1.08
CA ALA C 156 11.58 -8.84 -2.04
C ALA C 156 11.45 -10.34 -1.90
N LEU C 157 11.36 -10.85 -0.67
CA LEU C 157 11.52 -12.29 -0.48
C LEU C 157 10.96 -12.78 0.87
N VAL C 158 10.41 -14.00 0.90
CA VAL C 158 10.00 -14.63 2.13
C VAL C 158 10.90 -15.86 2.40
N SER C 159 11.35 -16.02 3.66
CA SER C 159 12.12 -17.19 4.09
C SER C 159 11.68 -17.69 5.45
N VAL C 160 11.14 -18.91 5.48
CA VAL C 160 10.67 -19.53 6.73
C VAL C 160 11.14 -20.99 6.70
N MET C 161 11.71 -21.46 7.79
CA MET C 161 12.37 -22.76 7.81
C MET C 161 11.29 -23.79 8.01
N TRP C 162 11.46 -24.97 7.40
CA TRP C 162 10.42 -25.97 7.49
C TRP C 162 10.35 -26.63 8.84
N ALA C 163 11.50 -26.83 9.47
CA ALA C 163 11.51 -27.34 10.82
C ALA C 163 12.67 -26.77 11.60
N ASN C 164 12.44 -26.46 12.86
CA ASN C 164 13.46 -25.88 13.67
C ASN C 164 14.50 -26.90 14.14
N ASN C 165 15.77 -26.50 14.07
CA ASN C 165 16.88 -27.37 14.44
C ASN C 165 17.14 -27.44 15.95
N GLU C 166 16.55 -26.55 16.74
CA GLU C 166 16.71 -26.60 18.20
C GLU C 166 15.55 -27.31 18.84
N VAL C 167 14.35 -26.74 18.73
CA VAL C 167 13.21 -27.28 19.48
C VAL C 167 12.28 -28.26 18.76
N GLY C 168 12.55 -28.57 17.50
CA GLY C 168 11.81 -29.59 16.75
C GLY C 168 10.52 -29.19 16.04
N THR C 169 10.11 -27.95 16.16
CA THR C 169 8.83 -27.54 15.68
C THR C 169 8.78 -27.51 14.16
N ILE C 170 7.71 -28.11 13.62
CA ILE C 170 7.42 -28.04 12.17
C ILE C 170 6.50 -26.86 11.89
N LEU C 171 6.84 -26.06 10.89
CA LEU C 171 6.01 -24.89 10.52
C LEU C 171 5.13 -25.14 9.31
N PRO C 172 4.03 -24.37 9.19
CA PRO C 172 3.01 -24.64 8.14
C PRO C 172 3.38 -24.08 6.75
N ILE C 173 4.39 -24.67 6.15
CA ILE C 173 5.03 -24.18 4.92
C ILE C 173 4.07 -24.27 3.75
N ALA C 174 3.40 -25.43 3.58
CA ALA C 174 2.44 -25.54 2.46
C ALA C 174 1.46 -24.35 2.52
N GLU C 175 0.85 -24.08 3.67
CA GLU C 175 -0.14 -23.01 3.66
C GLU C 175 0.47 -21.63 3.69
N MET C 176 1.74 -21.50 4.07
CA MET C 176 2.37 -20.20 4.01
C MET C 176 2.81 -19.89 2.60
N SER C 177 3.19 -20.97 1.91
CA SER C 177 3.66 -20.93 0.53
C SER C 177 2.58 -20.37 -0.43
N VAL C 178 1.34 -20.79 -0.17
CA VAL C 178 0.17 -20.35 -0.90
C VAL C 178 -0.07 -18.85 -0.69
N VAL C 179 0.07 -18.38 0.55
CA VAL C 179 -0.04 -16.96 0.81
C VAL C 179 1.00 -16.15 0.05
N ALA C 180 2.24 -16.63 0.07
CA ALA C 180 3.29 -15.95 -0.68
C ALA C 180 2.93 -15.89 -2.15
N MET C 181 2.39 -16.99 -2.69
CA MET C 181 1.98 -17.07 -4.10
C MET C 181 0.93 -16.00 -4.45
N GLU C 182 -0.12 -15.92 -3.62
CA GLU C 182 -1.13 -14.87 -3.76
C GLU C 182 -0.65 -13.41 -3.79
N PHE C 183 0.47 -13.09 -3.15
CA PHE C 183 0.98 -11.69 -3.25
C PHE C 183 2.14 -11.62 -4.22
N GLY C 184 2.35 -12.71 -4.96
CA GLY C 184 3.40 -12.82 -5.98
C GLY C 184 4.80 -12.55 -5.46
N VAL C 185 5.09 -13.13 -4.29
CA VAL C 185 6.38 -12.92 -3.62
C VAL C 185 7.07 -14.28 -3.49
N PRO C 186 8.32 -14.39 -3.99
CA PRO C 186 8.93 -15.69 -3.89
C PRO C 186 9.19 -16.07 -2.42
N MET C 187 9.11 -17.36 -2.11
CA MET C 187 9.34 -17.85 -0.76
C MET C 187 10.41 -18.91 -0.81
N HIS C 188 11.32 -18.83 0.15
CA HIS C 188 12.34 -19.85 0.34
C HIS C 188 12.07 -20.54 1.65
N SER C 189 12.43 -21.81 1.77
CA SER C 189 12.34 -22.47 3.07
C SER C 189 13.59 -23.28 3.32
N ASP C 190 14.24 -23.03 4.44
CA ASP C 190 15.31 -23.88 4.92
C ASP C 190 14.77 -25.25 5.38
N ALA C 191 14.84 -26.28 4.53
CA ALA C 191 14.27 -27.64 4.85
C ALA C 191 15.35 -28.63 5.34
N ILE C 192 16.46 -28.05 5.80
CA ILE C 192 17.61 -28.83 6.11
C ILE C 192 17.33 -29.89 7.17
N GLN C 193 16.36 -29.63 8.05
CA GLN C 193 16.08 -30.58 9.11
C GLN C 193 15.00 -31.51 8.67
N ALA C 194 14.32 -31.17 7.58
CA ALA C 194 13.15 -31.96 7.21
C ALA C 194 13.43 -33.20 6.34
N VAL C 195 14.48 -33.16 5.52
CA VAL C 195 14.81 -34.25 4.62
C VAL C 195 15.06 -35.53 5.40
N GLY C 196 14.36 -36.61 5.05
CA GLY C 196 14.43 -37.86 5.80
C GLY C 196 13.67 -37.88 7.12
N GLN C 197 13.16 -36.74 7.56
CA GLN C 197 12.26 -36.74 8.73
C GLN C 197 10.78 -36.40 8.45
N LEU C 198 10.47 -35.84 7.28
CA LEU C 198 9.12 -35.38 6.92
C LEU C 198 8.92 -35.68 5.47
N PRO C 199 7.66 -35.82 5.02
CA PRO C 199 7.48 -35.98 3.55
C PRO C 199 7.62 -34.66 2.77
N LEU C 200 8.76 -34.40 2.16
CA LEU C 200 8.94 -33.12 1.50
C LEU C 200 8.62 -33.31 0.06
N ASP C 201 7.89 -32.35 -0.53
CA ASP C 201 7.55 -32.40 -1.96
C ASP C 201 7.54 -30.97 -2.54
N PHE C 202 8.68 -30.61 -3.11
CA PHE C 202 8.91 -29.25 -3.55
C PHE C 202 7.80 -28.88 -4.53
N GLY C 203 7.50 -29.82 -5.44
CA GLY C 203 6.39 -29.66 -6.40
C GLY C 203 5.08 -29.27 -5.70
N ALA C 204 4.63 -30.10 -4.75
CA ALA C 204 3.37 -29.89 -4.06
C ALA C 204 3.35 -28.62 -3.24
N SER C 205 4.44 -28.25 -2.58
CA SER C 205 4.54 -26.98 -1.83
C SER C 205 4.51 -25.88 -2.87
N GLY C 206 4.30 -24.63 -2.52
CA GLY C 206 4.40 -23.68 -3.63
C GLY C 206 5.81 -23.12 -3.83
N LEU C 207 6.78 -23.67 -3.10
CA LEU C 207 8.07 -22.98 -2.87
C LEU C 207 8.81 -22.50 -4.13
N SER C 208 9.32 -21.29 -4.06
CA SER C 208 10.18 -20.81 -5.12
C SER C 208 11.51 -21.49 -4.87
N ALA C 209 11.84 -21.72 -3.61
CA ALA C 209 13.14 -22.24 -3.27
C ALA C 209 13.15 -23.03 -1.98
N MET C 210 14.07 -23.99 -1.91
CA MET C 210 14.23 -24.81 -0.73
C MET C 210 15.72 -25.33 -0.59
N SER C 211 16.22 -25.30 0.64
CA SER C 211 17.58 -25.72 0.97
C SER C 211 17.66 -27.11 1.61
N VAL C 212 18.72 -27.85 1.27
CA VAL C 212 19.00 -29.13 1.93
C VAL C 212 20.48 -29.34 2.13
N ALA C 213 20.84 -30.13 3.13
CA ALA C 213 22.24 -30.41 3.40
C ALA C 213 22.46 -31.94 3.57
N GLY C 214 23.39 -32.53 2.84
CA GLY C 214 23.66 -33.97 2.90
C GLY C 214 23.93 -34.57 4.27
N HIS C 215 24.72 -33.90 5.09
CA HIS C 215 25.21 -34.45 6.31
C HIS C 215 24.16 -34.63 7.36
N PHE C 217 21.07 -36.03 6.76
CA PHE C 217 20.43 -37.34 6.51
C PHE C 217 21.43 -38.38 6.04
N GLY C 218 22.68 -38.23 6.43
CA GLY C 218 23.64 -39.28 6.23
C GLY C 218 24.46 -39.25 4.96
N GLY C 219 24.45 -38.13 4.25
CA GLY C 219 25.33 -37.94 3.12
C GLY C 219 26.64 -37.34 3.55
N PRO C 220 27.55 -37.09 2.59
CA PRO C 220 28.87 -36.53 2.94
C PRO C 220 28.70 -35.10 3.45
N PRO C 221 29.60 -34.63 4.35
CA PRO C 221 29.76 -33.17 4.65
C PRO C 221 30.17 -32.38 3.42
N GLY C 222 29.96 -31.07 3.46
CA GLY C 222 30.34 -30.14 2.39
C GLY C 222 29.66 -30.41 1.04
N VAL C 223 28.40 -30.84 1.09
CA VAL C 223 27.54 -30.92 -0.06
C VAL C 223 26.14 -30.62 0.40
N GLY C 224 25.44 -29.78 -0.36
CA GLY C 224 24.02 -29.51 -0.14
C GLY C 224 23.36 -29.35 -1.51
N ALA C 225 22.11 -28.90 -1.51
CA ALA C 225 21.47 -28.45 -2.73
C ALA C 225 20.51 -27.28 -2.50
N LEU C 226 20.36 -26.43 -3.49
CA LEU C 226 19.25 -25.55 -3.51
C LEU C 226 18.31 -26.03 -4.60
N LEU C 227 17.05 -26.20 -4.22
CA LEU C 227 15.98 -26.46 -5.18
C LEU C 227 15.38 -25.12 -5.56
N LEU C 228 15.33 -24.80 -6.85
CA LEU C 228 14.89 -23.47 -7.29
C LEU C 228 14.06 -23.63 -8.54
N ARG C 229 12.88 -22.99 -8.52
CA ARG C 229 11.95 -23.00 -9.68
C ARG C 229 12.61 -22.45 -10.92
N ARG C 230 12.28 -23.07 -12.04
CA ARG C 230 12.83 -22.70 -13.34
C ARG C 230 12.71 -21.20 -13.63
N ASP C 231 11.68 -20.53 -13.08
CA ASP C 231 11.44 -19.14 -13.42
C ASP C 231 11.79 -18.09 -12.33
N VAL C 232 12.45 -18.50 -11.27
CA VAL C 232 12.77 -17.56 -10.24
C VAL C 232 14.20 -17.12 -10.45
N THR C 233 14.47 -15.81 -10.55
CA THR C 233 15.81 -15.37 -10.94
C THR C 233 16.64 -15.37 -9.70
N CYS C 234 17.91 -15.70 -9.82
CA CYS C 234 18.80 -15.76 -8.68
C CYS C 234 20.23 -15.34 -9.02
N VAL C 235 20.73 -14.24 -8.43
CA VAL C 235 22.05 -13.68 -8.77
C VAL C 235 23.08 -14.60 -8.16
N PRO C 236 24.14 -14.97 -8.90
CA PRO C 236 25.05 -15.94 -8.31
C PRO C 236 25.84 -15.38 -7.15
N LEU C 237 26.27 -16.25 -6.22
CA LEU C 237 27.28 -15.87 -5.25
C LEU C 237 28.65 -16.37 -5.71
N MET C 238 28.69 -17.56 -6.32
CA MET C 238 29.89 -18.11 -6.94
C MET C 238 29.84 -17.80 -8.43
N HIS C 239 30.76 -16.95 -8.91
CA HIS C 239 30.89 -16.75 -10.36
C HIS C 239 32.03 -17.50 -10.92
N GLY C 240 31.91 -17.80 -12.21
CA GLY C 240 33.02 -18.21 -13.06
C GLY C 240 32.74 -19.52 -13.70
N GLY C 241 31.71 -19.61 -14.53
CA GLY C 241 31.22 -20.92 -14.88
C GLY C 241 29.97 -20.88 -15.72
N GLY C 242 28.77 -20.61 -15.21
CA GLY C 242 28.22 -21.11 -13.95
C GLY C 242 27.63 -22.47 -14.33
N GLN C 243 28.32 -23.49 -13.86
CA GLN C 243 28.17 -24.86 -14.25
C GLN C 243 26.80 -25.37 -13.88
N GLU C 244 26.18 -24.77 -12.90
CA GLU C 244 24.89 -25.17 -12.43
C GLU C 244 23.89 -24.07 -12.78
N ARG C 245 23.20 -24.25 -13.90
CA ARG C 245 22.22 -23.31 -14.44
C ARG C 245 22.64 -21.87 -14.32
N ASP C 246 23.93 -21.58 -14.29
CA ASP C 246 24.44 -20.19 -14.28
C ASP C 246 24.17 -19.45 -12.96
N ILE C 247 23.84 -20.22 -11.94
CA ILE C 247 23.45 -19.68 -10.65
C ILE C 247 24.61 -19.90 -9.67
N ARG C 248 25.38 -20.96 -9.88
CA ARG C 248 26.43 -21.41 -8.99
C ARG C 248 27.60 -22.04 -9.78
N SER C 249 28.74 -21.35 -9.80
CA SER C 249 29.93 -21.83 -10.55
C SER C 249 30.78 -22.74 -9.70
N GLY C 250 31.78 -23.37 -10.32
CA GLY C 250 32.63 -24.35 -9.66
C GLY C 250 32.69 -25.65 -10.44
N THR C 251 33.85 -26.28 -10.50
CA THR C 251 33.88 -27.59 -11.09
C THR C 251 32.90 -28.50 -10.33
N PRO C 252 31.97 -29.16 -11.03
CA PRO C 252 30.99 -30.02 -10.35
C PRO C 252 31.70 -31.11 -9.59
N ASP C 253 31.20 -31.37 -8.37
CA ASP C 253 31.78 -32.39 -7.49
C ASP C 253 30.95 -33.65 -7.58
N VAL C 254 31.38 -34.56 -8.43
CA VAL C 254 30.64 -35.78 -8.70
C VAL C 254 30.58 -36.77 -7.54
N ALA C 255 31.70 -36.99 -6.89
CA ALA C 255 31.71 -37.90 -5.74
C ALA C 255 30.72 -37.43 -4.69
N SER C 256 30.70 -36.15 -4.36
CA SER C 256 29.84 -35.74 -3.21
C SER C 256 28.38 -35.85 -3.56
N ALA C 257 28.05 -35.45 -4.79
CA ALA C 257 26.68 -35.43 -5.19
C ALA C 257 26.10 -36.86 -5.26
N VAL C 258 26.88 -37.84 -5.79
CA VAL C 258 26.48 -39.27 -5.78
C VAL C 258 26.26 -39.80 -4.35
N GLY C 259 27.19 -39.49 -3.45
CA GLY C 259 27.01 -39.72 -2.05
C GLY C 259 25.72 -39.17 -1.49
N MET C 260 25.47 -37.89 -1.71
CA MET C 260 24.26 -37.25 -1.23
C MET C 260 22.99 -37.97 -1.78
N ALA C 261 23.07 -38.45 -3.02
CA ALA C 261 22.00 -39.18 -3.66
C ALA C 261 21.80 -40.53 -3.05
N THR C 262 22.87 -41.28 -2.84
CA THR C 262 22.73 -42.60 -2.20
C THR C 262 22.04 -42.41 -0.85
N ALA C 263 22.46 -41.40 -0.09
CA ALA C 263 21.83 -41.08 1.20
C ALA C 263 20.37 -40.62 1.08
N ALA C 264 20.10 -39.63 0.24
CA ALA C 264 18.74 -39.23 0.02
C ALA C 264 17.80 -40.45 -0.23
N GLN C 265 18.16 -41.39 -1.12
CA GLN C 265 17.28 -42.53 -1.41
C GLN C 265 17.09 -43.45 -0.20
N ILE C 266 18.14 -43.66 0.60
CA ILE C 266 17.94 -44.41 1.85
C ILE C 266 17.01 -43.57 2.76
N ALA C 267 17.34 -42.29 2.97
CA ALA C 267 16.65 -41.49 4.02
C ALA C 267 15.15 -41.33 3.75
N VAL C 268 14.82 -40.93 2.53
CA VAL C 268 13.46 -40.71 2.09
C VAL C 268 12.67 -42.03 1.87
N ASP C 269 13.28 -43.13 1.43
CA ASP C 269 12.55 -44.40 1.36
C ASP C 269 12.23 -44.98 2.74
N GLY C 270 13.16 -44.83 3.69
CA GLY C 270 12.94 -45.30 5.05
C GLY C 270 12.00 -44.38 5.84
N LEU C 271 11.77 -43.17 5.34
CA LEU C 271 10.98 -42.15 6.03
C LEU C 271 9.85 -42.58 7.01
N GLU C 272 8.82 -43.29 6.55
CA GLU C 272 7.70 -43.74 7.41
C GLU C 272 8.15 -44.63 8.58
N GLU C 273 8.88 -45.68 8.22
CA GLU C 273 9.44 -46.62 9.18
C GLU C 273 10.34 -45.92 10.21
N ASN C 274 11.42 -45.27 9.77
CA ASN C 274 12.27 -44.50 10.65
C ASN C 274 11.54 -43.51 11.55
N SER C 275 10.62 -42.76 10.96
CA SER C 275 9.87 -41.81 11.68
C SER C 275 9.21 -42.45 12.88
N ALA C 276 8.36 -43.43 12.66
CA ALA C 276 7.63 -44.06 13.77
C ALA C 276 8.56 -44.64 14.79
N ARG C 277 9.68 -45.22 14.35
CA ARG C 277 10.64 -45.83 15.27
C ARG C 277 11.26 -44.79 16.22
N LEU C 278 11.65 -43.62 15.67
CA LEU C 278 12.21 -42.54 16.48
C LEU C 278 11.17 -41.91 17.38
N ARG C 279 9.92 -41.86 16.93
CA ARG C 279 8.86 -41.34 17.79
C ARG C 279 8.79 -42.10 19.09
N LEU C 280 8.76 -43.44 18.99
CA LEU C 280 8.66 -44.25 20.18
C LEU C 280 9.88 -44.00 21.10
N LEU C 281 11.08 -43.95 20.53
CA LEU C 281 12.27 -43.62 21.30
C LEU C 281 12.22 -42.24 21.97
N ARG C 282 12.01 -41.19 21.17
CA ARG C 282 11.91 -39.83 21.70
C ARG C 282 10.91 -39.77 22.85
N ASP C 283 9.73 -40.32 22.60
CA ASP C 283 8.67 -40.27 23.59
C ASP C 283 9.08 -41.00 24.86
N ARG C 284 9.73 -42.15 24.72
CA ARG C 284 10.22 -42.81 25.91
C ARG C 284 11.24 -41.93 26.57
N LEU C 285 12.04 -41.22 25.79
CA LEU C 285 13.06 -40.40 26.38
C LEU C 285 12.47 -39.25 27.16
N VAL C 286 11.51 -38.57 26.57
CA VAL C 286 10.86 -37.40 27.20
C VAL C 286 10.07 -37.74 28.50
N GLU C 287 9.36 -38.84 28.44
CA GLU C 287 8.58 -39.29 29.57
C GLU C 287 9.50 -39.65 30.77
N GLY C 288 10.55 -40.42 30.47
CA GLY C 288 11.65 -40.68 31.38
C GLY C 288 12.14 -39.43 32.09
N VAL C 289 12.70 -38.48 31.33
CA VAL C 289 13.15 -37.25 31.92
C VAL C 289 12.13 -36.60 32.84
N LEU C 290 10.89 -36.39 32.38
CA LEU C 290 9.85 -35.68 33.17
C LEU C 290 9.44 -36.41 34.43
N ALA C 291 9.61 -37.73 34.45
CA ALA C 291 9.31 -38.54 35.63
C ALA C 291 10.39 -38.40 36.70
N GLU C 292 11.64 -38.44 36.29
CA GLU C 292 12.70 -38.49 37.24
C GLU C 292 13.37 -37.14 37.59
N ILE C 293 12.90 -36.03 37.04
CA ILE C 293 13.59 -34.72 37.22
C ILE C 293 12.64 -33.57 37.48
N ASP C 294 12.96 -32.70 38.42
CA ASP C 294 12.05 -31.62 38.86
C ASP C 294 12.45 -30.35 38.19
N ASP C 295 11.47 -29.47 37.94
CA ASP C 295 11.72 -28.14 37.37
C ASP C 295 12.40 -28.25 36.04
N VAL C 296 11.75 -28.93 35.13
CA VAL C 296 12.29 -29.18 33.84
C VAL C 296 11.14 -28.96 32.88
N CYS C 297 11.44 -28.40 31.72
CA CYS C 297 10.40 -28.49 30.71
C CYS C 297 10.89 -28.84 29.29
N LEU C 298 9.97 -29.45 28.53
CA LEU C 298 10.02 -29.69 27.10
C LEU C 298 9.69 -28.41 26.39
N ASN C 299 10.54 -28.07 25.41
CA ASN C 299 10.30 -26.90 24.55
C ASN C 299 10.01 -27.28 23.13
N GLY C 300 9.31 -26.42 22.41
CA GLY C 300 8.90 -26.70 21.03
C GLY C 300 7.53 -27.35 20.95
N ALA C 301 6.91 -27.34 19.77
CA ALA C 301 5.54 -27.87 19.59
C ALA C 301 5.33 -29.34 19.98
N ASP C 302 4.07 -29.76 20.15
CA ASP C 302 3.79 -31.19 20.34
C ASP C 302 3.48 -31.87 19.01
N ASP C 303 3.71 -33.19 18.94
CA ASP C 303 3.12 -34.02 17.92
C ASP C 303 1.71 -33.47 17.66
N PRO C 304 1.31 -33.27 16.38
CA PRO C 304 1.99 -33.74 15.17
C PRO C 304 2.83 -32.63 14.52
N MET C 305 3.17 -31.57 15.24
CA MET C 305 4.05 -30.56 14.70
C MET C 305 5.49 -30.57 15.27
N ARG C 306 6.06 -31.75 15.46
CA ARG C 306 7.42 -31.88 15.99
C ARG C 306 8.19 -32.99 15.23
N LEU C 307 9.43 -32.72 14.87
CA LEU C 307 10.33 -33.77 14.38
C LEU C 307 10.39 -34.97 15.31
N ALA C 308 10.44 -36.15 14.66
CA ALA C 308 10.35 -37.41 15.38
C ALA C 308 11.53 -37.57 16.38
N GLY C 309 12.73 -37.12 15.98
CA GLY C 309 13.94 -37.35 16.79
C GLY C 309 14.41 -36.28 17.76
N ASN C 310 13.66 -35.18 17.84
CA ASN C 310 14.05 -34.02 18.61
C ASN C 310 13.38 -33.93 19.99
N ALA C 311 14.23 -33.84 21.02
CA ALA C 311 13.85 -33.60 22.38
C ALA C 311 14.61 -32.38 22.94
N HIS C 312 13.87 -31.40 23.43
CA HIS C 312 14.55 -30.24 23.91
C HIS C 312 14.01 -29.81 25.26
N PHE C 313 14.94 -29.64 26.19
CA PHE C 313 14.62 -29.39 27.58
C PHE C 313 15.35 -28.17 28.08
N THR C 314 14.70 -27.55 29.05
CA THR C 314 15.31 -26.58 29.95
C THR C 314 15.25 -27.20 31.36
N PHE C 315 16.37 -27.10 32.08
CA PHE C 315 16.47 -27.49 33.51
C PHE C 315 16.71 -26.25 34.37
N ARG C 316 15.71 -25.79 35.11
CA ARG C 316 15.94 -24.62 35.96
C ARG C 316 17.16 -24.85 36.86
N GLY C 317 17.98 -23.84 37.00
CA GLY C 317 19.08 -23.90 37.93
C GLY C 317 20.34 -24.57 37.42
N CYS C 318 20.43 -24.73 36.09
CA CYS C 318 21.63 -25.26 35.44
C CYS C 318 22.29 -24.26 34.51
N GLU C 319 23.61 -24.39 34.35
CA GLU C 319 24.35 -23.96 33.12
C GLU C 319 24.37 -25.12 32.13
N GLY C 320 23.92 -24.85 30.91
CA GLY C 320 23.90 -25.85 29.85
C GLY C 320 25.27 -26.46 29.63
N ASP C 321 26.32 -25.65 29.82
CA ASP C 321 27.71 -26.10 29.60
C ASP C 321 28.21 -27.10 30.63
N ALA C 322 28.04 -26.79 31.91
CA ALA C 322 28.45 -27.72 32.95
C ALA C 322 27.65 -29.01 32.76
N LEU C 323 26.34 -28.89 32.55
CA LEU C 323 25.50 -30.06 32.32
C LEU C 323 25.98 -30.90 31.13
N LEU C 324 26.41 -30.20 30.07
CA LEU C 324 26.90 -30.86 28.85
C LEU C 324 28.19 -31.61 29.12
N MET C 325 29.14 -30.91 29.76
CA MET C 325 30.42 -31.54 30.14
C MET C 325 30.26 -32.79 31.03
N LEU C 326 29.35 -32.70 32.00
CA LEU C 326 28.98 -33.85 32.81
C LEU C 326 28.44 -34.97 32.00
N LEU C 327 27.55 -34.67 31.07
CA LEU C 327 26.92 -35.75 30.36
C LEU C 327 27.97 -36.41 29.46
N ASP C 328 28.84 -35.58 28.90
CA ASP C 328 29.88 -36.05 28.00
C ASP C 328 30.84 -36.94 28.77
N ALA C 329 31.30 -36.46 29.92
CA ALA C 329 32.22 -37.24 30.78
C ALA C 329 31.64 -38.66 31.02
N ASN C 330 30.31 -38.79 30.97
CA ASN C 330 29.67 -40.05 31.20
C ASN C 330 29.25 -40.74 29.91
N GLY C 331 29.81 -40.30 28.78
CA GLY C 331 29.54 -40.93 27.51
C GLY C 331 28.21 -40.56 26.88
N ILE C 332 27.57 -39.50 27.37
CA ILE C 332 26.35 -39.03 26.71
C ILE C 332 26.66 -37.74 25.94
N GLU C 333 26.58 -37.82 24.62
CA GLU C 333 27.00 -36.74 23.75
C GLU C 333 25.82 -36.03 23.19
N CYS C 334 25.68 -34.77 23.58
CA CYS C 334 24.60 -33.99 23.00
C CYS C 334 24.95 -32.48 22.90
N SER C 335 23.95 -31.62 22.88
CA SER C 335 24.17 -30.21 22.56
C SER C 335 23.41 -29.22 23.44
N THR C 336 23.86 -27.97 23.54
CA THR C 336 22.98 -26.95 24.14
C THR C 336 22.04 -26.33 23.11
N GLY C 337 22.39 -26.51 21.83
CA GLY C 337 21.61 -25.99 20.71
C GLY C 337 22.24 -24.81 19.99
N SER C 338 22.81 -23.87 20.75
CA SER C 338 23.24 -22.56 20.21
C SER C 338 24.70 -22.28 20.59
N ALA C 339 25.37 -21.23 20.09
CA ALA C 339 25.09 -20.56 18.82
C ALA C 339 26.43 -20.50 18.08
N PRO C 347 23.16 -17.62 24.77
CA PRO C 347 21.74 -17.93 25.07
C PRO C 347 20.89 -17.94 23.79
N SER C 348 20.10 -19.01 23.60
CA SER C 348 19.50 -19.32 22.29
C SER C 348 18.54 -18.30 21.83
N HIS C 349 18.79 -17.75 20.64
CA HIS C 349 17.90 -16.80 20.02
C HIS C 349 16.52 -17.39 19.84
N VAL C 350 16.44 -18.72 19.76
CA VAL C 350 15.19 -19.44 19.51
C VAL C 350 14.34 -19.40 20.77
N LEU C 351 14.92 -19.82 21.90
CA LEU C 351 14.23 -19.69 23.19
C LEU C 351 13.82 -18.23 23.52
N ILE C 352 14.70 -17.26 23.23
CA ILE C 352 14.39 -15.86 23.48
C ILE C 352 13.13 -15.48 22.69
N ALA C 353 13.04 -15.97 21.47
CA ALA C 353 11.93 -15.58 20.65
C ALA C 353 10.66 -16.32 21.10
N MET C 354 10.79 -17.50 21.70
CA MET C 354 9.61 -18.18 22.23
C MET C 354 9.12 -17.60 23.59
N GLY C 355 9.73 -16.49 24.01
CA GLY C 355 9.29 -15.81 25.21
C GLY C 355 9.95 -16.32 26.49
N VAL C 356 10.84 -17.30 26.36
CA VAL C 356 11.63 -17.78 27.49
C VAL C 356 12.69 -16.71 27.82
N ASP C 357 12.78 -16.30 29.09
CA ASP C 357 13.77 -15.27 29.53
C ASP C 357 15.22 -15.80 29.61
N ALA C 358 16.17 -14.94 29.25
CA ALA C 358 17.59 -15.30 29.15
C ALA C 358 18.21 -16.10 30.33
N ALA C 359 17.78 -15.78 31.57
CA ALA C 359 18.19 -16.51 32.79
C ALA C 359 17.72 -17.97 32.75
N SER C 360 16.41 -18.13 32.58
CA SER C 360 15.76 -19.43 32.36
C SER C 360 16.28 -20.24 31.13
N ALA C 361 16.46 -19.54 30.01
CA ALA C 361 17.12 -20.05 28.84
C ALA C 361 18.38 -20.89 29.11
N ARG C 362 19.13 -20.56 30.15
CA ARG C 362 20.56 -20.96 30.20
C ARG C 362 20.78 -22.46 30.42
N GLY C 363 19.80 -23.13 31.00
CA GLY C 363 19.92 -24.55 31.26
C GLY C 363 19.28 -25.44 30.21
N SER C 364 19.58 -25.17 28.94
CA SER C 364 18.92 -25.85 27.84
C SER C 364 19.71 -27.00 27.23
N LEU C 365 19.00 -28.00 26.77
CA LEU C 365 19.69 -29.13 26.26
C LEU C 365 18.94 -29.88 25.16
N ARG C 366 19.59 -30.06 24.02
CA ARG C 366 18.97 -30.73 22.88
C ARG C 366 19.52 -32.14 22.83
N LEU C 367 18.61 -33.11 22.92
CA LEU C 367 18.94 -34.51 22.70
C LEU C 367 18.27 -34.93 21.41
N SER C 368 19.04 -35.46 20.46
CA SER C 368 18.47 -35.66 19.15
C SER C 368 18.77 -37.00 18.58
N LEU C 369 17.73 -37.73 18.22
CA LEU C 369 17.87 -39.09 17.72
C LEU C 369 17.96 -39.19 16.19
N GLY C 370 18.62 -40.23 15.70
CA GLY C 370 18.75 -40.43 14.27
C GLY C 370 18.77 -41.88 13.80
N HIS C 371 19.19 -42.09 12.59
CA HIS C 371 19.11 -43.42 11.97
C HIS C 371 19.91 -44.51 12.67
N THR C 372 20.97 -44.18 13.42
CA THR C 372 21.68 -45.21 14.19
C THR C 372 21.24 -45.34 15.66
N SER C 373 20.31 -44.49 16.08
CA SER C 373 19.80 -44.53 17.46
C SER C 373 19.12 -45.87 17.84
N VAL C 374 19.49 -46.39 19.02
CA VAL C 374 18.99 -47.69 19.55
C VAL C 374 18.37 -47.55 20.94
N GLU C 375 17.64 -48.56 21.42
CA GLU C 375 17.03 -48.46 22.75
C GLU C 375 18.04 -48.00 23.82
N ALA C 376 19.20 -48.64 23.81
CA ALA C 376 20.22 -48.46 24.87
C ALA C 376 20.64 -47.01 25.11
N ASP C 377 20.60 -46.23 24.03
CA ASP C 377 20.90 -44.79 24.05
C ASP C 377 19.98 -44.01 24.98
N VAL C 378 18.69 -44.22 24.83
CA VAL C 378 17.75 -43.60 25.76
C VAL C 378 17.93 -44.11 27.18
N ASP C 379 18.28 -45.39 27.35
CA ASP C 379 18.48 -45.95 28.69
C ASP C 379 19.66 -45.27 29.34
N ALA C 380 20.71 -45.02 28.56
CA ALA C 380 21.92 -44.46 29.08
C ALA C 380 21.64 -43.03 29.52
N ALA C 381 20.83 -42.32 28.76
CA ALA C 381 20.56 -40.94 29.09
C ALA C 381 19.71 -40.90 30.33
N LEU C 382 18.79 -41.85 30.45
CA LEU C 382 17.89 -41.82 31.60
C LEU C 382 18.62 -42.16 32.87
N GLU C 383 19.57 -43.09 32.78
CA GLU C 383 20.40 -43.44 33.91
C GLU C 383 21.24 -42.24 34.39
N VAL C 384 22.01 -41.64 33.49
CA VAL C 384 23.00 -40.64 33.83
C VAL C 384 22.40 -39.28 34.18
N LEU C 385 21.25 -38.99 33.57
CA LEU C 385 20.68 -37.65 33.67
C LEU C 385 20.43 -37.11 35.11
N PRO C 386 19.74 -37.91 35.97
CA PRO C 386 19.45 -37.42 37.34
C PRO C 386 20.68 -36.96 38.11
N GLY C 387 21.82 -37.64 37.91
CA GLY C 387 23.03 -37.37 38.66
C GLY C 387 23.66 -36.12 38.10
N ALA C 388 23.69 -36.08 36.79
CA ALA C 388 24.21 -34.97 36.04
C ALA C 388 23.48 -33.69 36.45
N VAL C 389 22.14 -33.69 36.29
CA VAL C 389 21.31 -32.53 36.62
C VAL C 389 21.56 -32.05 38.04
N ALA C 390 21.63 -33.01 38.98
CA ALA C 390 21.88 -32.69 40.37
C ALA C 390 23.26 -32.08 40.61
N ARG C 391 24.26 -32.60 39.92
CA ARG C 391 25.59 -31.95 40.02
C ARG C 391 25.56 -30.56 39.37
N ALA C 392 24.88 -30.41 38.24
CA ALA C 392 24.93 -29.10 37.58
C ALA C 392 24.25 -28.07 38.49
N ARG C 393 23.15 -28.46 39.12
CA ARG C 393 22.48 -27.51 40.02
C ARG C 393 23.33 -27.08 41.22
N ARG C 394 24.09 -28.02 41.79
CA ARG C 394 24.90 -27.74 42.94
C ARG C 394 26.06 -26.82 42.50
N ALA C 395 26.64 -27.15 41.36
CA ALA C 395 27.75 -26.36 40.79
C ALA C 395 27.34 -24.89 40.52
N ALA C 396 26.11 -24.71 40.02
CA ALA C 396 25.56 -23.36 39.80
C ALA C 396 25.38 -22.56 41.10
N LEU C 397 24.86 -23.18 42.16
CA LEU C 397 24.65 -22.51 43.46
C LEU C 397 25.97 -22.09 44.10
N ALA C 398 26.99 -22.91 43.93
CA ALA C 398 28.19 -22.69 44.69
C ALA C 398 29.06 -21.59 44.05
N ALA C 399 28.91 -21.41 42.74
CA ALA C 399 29.55 -20.32 42.00
C ALA C 399 28.81 -18.99 42.15
N ALA C 400 27.50 -19.02 42.35
CA ALA C 400 26.81 -17.82 42.87
C ALA C 400 27.13 -17.50 44.36
N GLY C 401 27.85 -18.40 45.07
CA GLY C 401 27.92 -18.36 46.56
C GLY C 401 29.07 -17.59 47.23
N SER D 12 -14.13 15.70 -42.55
CA SER D 12 -14.21 15.46 -41.08
C SER D 12 -12.98 15.99 -40.34
N ALA D 13 -13.03 17.26 -39.93
CA ALA D 13 -12.05 17.77 -39.02
C ALA D 13 -12.64 17.57 -37.64
N TYR D 14 -11.95 16.79 -36.80
CA TYR D 14 -12.43 16.47 -35.44
C TYR D 14 -11.78 17.42 -34.42
N LEU D 15 -12.61 18.28 -33.83
CA LEU D 15 -12.13 19.18 -32.80
C LEU D 15 -12.90 19.01 -31.51
N ASP D 16 -13.04 17.75 -31.13
CA ASP D 16 -13.79 17.40 -29.95
C ASP D 16 -12.97 16.43 -29.12
N HIS D 17 -11.66 16.60 -29.15
CA HIS D 17 -10.77 15.73 -28.39
C HIS D 17 -11.01 15.66 -26.90
N ALA D 18 -11.69 16.65 -26.31
CA ALA D 18 -11.84 16.66 -24.88
C ALA D 18 -13.01 15.78 -24.52
N ALA D 19 -13.85 15.46 -25.49
CA ALA D 19 -14.95 14.55 -25.23
C ALA D 19 -14.37 13.12 -25.31
N THR D 20 -13.60 12.85 -26.36
CA THR D 20 -12.75 11.65 -26.39
C THR D 20 -11.65 11.84 -27.41
N THR D 21 -10.55 11.13 -27.25
CA THR D 21 -9.46 11.30 -28.20
C THR D 21 -9.14 9.96 -28.91
N PRO D 22 -8.73 9.98 -30.18
CA PRO D 22 -8.52 8.62 -30.80
C PRO D 22 -7.51 7.70 -30.10
N MET D 23 -7.81 6.39 -30.11
CA MET D 23 -6.92 5.42 -29.48
C MET D 23 -5.57 5.32 -30.15
N HIS D 24 -4.49 5.39 -29.39
CA HIS D 24 -3.17 5.13 -29.96
C HIS D 24 -3.11 3.73 -30.58
N PRO D 25 -2.80 3.64 -31.89
CA PRO D 25 -2.78 2.31 -32.49
C PRO D 25 -1.98 1.28 -31.68
N ALA D 26 -0.87 1.68 -31.07
CA ALA D 26 -0.07 0.68 -30.36
C ALA D 26 -0.81 0.18 -29.12
N ALA D 27 -1.67 1.04 -28.57
CA ALA D 27 -2.56 0.63 -27.51
C ALA D 27 -3.55 -0.38 -28.04
N ILE D 28 -4.14 -0.15 -29.23
CA ILE D 28 -4.98 -1.15 -29.87
C ILE D 28 -4.22 -2.47 -30.04
N GLU D 29 -2.97 -2.44 -30.53
CA GLU D 29 -2.21 -3.69 -30.69
C GLU D 29 -1.98 -4.48 -29.40
N ALA D 30 -1.57 -3.76 -28.36
CA ALA D 30 -1.27 -4.30 -27.04
C ALA D 30 -2.48 -4.95 -26.37
N MET D 31 -3.64 -4.29 -26.33
CA MET D 31 -4.91 -4.94 -25.94
C MET D 31 -5.24 -6.18 -26.74
N ALA D 32 -5.17 -6.11 -28.06
CA ALA D 32 -5.40 -7.27 -28.93
C ALA D 32 -4.54 -8.48 -28.54
N ALA D 33 -3.28 -8.24 -28.18
CA ALA D 33 -2.33 -9.30 -27.84
C ALA D 33 -2.75 -9.99 -26.57
N VAL D 34 -3.06 -9.20 -25.56
CA VAL D 34 -3.47 -9.72 -24.30
C VAL D 34 -4.75 -10.56 -24.44
N GLN D 35 -5.69 -10.06 -25.23
CA GLN D 35 -6.95 -10.73 -25.44
C GLN D 35 -6.86 -12.08 -26.12
N ARG D 36 -5.76 -12.32 -26.85
CA ARG D 36 -5.48 -13.61 -27.45
C ARG D 36 -4.88 -14.63 -26.47
N THR D 37 -4.39 -14.17 -25.33
CA THR D 37 -3.87 -15.06 -24.28
C THR D 37 -5.03 -15.38 -23.34
N ILE D 38 -4.93 -16.40 -22.52
CA ILE D 38 -6.02 -16.81 -21.66
C ILE D 38 -5.55 -16.78 -20.22
N GLY D 39 -6.28 -16.14 -19.35
CA GLY D 39 -5.98 -16.35 -17.97
C GLY D 39 -6.56 -15.27 -17.09
N ASN D 40 -6.94 -15.70 -15.90
CA ASN D 40 -7.53 -14.85 -14.94
C ASN D 40 -6.47 -14.49 -13.98
N ALA D 41 -6.21 -13.20 -13.79
CA ALA D 41 -5.07 -12.75 -12.96
C ALA D 41 -5.09 -13.25 -11.50
N SER D 42 -6.25 -13.73 -11.05
CA SER D 42 -6.44 -14.17 -9.67
C SER D 42 -6.03 -15.61 -9.53
N SER D 43 -5.94 -16.31 -10.67
CA SER D 43 -5.65 -17.75 -10.78
C SER D 43 -4.18 -18.06 -10.51
N LEU D 44 -3.96 -19.19 -9.84
CA LEU D 44 -2.61 -19.60 -9.36
C LEU D 44 -1.81 -20.51 -10.28
N HIS D 45 -2.42 -21.01 -11.33
CA HIS D 45 -1.72 -21.75 -12.32
C HIS D 45 -0.93 -20.86 -13.20
N THR D 46 -0.35 -21.44 -14.24
CA THR D 46 0.64 -20.74 -15.04
C THR D 46 0.01 -19.61 -15.81
N SER D 47 -1.07 -19.88 -16.54
CA SER D 47 -1.77 -18.84 -17.26
C SER D 47 -2.14 -17.65 -16.36
N GLY D 48 -2.71 -17.90 -15.18
CA GLY D 48 -3.10 -16.83 -14.25
C GLY D 48 -1.91 -16.01 -13.75
N ARG D 49 -0.80 -16.68 -13.47
CA ARG D 49 0.36 -15.96 -13.01
C ARG D 49 0.92 -15.08 -14.11
N SER D 50 0.80 -15.54 -15.34
CA SER D 50 1.11 -14.71 -16.50
C SER D 50 0.23 -13.43 -16.58
N ALA D 51 -1.08 -13.66 -16.67
CA ALA D 51 -2.06 -12.59 -16.51
C ALA D 51 -1.65 -11.59 -15.37
N ARG D 52 -1.44 -12.08 -14.15
CA ARG D 52 -0.98 -11.24 -13.05
C ARG D 52 0.29 -10.46 -13.43
N ARG D 53 1.26 -11.14 -14.05
CA ARG D 53 2.53 -10.54 -14.45
C ARG D 53 2.23 -9.34 -15.36
N ARG D 54 1.38 -9.56 -16.38
CA ARG D 54 1.02 -8.53 -17.35
C ARG D 54 0.32 -7.31 -16.70
N ILE D 55 -0.64 -7.55 -15.79
CA ILE D 55 -1.32 -6.41 -15.20
C ILE D 55 -0.44 -5.69 -14.20
N GLU D 56 0.43 -6.41 -13.50
CA GLU D 56 1.35 -5.71 -12.63
C GLU D 56 2.38 -4.82 -13.41
N GLU D 57 2.83 -5.26 -14.59
CA GLU D 57 3.75 -4.43 -15.40
C GLU D 57 3.08 -3.18 -15.84
N ALA D 58 1.83 -3.32 -16.26
CA ALA D 58 0.97 -2.18 -16.56
C ALA D 58 0.84 -1.24 -15.35
N ARG D 59 0.64 -1.78 -14.15
CA ARG D 59 0.50 -0.93 -12.97
C ARG D 59 1.76 -0.13 -12.70
N GLU D 60 2.91 -0.81 -12.78
CA GLU D 60 4.25 -0.19 -12.62
C GLU D 60 4.47 0.95 -13.60
N LEU D 61 4.17 0.74 -14.86
CA LEU D 61 4.30 1.75 -15.93
C LEU D 61 3.42 2.98 -15.66
N ILE D 62 2.15 2.74 -15.38
CA ILE D 62 1.28 3.82 -15.00
C ILE D 62 1.79 4.58 -13.76
N ALA D 63 2.19 3.89 -12.70
CA ALA D 63 2.62 4.60 -11.51
C ALA D 63 3.87 5.40 -11.82
N ASP D 64 4.79 4.81 -12.60
CA ASP D 64 5.98 5.52 -12.97
C ASP D 64 5.67 6.78 -13.76
N LYS D 65 4.73 6.72 -14.70
CA LYS D 65 4.51 7.89 -15.50
C LYS D 65 3.73 8.99 -14.76
N LEU D 66 3.16 8.61 -13.63
CA LEU D 66 2.32 9.53 -12.90
C LEU D 66 2.92 9.96 -11.56
N GLY D 67 4.18 9.57 -11.29
CA GLY D 67 4.86 9.80 -10.00
C GLY D 67 4.14 9.21 -8.80
N ALA D 68 3.64 8.00 -9.00
CA ALA D 68 2.97 7.26 -7.96
C ALA D 68 3.78 6.04 -7.67
N ARG D 69 3.52 5.42 -6.53
CA ARG D 69 4.03 4.09 -6.30
C ARG D 69 3.00 3.05 -6.82
N PRO D 70 3.45 1.86 -7.27
CA PRO D 70 2.52 0.87 -7.84
C PRO D 70 1.33 0.53 -6.98
N SER D 71 1.51 0.40 -5.68
CA SER D 71 0.41 0.07 -4.78
C SER D 71 -0.58 1.24 -4.65
N GLU D 72 -0.26 2.42 -5.18
CA GLU D 72 -1.20 3.53 -5.18
C GLU D 72 -2.17 3.47 -6.34
N VAL D 73 -1.81 2.71 -7.38
CA VAL D 73 -2.68 2.56 -8.56
C VAL D 73 -3.78 1.51 -8.32
N ILE D 74 -5.03 1.98 -8.32
CA ILE D 74 -6.24 1.14 -8.24
C ILE D 74 -6.93 1.26 -9.60
N PHE D 75 -7.07 0.16 -10.32
CA PHE D 75 -7.73 0.21 -11.63
C PHE D 75 -9.25 0.36 -11.49
N THR D 76 -9.87 1.10 -12.40
CA THR D 76 -11.31 1.28 -12.42
C THR D 76 -11.83 1.08 -13.88
N ALA D 77 -13.13 1.13 -14.05
CA ALA D 77 -13.72 1.10 -15.37
C ALA D 77 -13.82 2.50 -16.01
N GLY D 78 -13.16 3.50 -15.42
CA GLY D 78 -13.08 4.80 -16.06
C GLY D 78 -13.03 5.97 -15.09
N GLY D 79 -13.12 7.16 -15.66
CA GLY D 79 -13.04 8.34 -14.88
C GLY D 79 -14.23 8.52 -13.95
N THR D 80 -15.41 8.18 -14.42
CA THR D 80 -16.61 8.34 -13.60
C THR D 80 -16.48 7.47 -12.36
N GLU D 81 -16.05 6.21 -12.58
CA GLU D 81 -15.87 5.29 -11.49
C GLU D 81 -14.80 5.81 -10.54
N SER D 82 -13.70 6.34 -11.07
CA SER D 82 -12.64 6.80 -10.27
C SER D 82 -13.11 7.97 -9.33
N ASP D 83 -13.75 9.01 -9.88
CA ASP D 83 -14.38 10.08 -9.11
C ASP D 83 -15.43 9.63 -8.10
N ASN D 84 -16.31 8.70 -8.50
CA ASN D 84 -17.31 8.16 -7.57
C ASN D 84 -16.66 7.46 -6.38
N LEU D 85 -15.61 6.73 -6.64
CA LEU D 85 -14.98 5.95 -5.63
C LEU D 85 -14.31 6.88 -4.62
N ALA D 86 -13.54 7.87 -5.12
CA ALA D 86 -12.81 8.82 -4.27
C ALA D 86 -13.76 9.63 -3.42
N VAL D 87 -14.73 10.27 -4.05
CA VAL D 87 -15.67 11.08 -3.35
C VAL D 87 -16.53 10.27 -2.35
N LYS D 88 -17.30 9.29 -2.79
CA LYS D 88 -18.13 8.56 -1.86
C LYS D 88 -17.34 7.70 -0.89
N GLY D 89 -16.29 7.04 -1.36
CA GLY D 89 -15.60 6.10 -0.53
C GLY D 89 -14.77 6.77 0.56
N ILE D 90 -14.07 7.84 0.20
CA ILE D 90 -13.43 8.63 1.19
C ILE D 90 -14.45 9.35 2.05
N TYR D 91 -15.56 9.81 1.47
CA TYR D 91 -16.60 10.39 2.33
C TYR D 91 -17.04 9.43 3.45
N TRP D 92 -17.44 8.23 3.09
CA TRP D 92 -17.87 7.28 4.07
C TRP D 92 -16.76 6.91 5.03
N ALA D 93 -15.57 6.64 4.54
CA ALA D 93 -14.45 6.30 5.42
C ALA D 93 -14.27 7.42 6.47
N ARG D 94 -14.25 8.67 6.03
CA ARG D 94 -14.10 9.75 7.00
C ARG D 94 -15.24 9.91 8.02
N ARG D 95 -16.50 9.89 7.55
CA ARG D 95 -17.64 10.05 8.42
C ARG D 95 -17.83 8.81 9.29
N ASP D 96 -17.47 7.64 8.81
CA ASP D 96 -17.70 6.47 9.60
C ASP D 96 -16.75 6.46 10.81
N ALA D 97 -15.58 7.09 10.67
CA ALA D 97 -14.63 7.25 11.76
C ALA D 97 -14.99 8.39 12.76
N GLU D 98 -15.51 9.52 12.28
CA GLU D 98 -16.06 10.55 13.19
C GLU D 98 -17.26 11.20 12.55
N PRO D 99 -18.46 10.77 12.97
CA PRO D 99 -19.74 11.19 12.40
C PRO D 99 -19.95 12.70 12.39
N HIS D 100 -19.06 13.45 13.05
CA HIS D 100 -18.99 14.93 12.95
C HIS D 100 -18.67 15.34 11.52
N ARG D 101 -17.72 14.63 10.91
CA ARG D 101 -17.19 14.96 9.58
C ARG D 101 -18.16 14.61 8.48
N ARG D 102 -18.89 15.61 8.02
CA ARG D 102 -20.01 15.38 7.11
C ARG D 102 -19.99 16.30 5.92
N ARG D 103 -18.92 17.05 5.76
CA ARG D 103 -18.90 18.17 4.84
C ARG D 103 -17.82 17.97 3.84
N ILE D 104 -18.22 18.20 2.57
CA ILE D 104 -17.34 18.17 1.43
C ILE D 104 -17.12 19.60 0.87
N VAL D 105 -15.83 19.92 0.70
CA VAL D 105 -15.40 21.14 0.04
C VAL D 105 -14.94 20.85 -1.39
N THR D 106 -15.59 21.51 -2.33
CA THR D 106 -15.38 21.25 -3.74
C THR D 106 -15.67 22.47 -4.60
N THR D 107 -15.36 22.44 -5.88
CA THR D 107 -15.57 23.64 -6.70
C THR D 107 -16.88 23.57 -7.45
N GLU D 108 -17.47 24.71 -7.81
CA GLU D 108 -18.68 24.75 -8.64
C GLU D 108 -18.40 24.30 -10.08
N VAL D 109 -17.14 24.16 -10.46
CA VAL D 109 -16.82 23.91 -11.85
C VAL D 109 -16.53 22.47 -12.21
N GLU D 110 -16.73 21.57 -11.24
CA GLU D 110 -16.38 20.13 -11.34
C GLU D 110 -17.11 19.38 -12.46
N HIS D 111 -16.52 18.27 -12.94
CA HIS D 111 -17.23 17.45 -13.89
C HIS D 111 -18.37 16.80 -13.16
N HIS D 112 -19.43 16.48 -13.85
CA HIS D 112 -20.58 15.88 -13.20
C HIS D 112 -20.35 14.64 -12.35
N ALA D 113 -19.31 13.88 -12.64
CA ALA D 113 -19.04 12.63 -11.93
C ALA D 113 -18.64 12.91 -10.48
N VAL D 114 -17.98 14.03 -10.23
CA VAL D 114 -17.91 14.62 -8.88
C VAL D 114 -19.24 15.32 -8.44
N LEU D 115 -19.75 16.28 -9.21
CA LEU D 115 -20.92 17.03 -8.71
C LEU D 115 -22.11 16.15 -8.33
N ASP D 116 -22.47 15.23 -9.23
CA ASP D 116 -23.56 14.32 -8.98
C ASP D 116 -23.27 13.30 -7.87
N SER D 117 -22.01 12.96 -7.63
CA SER D 117 -21.70 12.20 -6.43
C SER D 117 -21.93 13.04 -5.17
N VAL D 118 -21.40 14.27 -5.18
CA VAL D 118 -21.55 15.17 -4.04
C VAL D 118 -23.04 15.36 -3.75
N ASN D 119 -23.86 15.62 -4.78
CA ASN D 119 -25.31 15.81 -4.53
C ASN D 119 -26.07 14.58 -4.07
N TRP D 120 -25.66 13.39 -4.52
CA TRP D 120 -26.23 12.14 -4.00
C TRP D 120 -25.90 11.96 -2.53
N LEU D 121 -24.67 12.28 -2.16
CA LEU D 121 -24.27 12.28 -0.75
C LEU D 121 -25.05 13.28 0.12
N VAL D 122 -25.34 14.47 -0.42
CA VAL D 122 -26.09 15.48 0.34
C VAL D 122 -27.54 14.98 0.49
N GLU D 123 -28.10 14.36 -0.54
CA GLU D 123 -29.51 13.92 -0.48
C GLU D 123 -29.70 12.60 0.26
N HIS D 124 -28.66 11.75 0.29
CA HIS D 124 -28.85 10.38 0.70
C HIS D 124 -28.06 10.05 1.91
N GLU D 125 -26.89 10.66 2.09
CA GLU D 125 -25.97 10.29 3.16
C GLU D 125 -25.78 11.43 4.19
N GLY D 126 -26.72 12.40 4.18
CA GLY D 126 -26.69 13.57 5.05
C GLY D 126 -25.46 14.47 4.96
N ALA D 127 -24.79 14.49 3.82
CA ALA D 127 -23.58 15.27 3.71
C ALA D 127 -23.95 16.76 3.63
N HIS D 128 -23.00 17.61 3.95
CA HIS D 128 -23.11 19.03 3.64
C HIS D 128 -22.01 19.38 2.69
N VAL D 129 -22.21 20.45 1.95
CA VAL D 129 -21.24 20.84 0.96
C VAL D 129 -20.98 22.33 1.06
N THR D 130 -19.72 22.71 0.94
CA THR D 130 -19.29 24.08 0.83
C THR D 130 -18.66 24.31 -0.55
N TRP D 131 -19.16 25.31 -1.26
CA TRP D 131 -18.70 25.54 -2.61
C TRP D 131 -17.71 26.65 -2.62
N LEU D 132 -16.47 26.35 -2.96
CA LEU D 132 -15.48 27.39 -3.19
C LEU D 132 -15.96 28.44 -4.24
N PRO D 133 -15.68 29.73 -3.96
CA PRO D 133 -16.04 30.71 -4.97
C PRO D 133 -15.21 30.52 -6.26
N THR D 134 -15.80 30.89 -7.39
CA THR D 134 -15.18 30.78 -8.68
C THR D 134 -14.85 32.16 -9.20
N ALA D 135 -13.64 32.34 -9.70
CA ALA D 135 -13.29 33.60 -10.37
C ALA D 135 -13.86 33.67 -11.84
N ALA D 136 -13.88 34.85 -12.45
CA ALA D 136 -14.38 35.03 -13.84
C ALA D 136 -13.65 34.06 -14.80
N ASP D 137 -12.44 33.73 -14.37
CA ASP D 137 -11.48 32.85 -14.96
C ASP D 137 -11.87 31.39 -15.09
N GLY D 138 -12.77 30.98 -14.22
CA GLY D 138 -13.06 29.59 -13.95
C GLY D 138 -12.16 29.06 -12.83
N SER D 139 -11.25 29.92 -12.41
CA SER D 139 -10.26 29.51 -11.45
C SER D 139 -10.76 29.61 -9.99
N VAL D 140 -10.07 28.90 -9.12
CA VAL D 140 -10.35 28.84 -7.70
C VAL D 140 -8.97 28.90 -7.06
N SER D 141 -8.86 29.42 -5.84
CA SER D 141 -7.52 29.67 -5.23
C SER D 141 -7.25 28.95 -3.90
N ALA D 142 -6.00 28.85 -3.50
CA ALA D 142 -5.75 28.16 -2.25
C ALA D 142 -6.30 28.97 -1.11
N THR D 143 -6.40 30.30 -1.27
CA THR D 143 -6.80 31.19 -0.16
C THR D 143 -8.24 30.96 0.16
N ALA D 144 -9.04 30.87 -0.88
CA ALA D 144 -10.41 30.46 -0.67
C ALA D 144 -10.49 29.08 0.01
N LEU D 145 -9.62 28.13 -0.35
CA LEU D 145 -9.68 26.83 0.28
C LEU D 145 -9.38 26.92 1.76
N ARG D 146 -8.37 27.74 2.07
CA ARG D 146 -7.98 27.98 3.41
C ARG D 146 -9.07 28.66 4.23
N GLU D 147 -9.81 29.61 3.66
CA GLU D 147 -10.90 30.25 4.40
C GLU D 147 -12.02 29.24 4.71
N ALA D 148 -12.31 28.36 3.75
CA ALA D 148 -13.38 27.40 3.96
C ALA D 148 -13.06 26.36 5.07
N LEU D 149 -11.80 25.94 5.14
CA LEU D 149 -11.33 24.97 6.10
C LEU D 149 -11.16 25.59 7.52
N GLN D 150 -10.73 26.85 7.57
CA GLN D 150 -10.62 27.56 8.83
C GLN D 150 -11.97 27.68 9.50
N SER D 151 -12.99 27.91 8.72
CA SER D 151 -14.26 28.28 9.30
C SER D 151 -15.26 27.12 9.35
N HIS D 152 -14.84 25.89 9.07
CA HIS D 152 -15.68 24.71 9.40
C HIS D 152 -14.82 23.65 10.03
N ASP D 153 -15.38 22.93 10.99
CA ASP D 153 -14.61 21.93 11.73
C ASP D 153 -15.15 20.53 11.41
N ASP D 154 -16.05 20.45 10.43
CA ASP D 154 -16.67 19.19 10.07
C ASP D 154 -16.29 18.70 8.65
N VAL D 155 -15.08 19.02 8.17
CA VAL D 155 -14.71 18.70 6.80
C VAL D 155 -14.21 17.26 6.60
N ALA D 156 -14.98 16.49 5.81
CA ALA D 156 -14.67 15.12 5.44
C ALA D 156 -13.61 15.09 4.39
N LEU D 157 -13.80 15.91 3.35
CA LEU D 157 -13.07 15.70 2.14
C LEU D 157 -12.97 16.98 1.28
N VAL D 158 -11.80 17.20 0.68
CA VAL D 158 -11.69 18.21 -0.36
C VAL D 158 -11.59 17.50 -1.73
N SER D 159 -12.36 18.00 -2.72
CA SER D 159 -12.20 17.57 -4.12
C SER D 159 -12.16 18.75 -5.10
N VAL D 160 -11.10 18.82 -5.87
CA VAL D 160 -10.86 19.98 -6.70
C VAL D 160 -10.18 19.45 -7.97
N MET D 161 -10.82 19.63 -9.12
CA MET D 161 -10.32 19.11 -10.41
C MET D 161 -9.08 19.86 -10.83
N TRP D 162 -8.17 19.16 -11.46
CA TRP D 162 -6.88 19.75 -11.79
C TRP D 162 -6.99 20.69 -12.92
N ALA D 163 -7.86 20.37 -13.86
CA ALA D 163 -8.05 21.21 -15.02
C ALA D 163 -9.48 21.05 -15.50
N ASN D 164 -10.10 22.15 -15.94
CA ASN D 164 -11.47 22.11 -16.39
C ASN D 164 -11.63 21.58 -17.83
N ASN D 165 -12.50 20.60 -17.99
CA ASN D 165 -12.73 20.00 -19.28
C ASN D 165 -13.50 20.90 -20.28
N GLU D 166 -14.24 21.90 -19.78
CA GLU D 166 -14.94 22.85 -20.66
C GLU D 166 -14.04 24.02 -21.05
N VAL D 167 -13.57 24.83 -20.10
CA VAL D 167 -12.87 26.04 -20.48
C VAL D 167 -11.32 26.00 -20.35
N GLY D 168 -10.76 24.92 -19.86
CA GLY D 168 -9.34 24.70 -20.04
C GLY D 168 -8.45 25.18 -18.90
N THR D 169 -9.06 25.86 -17.92
CA THR D 169 -8.35 26.41 -16.79
C THR D 169 -7.64 25.33 -15.93
N ILE D 170 -6.36 25.56 -15.66
CA ILE D 170 -5.65 24.73 -14.73
C ILE D 170 -5.81 25.37 -13.33
N LEU D 171 -6.06 24.58 -12.31
CA LEU D 171 -6.18 25.06 -10.97
C LEU D 171 -4.91 24.80 -10.22
N PRO D 172 -4.70 25.58 -9.14
CA PRO D 172 -3.44 25.52 -8.37
C PRO D 172 -3.48 24.42 -7.28
N ILE D 173 -3.37 23.17 -7.75
CA ILE D 173 -3.56 21.98 -6.93
C ILE D 173 -2.42 21.74 -5.97
N ALA D 174 -1.19 21.86 -6.48
CA ALA D 174 -0.05 21.73 -5.58
C ALA D 174 -0.24 22.61 -4.32
N GLU D 175 -0.54 23.89 -4.48
CA GLU D 175 -0.63 24.70 -3.30
C GLU D 175 -1.95 24.50 -2.52
N MET D 176 -2.97 23.93 -3.16
CA MET D 176 -4.19 23.59 -2.41
C MET D 176 -4.01 22.38 -1.53
N SER D 177 -3.25 21.43 -2.05
CA SER D 177 -2.83 20.21 -1.38
C SER D 177 -2.16 20.50 -0.05
N VAL D 178 -1.21 21.45 -0.08
CA VAL D 178 -0.45 21.90 1.08
C VAL D 178 -1.42 22.39 2.18
N VAL D 179 -2.47 23.09 1.78
CA VAL D 179 -3.44 23.64 2.66
C VAL D 179 -4.26 22.53 3.25
N ALA D 180 -4.61 21.54 2.43
CA ALA D 180 -5.41 20.40 2.94
C ALA D 180 -4.62 19.57 3.96
N MET D 181 -3.36 19.23 3.65
CA MET D 181 -2.49 18.56 4.61
C MET D 181 -2.36 19.31 5.93
N GLU D 182 -2.03 20.60 5.86
CA GLU D 182 -2.06 21.50 7.01
C GLU D 182 -3.31 21.39 7.89
N PHE D 183 -4.45 21.06 7.33
CA PHE D 183 -5.61 20.83 8.21
C PHE D 183 -5.93 19.35 8.43
N GLY D 184 -5.02 18.45 8.05
CA GLY D 184 -5.27 16.99 8.09
C GLY D 184 -6.56 16.55 7.39
N VAL D 185 -6.82 17.10 6.20
CA VAL D 185 -8.11 16.87 5.49
C VAL D 185 -7.70 16.26 4.18
N PRO D 186 -8.19 15.02 3.91
CA PRO D 186 -7.63 14.40 2.74
C PRO D 186 -8.15 15.19 1.50
N MET D 187 -7.31 15.26 0.46
CA MET D 187 -7.70 15.94 -0.77
C MET D 187 -7.76 15.05 -2.02
N HIS D 188 -8.85 15.15 -2.79
CA HIS D 188 -8.95 14.43 -4.06
C HIS D 188 -8.91 15.36 -5.22
N SER D 189 -8.17 15.04 -6.27
CA SER D 189 -8.24 15.79 -7.51
C SER D 189 -8.63 14.96 -8.71
N ASP D 190 -9.57 15.46 -9.47
CA ASP D 190 -9.95 14.86 -10.73
C ASP D 190 -8.96 15.40 -11.75
N ALA D 191 -7.97 14.59 -12.14
CA ALA D 191 -6.98 15.07 -13.11
C ALA D 191 -7.18 14.42 -14.43
N ILE D 192 -8.39 13.92 -14.66
CA ILE D 192 -8.73 13.30 -15.94
C ILE D 192 -8.29 14.11 -17.21
N GLN D 193 -8.33 15.44 -17.15
CA GLN D 193 -7.95 16.25 -18.30
C GLN D 193 -6.48 16.50 -18.28
N ALA D 194 -5.86 16.26 -17.15
CA ALA D 194 -4.47 16.60 -17.00
C ALA D 194 -3.51 15.56 -17.63
N VAL D 195 -3.84 14.27 -17.57
CA VAL D 195 -2.89 13.22 -18.01
C VAL D 195 -2.45 13.43 -19.46
N GLY D 196 -1.14 13.51 -19.69
CA GLY D 196 -0.58 13.75 -21.05
C GLY D 196 -0.61 15.20 -21.56
N GLN D 197 -1.13 16.12 -20.72
CA GLN D 197 -1.29 17.54 -21.03
C GLN D 197 -0.56 18.40 -20.05
N LEU D 198 -0.23 17.86 -18.89
CA LEU D 198 0.53 18.60 -17.88
C LEU D 198 1.44 17.61 -17.23
N PRO D 199 2.51 18.06 -16.60
CA PRO D 199 3.33 17.12 -15.79
C PRO D 199 2.62 16.80 -14.50
N LEU D 200 2.22 15.54 -14.33
CA LEU D 200 1.52 15.15 -13.11
C LEU D 200 2.48 14.35 -12.30
N ASP D 201 2.53 14.63 -11.00
CA ASP D 201 3.39 13.88 -10.12
C ASP D 201 2.70 13.68 -8.81
N PHE D 202 2.17 12.47 -8.65
CA PHE D 202 1.22 12.22 -7.55
C PHE D 202 1.92 12.38 -6.23
N GLY D 203 3.09 11.76 -6.12
CA GLY D 203 3.92 11.88 -4.91
C GLY D 203 4.27 13.33 -4.57
N ALA D 204 4.74 14.06 -5.59
CA ALA D 204 5.16 15.43 -5.41
C ALA D 204 3.98 16.32 -5.11
N SER D 205 2.81 15.93 -5.57
CA SER D 205 1.62 16.72 -5.25
C SER D 205 1.21 16.62 -3.79
N GLY D 206 1.49 15.57 -3.05
CA GLY D 206 0.79 15.46 -1.74
C GLY D 206 -0.73 15.21 -1.74
N LEU D 207 -1.39 15.00 -2.91
CA LEU D 207 -2.81 14.55 -2.93
C LEU D 207 -3.06 13.28 -2.14
N SER D 208 -4.24 13.19 -1.52
CA SER D 208 -4.62 11.94 -0.88
C SER D 208 -5.04 10.98 -2.00
N ALA D 209 -5.52 11.55 -3.12
CA ALA D 209 -6.21 10.83 -4.17
C ALA D 209 -6.32 11.57 -5.52
N MET D 210 -6.25 10.82 -6.61
CA MET D 210 -6.29 11.45 -7.91
C MET D 210 -6.86 10.48 -8.99
N SER D 211 -7.75 10.99 -9.83
CA SER D 211 -8.48 10.21 -10.78
C SER D 211 -7.94 10.38 -12.19
N VAL D 212 -8.06 9.32 -12.98
CA VAL D 212 -7.61 9.35 -14.39
C VAL D 212 -8.44 8.38 -15.24
N ALA D 213 -8.43 8.62 -16.55
CA ALA D 213 -9.29 7.93 -17.47
C ALA D 213 -8.53 7.76 -18.78
N GLY D 214 -8.23 6.52 -19.11
CA GLY D 214 -7.57 6.12 -20.34
C GLY D 214 -7.97 6.81 -21.61
N HIS D 215 -9.24 6.85 -21.91
CA HIS D 215 -9.66 7.33 -23.18
C HIS D 215 -9.41 8.77 -23.39
N PHE D 217 -6.72 10.16 -23.01
CA PHE D 217 -5.36 10.34 -23.46
C PHE D 217 -4.87 9.30 -24.44
N GLY D 218 -5.77 8.61 -25.09
CA GLY D 218 -5.47 7.70 -26.20
C GLY D 218 -5.46 6.27 -25.76
N GLY D 219 -5.88 6.03 -24.51
CA GLY D 219 -6.15 4.67 -24.07
C GLY D 219 -7.55 4.17 -24.41
N PRO D 220 -7.84 2.86 -24.06
CA PRO D 220 -9.14 2.23 -24.20
C PRO D 220 -10.21 2.96 -23.37
N PRO D 221 -11.48 2.94 -23.84
CA PRO D 221 -12.63 3.32 -22.99
C PRO D 221 -12.87 2.23 -21.99
N GLY D 222 -13.66 2.53 -20.96
CA GLY D 222 -13.94 1.57 -19.90
C GLY D 222 -12.80 1.14 -18.98
N VAL D 223 -11.79 2.00 -18.86
CA VAL D 223 -10.68 1.83 -17.93
C VAL D 223 -10.19 3.20 -17.40
N GLY D 224 -9.80 3.19 -16.12
CA GLY D 224 -9.31 4.38 -15.45
C GLY D 224 -8.52 3.98 -14.23
N ALA D 225 -8.00 4.94 -13.46
CA ALA D 225 -7.37 4.60 -12.22
C ALA D 225 -7.68 5.63 -11.19
N LEU D 226 -7.72 5.19 -9.96
CA LEU D 226 -7.68 6.04 -8.86
C LEU D 226 -6.32 5.80 -8.23
N LEU D 227 -5.52 6.86 -8.13
CA LEU D 227 -4.35 6.85 -7.31
C LEU D 227 -4.77 7.25 -5.90
N LEU D 228 -4.33 6.46 -4.93
CA LEU D 228 -4.73 6.62 -3.58
C LEU D 228 -3.58 6.27 -2.69
N ARG D 229 -3.34 7.14 -1.71
CA ARG D 229 -2.30 6.93 -0.73
C ARG D 229 -2.55 5.67 0.10
N ARG D 230 -1.47 4.94 0.41
CA ARG D 230 -1.59 3.72 1.23
C ARG D 230 -2.35 3.94 2.54
N ASP D 231 -2.29 5.15 3.08
CA ASP D 231 -2.84 5.46 4.41
C ASP D 231 -4.19 6.23 4.39
N VAL D 232 -4.85 6.30 3.26
CA VAL D 232 -6.17 6.86 3.26
C VAL D 232 -7.16 5.73 3.10
N THR D 233 -8.04 5.58 4.10
CA THR D 233 -9.08 4.59 4.05
C THR D 233 -10.11 5.04 3.06
N CYS D 234 -10.66 4.04 2.37
CA CYS D 234 -11.66 4.19 1.33
C CYS D 234 -12.66 3.02 1.40
N VAL D 235 -13.95 3.33 1.48
CA VAL D 235 -14.98 2.31 1.57
C VAL D 235 -15.24 1.90 0.14
N PRO D 236 -15.29 0.59 -0.11
CA PRO D 236 -15.49 0.22 -1.49
C PRO D 236 -16.87 0.60 -1.98
N LEU D 237 -16.99 0.73 -3.29
CA LEU D 237 -18.26 0.85 -3.97
C LEU D 237 -18.60 -0.47 -4.60
N MET D 238 -17.57 -1.22 -5.04
CA MET D 238 -17.74 -2.53 -5.65
C MET D 238 -17.21 -3.55 -4.68
N HIS D 239 -18.07 -4.46 -4.21
CA HIS D 239 -17.67 -5.54 -3.30
C HIS D 239 -17.59 -6.85 -3.99
N GLY D 240 -16.84 -7.77 -3.40
CA GLY D 240 -16.92 -9.16 -3.80
C GLY D 240 -15.61 -9.65 -4.34
N GLY D 241 -14.59 -9.70 -3.51
CA GLY D 241 -13.30 -10.11 -4.01
C GLY D 241 -12.23 -9.25 -3.40
N GLY D 242 -12.42 -7.93 -3.37
CA GLY D 242 -11.36 -7.02 -2.90
C GLY D 242 -10.05 -7.12 -3.66
N GLN D 243 -10.09 -7.76 -4.82
CA GLN D 243 -9.02 -7.74 -5.81
C GLN D 243 -8.04 -6.58 -5.84
N GLU D 244 -8.53 -5.35 -5.75
CA GLU D 244 -7.61 -4.24 -5.85
C GLU D 244 -7.51 -3.65 -4.48
N ARG D 245 -6.43 -4.01 -3.78
CA ARG D 245 -6.17 -3.53 -2.42
C ARG D 245 -7.45 -3.48 -1.58
N ASP D 246 -8.45 -4.23 -1.98
CA ASP D 246 -9.65 -4.36 -1.15
C ASP D 246 -10.58 -3.15 -1.23
N ILE D 247 -10.31 -2.29 -2.21
CA ILE D 247 -11.04 -1.04 -2.35
C ILE D 247 -12.01 -1.19 -3.53
N ARG D 248 -11.68 -2.07 -4.45
CA ARG D 248 -12.40 -2.19 -5.71
C ARG D 248 -12.39 -3.61 -6.23
N SER D 249 -13.49 -4.30 -6.03
CA SER D 249 -13.64 -5.66 -6.53
C SER D 249 -13.93 -5.77 -8.02
N GLY D 250 -13.81 -6.99 -8.50
CA GLY D 250 -14.10 -7.32 -9.88
C GLY D 250 -12.92 -8.09 -10.41
N THR D 251 -13.16 -8.96 -11.37
CA THR D 251 -12.09 -9.65 -12.03
C THR D 251 -11.23 -8.57 -12.71
N PRO D 252 -9.90 -8.58 -12.48
CA PRO D 252 -8.98 -7.67 -13.19
C PRO D 252 -9.10 -7.83 -14.71
N ASP D 253 -8.93 -6.72 -15.42
CA ASP D 253 -9.10 -6.61 -16.88
C ASP D 253 -7.73 -6.28 -17.44
N VAL D 254 -7.03 -7.32 -17.85
CA VAL D 254 -5.66 -7.19 -18.18
C VAL D 254 -5.48 -6.45 -19.48
N ALA D 255 -6.33 -6.74 -20.48
CA ALA D 255 -6.20 -6.10 -21.79
C ALA D 255 -6.35 -4.64 -21.62
N SER D 256 -7.37 -4.18 -20.92
CA SER D 256 -7.60 -2.73 -20.75
C SER D 256 -6.51 -1.99 -20.00
N ALA D 257 -6.02 -2.59 -18.92
CA ALA D 257 -4.98 -1.92 -18.11
C ALA D 257 -3.69 -1.82 -18.92
N VAL D 258 -3.42 -2.86 -19.72
CA VAL D 258 -2.23 -2.89 -20.54
C VAL D 258 -2.36 -1.88 -21.67
N GLY D 259 -3.54 -1.82 -22.25
CA GLY D 259 -3.82 -0.78 -23.23
C GLY D 259 -3.67 0.60 -22.60
N MET D 260 -4.24 0.80 -21.42
CA MET D 260 -4.11 2.07 -20.74
C MET D 260 -2.63 2.43 -20.44
N ALA D 261 -1.84 1.42 -20.11
CA ALA D 261 -0.42 1.66 -19.83
C ALA D 261 0.34 2.07 -21.10
N THR D 262 0.06 1.41 -22.20
CA THR D 262 0.74 1.74 -23.44
C THR D 262 0.41 3.21 -23.75
N ALA D 263 -0.87 3.59 -23.66
CA ALA D 263 -1.27 4.97 -23.95
C ALA D 263 -0.59 5.97 -23.00
N ALA D 264 -0.59 5.69 -21.68
CA ALA D 264 0.05 6.58 -20.71
C ALA D 264 1.50 6.87 -21.02
N GLN D 265 2.22 5.86 -21.53
CA GLN D 265 3.61 6.02 -21.88
C GLN D 265 3.81 6.94 -23.12
N ILE D 266 2.99 6.78 -24.16
CA ILE D 266 3.14 7.62 -25.32
C ILE D 266 2.77 9.05 -24.89
N ALA D 267 1.61 9.18 -24.28
CA ALA D 267 1.13 10.49 -23.86
C ALA D 267 2.06 11.29 -22.90
N VAL D 268 2.65 10.63 -21.88
CA VAL D 268 3.49 11.29 -20.88
C VAL D 268 4.93 11.48 -21.37
N ASP D 269 5.50 10.51 -22.06
CA ASP D 269 6.77 10.78 -22.77
C ASP D 269 6.68 11.90 -23.83
N GLY D 270 5.58 12.06 -24.54
CA GLY D 270 5.47 13.08 -25.60
C GLY D 270 4.99 14.44 -25.10
N LEU D 271 4.50 14.48 -23.87
CA LEU D 271 4.04 15.65 -23.16
C LEU D 271 4.63 17.02 -23.53
N GLU D 272 5.96 17.19 -23.47
CA GLU D 272 6.57 18.52 -23.76
C GLU D 272 6.36 18.92 -25.20
N GLU D 273 6.73 18.02 -26.09
CA GLU D 273 6.61 18.25 -27.53
C GLU D 273 5.15 18.52 -27.95
N ASN D 274 4.25 17.67 -27.46
CA ASN D 274 2.84 17.76 -27.77
C ASN D 274 2.12 18.96 -27.23
N SER D 275 2.35 19.25 -25.95
CA SER D 275 1.93 20.50 -25.38
C SER D 275 2.30 21.73 -26.25
N ALA D 276 3.58 21.82 -26.61
CA ALA D 276 4.03 22.96 -27.42
C ALA D 276 3.32 22.99 -28.75
N ARG D 277 3.14 21.84 -29.36
CA ARG D 277 2.65 21.85 -30.73
C ARG D 277 1.20 22.30 -30.74
N LEU D 278 0.42 21.77 -29.80
CA LEU D 278 -0.99 22.13 -29.69
C LEU D 278 -1.22 23.59 -29.26
N ARG D 279 -0.37 24.12 -28.39
CA ARG D 279 -0.48 25.52 -28.01
C ARG D 279 -0.44 26.45 -29.24
N LEU D 280 0.47 26.20 -30.15
CA LEU D 280 0.50 26.93 -31.40
C LEU D 280 -0.78 26.79 -32.22
N LEU D 281 -1.29 25.56 -32.44
CA LEU D 281 -2.50 25.40 -33.20
C LEU D 281 -3.68 26.10 -32.51
N ARG D 282 -3.82 25.90 -31.19
CA ARG D 282 -4.91 26.48 -30.41
C ARG D 282 -4.82 28.01 -30.56
N ASP D 283 -3.61 28.58 -30.37
CA ASP D 283 -3.50 30.03 -30.39
C ASP D 283 -3.94 30.58 -31.76
N ARG D 284 -3.44 29.93 -32.81
CA ARG D 284 -3.81 30.31 -34.12
C ARG D 284 -5.32 30.17 -34.33
N LEU D 285 -5.98 29.27 -33.60
CA LEU D 285 -7.42 29.11 -33.80
C LEU D 285 -8.20 30.23 -33.08
N VAL D 286 -7.79 30.53 -31.87
CA VAL D 286 -8.33 31.62 -31.09
C VAL D 286 -8.13 32.97 -31.77
N GLU D 287 -6.90 33.30 -32.16
CA GLU D 287 -6.66 34.56 -32.91
C GLU D 287 -7.42 34.68 -34.22
N GLY D 288 -7.39 33.63 -35.05
CA GLY D 288 -8.21 33.53 -36.27
C GLY D 288 -9.69 33.80 -35.98
N VAL D 289 -10.25 33.04 -35.04
CA VAL D 289 -11.64 33.30 -34.66
C VAL D 289 -11.90 34.77 -34.24
N LEU D 290 -11.18 35.27 -33.23
CA LEU D 290 -11.45 36.63 -32.75
C LEU D 290 -11.27 37.65 -33.87
N ALA D 291 -10.40 37.35 -34.84
CA ALA D 291 -10.10 38.30 -35.95
C ALA D 291 -11.28 38.49 -36.91
N GLU D 292 -11.95 37.39 -37.24
CA GLU D 292 -12.94 37.42 -38.29
C GLU D 292 -14.41 37.42 -37.82
N ILE D 293 -14.67 37.21 -36.54
CA ILE D 293 -16.08 37.18 -36.07
C ILE D 293 -16.31 38.25 -35.03
N ASP D 294 -17.45 38.93 -35.09
CA ASP D 294 -17.75 39.96 -34.07
C ASP D 294 -18.43 39.38 -32.85
N ASP D 295 -18.28 40.03 -31.70
CA ASP D 295 -19.01 39.65 -30.48
C ASP D 295 -18.74 38.22 -30.04
N VAL D 296 -17.48 37.85 -29.93
CA VAL D 296 -17.08 36.55 -29.44
C VAL D 296 -16.18 36.86 -28.30
N CYS D 297 -16.15 35.99 -27.31
CA CYS D 297 -15.14 36.11 -26.30
C CYS D 297 -14.60 34.72 -25.99
N LEU D 298 -13.37 34.69 -25.46
CA LEU D 298 -12.71 33.43 -25.13
C LEU D 298 -12.97 33.27 -23.65
N ASN D 299 -13.47 32.10 -23.23
CA ASN D 299 -13.67 31.87 -21.82
C ASN D 299 -12.57 31.02 -21.24
N GLY D 300 -12.36 31.10 -19.92
CA GLY D 300 -11.28 30.39 -19.23
C GLY D 300 -9.98 31.20 -19.10
N ALA D 301 -9.07 30.75 -18.27
CA ALA D 301 -7.75 31.41 -18.08
C ALA D 301 -6.88 31.55 -19.33
N ASP D 302 -5.89 32.45 -19.29
CA ASP D 302 -4.91 32.51 -20.38
C ASP D 302 -3.71 31.65 -20.01
N ASP D 303 -2.92 31.23 -21.01
CA ASP D 303 -1.54 30.80 -20.75
C ASP D 303 -0.89 31.64 -19.62
N PRO D 304 -0.18 30.98 -18.67
CA PRO D 304 0.16 29.58 -18.66
C PRO D 304 -0.84 28.74 -17.84
N MET D 305 -2.00 29.29 -17.48
CA MET D 305 -2.96 28.50 -16.70
C MET D 305 -4.12 27.87 -17.51
N ARG D 306 -3.83 27.39 -18.71
CA ARG D 306 -4.84 26.83 -19.60
C ARG D 306 -4.27 25.60 -20.36
N LEU D 307 -5.03 24.50 -20.45
CA LEU D 307 -4.60 23.37 -21.27
C LEU D 307 -4.28 23.76 -22.71
N ALA D 308 -3.19 23.18 -23.20
CA ALA D 308 -2.71 23.44 -24.53
C ALA D 308 -3.77 23.24 -25.67
N GLY D 309 -4.63 22.21 -25.57
CA GLY D 309 -5.58 21.89 -26.63
C GLY D 309 -6.97 22.50 -26.57
N ASN D 310 -7.25 23.31 -25.56
CA ASN D 310 -8.61 23.83 -25.30
C ASN D 310 -8.85 25.29 -25.73
N ALA D 311 -9.86 25.48 -26.59
CA ALA D 311 -10.38 26.81 -26.94
C ALA D 311 -11.88 26.85 -26.65
N HIS D 312 -12.34 27.86 -25.92
CA HIS D 312 -13.74 27.90 -25.56
C HIS D 312 -14.32 29.25 -25.82
N PHE D 313 -15.33 29.30 -26.69
CA PHE D 313 -15.95 30.58 -27.12
C PHE D 313 -17.39 30.72 -26.73
N THR D 314 -17.81 31.97 -26.64
CA THR D 314 -19.21 32.37 -26.60
C THR D 314 -19.37 33.32 -27.77
N PHE D 315 -20.40 33.06 -28.58
CA PHE D 315 -20.83 33.95 -29.71
C PHE D 315 -22.19 34.56 -29.34
N ARG D 316 -22.20 35.82 -28.94
CA ARG D 316 -23.41 36.46 -28.53
C ARG D 316 -24.39 36.32 -29.68
N GLY D 317 -25.63 35.98 -29.38
CA GLY D 317 -26.70 35.94 -30.39
C GLY D 317 -26.93 34.57 -31.01
N CYS D 318 -26.39 33.54 -30.40
CA CYS D 318 -26.52 32.18 -30.91
C CYS D 318 -27.08 31.25 -29.87
N GLU D 319 -27.84 30.25 -30.34
CA GLU D 319 -27.94 28.91 -29.72
C GLU D 319 -26.70 28.10 -30.08
N GLY D 320 -26.04 27.57 -29.06
CA GLY D 320 -24.95 26.61 -29.25
C GLY D 320 -25.39 25.48 -30.19
N ASP D 321 -26.65 25.06 -30.08
CA ASP D 321 -27.12 23.85 -30.79
C ASP D 321 -27.23 23.97 -32.29
N ALA D 322 -27.81 25.09 -32.74
CA ALA D 322 -27.86 25.44 -34.16
C ALA D 322 -26.44 25.54 -34.75
N LEU D 323 -25.57 26.22 -34.01
CA LEU D 323 -24.22 26.40 -34.49
C LEU D 323 -23.47 25.06 -34.60
N LEU D 324 -23.72 24.17 -33.65
CA LEU D 324 -23.17 22.82 -33.64
C LEU D 324 -23.53 21.97 -34.88
N MET D 325 -24.84 21.86 -35.15
CA MET D 325 -25.30 21.14 -36.35
C MET D 325 -24.81 21.80 -37.63
N LEU D 326 -24.78 23.13 -37.67
CA LEU D 326 -24.25 23.78 -38.87
C LEU D 326 -22.77 23.40 -39.06
N LEU D 327 -22.03 23.41 -37.96
CA LEU D 327 -20.63 23.06 -38.06
C LEU D 327 -20.47 21.60 -38.48
N ASP D 328 -21.35 20.75 -37.95
CA ASP D 328 -21.29 19.32 -38.23
C ASP D 328 -21.58 19.15 -39.72
N ALA D 329 -22.65 19.81 -40.19
CA ALA D 329 -23.02 19.77 -41.59
C ALA D 329 -21.78 20.14 -42.43
N ASN D 330 -20.89 20.93 -41.89
CA ASN D 330 -19.73 21.21 -42.70
C ASN D 330 -18.51 20.36 -42.47
N GLY D 331 -18.64 19.27 -41.72
CA GLY D 331 -17.46 18.49 -41.43
C GLY D 331 -16.60 19.03 -40.30
N ILE D 332 -17.11 19.99 -39.52
CA ILE D 332 -16.42 20.42 -38.29
C ILE D 332 -17.15 19.93 -37.03
N GLU D 333 -16.52 19.03 -36.29
CA GLU D 333 -17.19 18.37 -35.16
C GLU D 333 -16.57 18.87 -33.88
N CYS D 334 -17.40 19.44 -33.02
CA CYS D 334 -16.94 19.98 -31.78
C CYS D 334 -18.05 19.83 -30.77
N SER D 335 -18.05 20.60 -29.70
CA SER D 335 -19.09 20.43 -28.69
C SER D 335 -19.56 21.76 -28.06
N THR D 336 -20.75 21.75 -27.42
CA THR D 336 -21.19 22.91 -26.61
C THR D 336 -20.72 22.83 -25.19
N GLY D 337 -20.37 21.61 -24.76
CA GLY D 337 -19.61 21.38 -23.53
C GLY D 337 -20.37 20.73 -22.37
N SER D 338 -21.63 21.14 -22.22
CA SER D 338 -22.47 20.88 -21.03
C SER D 338 -23.65 19.91 -21.27
N PRO D 347 -27.61 24.83 -20.46
CA PRO D 347 -26.74 25.99 -20.07
C PRO D 347 -25.59 25.51 -19.13
N SER D 348 -24.32 25.69 -19.52
CA SER D 348 -23.19 25.17 -18.72
C SER D 348 -23.08 25.64 -17.25
N HIS D 349 -23.13 24.69 -16.33
CA HIS D 349 -22.94 25.01 -14.90
C HIS D 349 -21.65 25.77 -14.66
N VAL D 350 -20.66 25.59 -15.55
CA VAL D 350 -19.33 26.19 -15.43
C VAL D 350 -19.31 27.68 -15.79
N LEU D 351 -19.96 28.03 -16.90
CA LEU D 351 -20.10 29.45 -17.25
C LEU D 351 -21.00 30.16 -16.23
N ILE D 352 -22.02 29.47 -15.74
CA ILE D 352 -22.79 30.06 -14.68
C ILE D 352 -21.87 30.39 -13.52
N ALA D 353 -20.99 29.46 -13.20
CA ALA D 353 -20.17 29.62 -12.03
C ALA D 353 -19.22 30.76 -12.32
N MET D 354 -18.89 30.98 -13.58
CA MET D 354 -17.94 32.02 -13.90
C MET D 354 -18.61 33.37 -13.99
N GLY D 355 -19.91 33.37 -13.72
CA GLY D 355 -20.68 34.61 -13.66
C GLY D 355 -21.13 35.10 -15.01
N VAL D 356 -21.08 34.23 -16.01
CA VAL D 356 -21.66 34.51 -17.33
C VAL D 356 -23.16 34.27 -17.13
N ASP D 357 -24.00 35.14 -17.67
CA ASP D 357 -25.46 34.99 -17.50
C ASP D 357 -26.04 34.03 -18.52
N ALA D 358 -27.01 33.23 -18.04
CA ALA D 358 -27.59 32.09 -18.77
C ALA D 358 -27.94 32.32 -20.26
N ALA D 359 -28.44 33.51 -20.58
CA ALA D 359 -28.83 33.85 -21.96
C ALA D 359 -27.60 33.98 -22.88
N SER D 360 -26.61 34.70 -22.37
CA SER D 360 -25.33 34.89 -23.00
C SER D 360 -24.48 33.59 -23.09
N ALA D 361 -24.60 32.71 -22.10
CA ALA D 361 -23.90 31.44 -22.08
C ALA D 361 -24.47 30.46 -23.09
N ARG D 362 -25.61 30.79 -23.70
CA ARG D 362 -26.29 29.87 -24.61
C ARG D 362 -25.52 29.68 -25.92
N GLY D 363 -24.64 30.63 -26.23
CA GLY D 363 -23.96 30.67 -27.51
C GLY D 363 -22.59 30.03 -27.45
N SER D 364 -22.45 28.94 -26.69
CA SER D 364 -21.15 28.42 -26.32
C SER D 364 -20.66 27.26 -27.12
N LEU D 365 -19.35 27.27 -27.35
CA LEU D 365 -18.69 26.29 -28.18
C LEU D 365 -17.27 25.96 -27.71
N ARG D 366 -16.97 24.66 -27.65
CA ARG D 366 -15.66 24.22 -27.23
C ARG D 366 -15.03 23.50 -28.39
N LEU D 367 -13.84 23.93 -28.74
CA LEU D 367 -13.11 23.29 -29.80
C LEU D 367 -11.79 22.82 -29.16
N SER D 368 -11.48 21.53 -29.27
CA SER D 368 -10.42 20.96 -28.42
C SER D 368 -9.59 20.03 -29.23
N LEU D 369 -8.28 20.22 -29.13
CA LEU D 369 -7.33 19.58 -30.00
C LEU D 369 -6.62 18.48 -29.25
N GLY D 370 -6.28 17.43 -29.99
CA GLY D 370 -5.47 16.34 -29.46
C GLY D 370 -4.32 15.90 -30.33
N HIS D 371 -3.76 14.74 -30.02
CA HIS D 371 -2.53 14.22 -30.66
C HIS D 371 -2.69 13.97 -32.13
N THR D 372 -3.90 13.82 -32.65
CA THR D 372 -4.07 13.60 -34.09
C THR D 372 -4.39 14.92 -34.82
N SER D 373 -4.50 16.02 -34.08
CA SER D 373 -4.74 17.35 -34.65
C SER D 373 -3.61 17.81 -35.55
N VAL D 374 -3.99 18.42 -36.66
CA VAL D 374 -3.07 18.89 -37.70
C VAL D 374 -3.47 20.30 -38.14
N GLU D 375 -2.58 20.93 -38.87
CA GLU D 375 -2.72 22.31 -39.29
C GLU D 375 -4.06 22.51 -40.03
N ALA D 376 -4.39 21.55 -40.88
CA ALA D 376 -5.63 21.59 -41.68
C ALA D 376 -6.93 21.61 -40.85
N ASP D 377 -6.86 21.10 -39.62
CA ASP D 377 -8.06 21.06 -38.79
C ASP D 377 -8.42 22.45 -38.38
N VAL D 378 -7.43 23.28 -38.08
CA VAL D 378 -7.68 24.68 -37.74
C VAL D 378 -8.09 25.49 -38.94
N ASP D 379 -7.38 25.30 -40.05
CA ASP D 379 -7.75 25.95 -41.32
C ASP D 379 -9.22 25.71 -41.66
N ALA D 380 -9.66 24.46 -41.54
CA ALA D 380 -11.04 24.13 -41.90
C ALA D 380 -12.00 24.83 -40.94
N ALA D 381 -11.66 24.88 -39.67
CA ALA D 381 -12.48 25.57 -38.68
C ALA D 381 -12.57 27.08 -39.00
N LEU D 382 -11.41 27.71 -39.19
CA LEU D 382 -11.34 29.10 -39.53
C LEU D 382 -12.10 29.44 -40.82
N GLU D 383 -12.09 28.54 -41.82
CA GLU D 383 -12.85 28.82 -43.05
C GLU D 383 -14.32 28.86 -42.79
N VAL D 384 -14.80 27.90 -42.00
CA VAL D 384 -16.22 27.59 -41.91
C VAL D 384 -16.97 28.45 -40.87
N LEU D 385 -16.33 28.77 -39.75
CA LEU D 385 -17.04 29.44 -38.63
C LEU D 385 -17.75 30.75 -38.96
N PRO D 386 -17.07 31.71 -39.67
CA PRO D 386 -17.72 33.03 -39.89
C PRO D 386 -19.06 32.86 -40.54
N GLY D 387 -19.13 32.00 -41.55
CA GLY D 387 -20.40 31.76 -42.22
C GLY D 387 -21.43 31.08 -41.33
N ALA D 388 -20.96 30.01 -40.69
CA ALA D 388 -21.78 29.23 -39.79
C ALA D 388 -22.33 30.10 -38.63
N VAL D 389 -21.45 30.85 -37.96
CA VAL D 389 -21.91 31.81 -36.96
C VAL D 389 -22.98 32.77 -37.52
N ALA D 390 -22.77 33.33 -38.73
CA ALA D 390 -23.76 34.27 -39.29
C ALA D 390 -25.17 33.66 -39.49
N ARG D 391 -25.23 32.47 -40.07
CA ARG D 391 -26.51 31.78 -40.26
C ARG D 391 -27.11 31.47 -38.89
N ALA D 392 -26.28 31.05 -37.94
CA ALA D 392 -26.82 30.76 -36.63
C ALA D 392 -27.44 32.03 -36.05
N ARG D 393 -26.74 33.14 -36.22
CA ARG D 393 -27.21 34.44 -35.73
C ARG D 393 -28.50 34.88 -36.40
N ARG D 394 -28.61 34.64 -37.69
CA ARG D 394 -29.90 34.77 -38.35
C ARG D 394 -30.98 33.82 -37.81
N ALA D 395 -30.67 32.55 -37.60
CA ALA D 395 -31.71 31.59 -37.14
C ALA D 395 -32.34 32.03 -35.84
N ALA D 396 -31.52 32.37 -34.85
CA ALA D 396 -32.03 32.87 -33.54
C ALA D 396 -32.80 34.19 -33.67
N LEU D 397 -32.44 34.99 -34.68
CA LEU D 397 -33.08 36.27 -34.96
C LEU D 397 -34.45 36.03 -35.58
N ALA D 398 -34.52 35.09 -36.51
CA ALA D 398 -35.78 34.67 -37.11
C ALA D 398 -36.79 34.19 -36.05
N ALA D 399 -36.33 33.36 -35.11
CA ALA D 399 -37.22 32.72 -34.13
C ALA D 399 -37.44 33.48 -32.77
N ALA D 400 -36.90 34.70 -32.64
CA ALA D 400 -37.16 35.59 -31.49
C ALA D 400 -37.94 36.84 -31.93
#